data_1XN3
#
_entry.id   1XN3
#
_cell.length_a   86.164
_cell.length_b   130.874
_cell.length_c   88.574
_cell.angle_alpha   90.00
_cell.angle_beta   97.27
_cell.angle_gamma   90.00
#
_symmetry.space_group_name_H-M   'P 1 21 1'
#
loop_
_entity.id
_entity.type
_entity.pdbx_description
1 polymer 'Beta-secretase 1'
2 polymer 'Peptidic inhibitor'
3 water water
#
loop_
_entity_poly.entity_id
_entity_poly.type
_entity_poly.pdbx_seq_one_letter_code
_entity_poly.pdbx_strand_id
1 'polypeptide(L)'
;GSFVEMVDNLRGKSGQGYYVEMTVGSPPQTLNILVDTGSSNFAVGAAPHPFLHRYYQRQLSSTYRDLRKGVYVPYTQGKW
EGELGTDLVSIPHGPNVTVRANIAAITESDKFFINGSNWEGILGLAYAEIARPDDSLEPFFDSLVKQTHVPNLFSLQLCG
AGFPLNQSEVLASVGGSMIIGGIDHSLYTGSLWYTPIRREWYYEVIIVRVEINGQDLKMDCKEYNYDKSIVDSGTTNLRL
PKKVFEAAVKSIKAASSTEKFPDGFWLGEQLVCWQAGTTPWNIFPVISLYLMGEVTNQSFRITILPQQYLRPVEDVATSQ
DDCYKFAISQSSTGTVMGAVIMEGFYVVFDRARKRIGFAVSACHVHDEFRTAAVEGPFVTLDMEDCGYN
;
A,B,C,D
2 'polypeptide(L)' KTEEISEVN(STA)VAEF I
#
# COMPACT_ATOMS: atom_id res chain seq x y z
N GLY A 1 15.68 15.25 -15.02
CA GLY A 1 16.65 15.77 -16.01
C GLY A 1 17.99 15.07 -15.93
N SER A 2 18.16 14.26 -14.89
CA SER A 2 19.39 13.51 -14.68
C SER A 2 19.17 12.25 -13.81
N PHE A 3 18.92 11.13 -14.48
CA PHE A 3 18.68 9.85 -13.81
C PHE A 3 19.89 8.97 -14.11
N VAL A 4 21.06 9.42 -13.70
CA VAL A 4 22.30 8.72 -13.95
C VAL A 4 22.36 7.24 -13.58
N GLU A 5 21.49 6.82 -12.67
CA GLU A 5 21.48 5.42 -12.26
C GLU A 5 21.03 4.55 -13.44
N MET A 6 20.17 5.10 -14.29
CA MET A 6 19.68 4.37 -15.44
C MET A 6 20.47 4.62 -16.71
N VAL A 7 21.29 5.66 -16.72
CA VAL A 7 22.09 5.96 -17.90
C VAL A 7 23.01 4.77 -18.19
N ASP A 8 23.14 4.40 -19.46
CA ASP A 8 23.99 3.27 -19.84
C ASP A 8 23.53 1.92 -19.29
N ASN A 9 22.21 1.75 -19.13
CA ASN A 9 21.72 0.46 -18.63
C ASN A 9 21.39 -0.53 -19.75
N LEU A 10 21.70 -0.20 -21.01
CA LEU A 10 21.41 -1.15 -22.09
C LEU A 10 22.65 -1.72 -22.75
N ARG A 11 22.46 -2.87 -23.38
CA ARG A 11 23.51 -3.54 -24.14
C ARG A 11 22.82 -4.09 -25.38
N GLY A 12 23.62 -4.48 -26.39
CA GLY A 12 23.07 -5.00 -27.62
C GLY A 12 23.49 -4.20 -28.86
N LYS A 13 22.85 -4.46 -29.99
CA LYS A 13 23.12 -3.79 -31.26
C LYS A 13 21.90 -3.94 -32.17
N SER A 14 21.77 -3.08 -33.20
CA SER A 14 20.59 -3.08 -34.09
C SER A 14 20.10 -4.40 -34.68
N GLY A 15 21.05 -5.20 -35.13
CA GLY A 15 20.67 -6.48 -35.71
C GLY A 15 20.14 -7.49 -34.73
N GLN A 16 20.58 -7.43 -33.46
CA GLN A 16 20.14 -8.41 -32.44
C GLN A 16 19.20 -7.84 -31.37
N GLY A 17 19.12 -6.53 -31.28
CA GLY A 17 18.25 -5.91 -30.31
C GLY A 17 19.03 -5.33 -29.14
N TYR A 18 18.39 -4.43 -28.40
CA TYR A 18 18.99 -3.81 -27.23
C TYR A 18 18.20 -4.33 -26.05
N TYR A 19 18.90 -4.71 -24.99
CA TYR A 19 18.24 -5.27 -23.83
C TYR A 19 18.70 -4.66 -22.49
N VAL A 20 17.85 -4.80 -21.49
CA VAL A 20 18.07 -4.27 -20.15
C VAL A 20 17.99 -5.45 -19.15
N GLU A 21 18.67 -5.31 -18.02
CA GLU A 21 18.66 -6.36 -17.04
C GLU A 21 17.40 -6.25 -16.17
N MET A 22 16.77 -7.37 -15.88
CA MET A 22 15.55 -7.41 -15.05
C MET A 22 15.63 -8.64 -14.11
N THR A 23 14.87 -8.64 -13.01
CA THR A 23 14.86 -9.82 -12.15
C THR A 23 13.40 -10.20 -12.01
N VAL A 24 13.13 -11.50 -12.04
CA VAL A 24 11.78 -12.01 -11.89
C VAL A 24 11.76 -13.05 -10.80
N GLY A 25 10.69 -13.08 -10.00
CA GLY A 25 10.58 -14.09 -8.97
C GLY A 25 11.31 -13.89 -7.66
N SER A 26 11.07 -14.83 -6.74
CA SER A 26 11.67 -14.79 -5.41
C SER A 26 12.28 -16.15 -5.05
N PRO A 27 13.59 -16.20 -4.81
CA PRO A 27 14.48 -15.02 -4.86
C PRO A 27 14.65 -14.57 -6.32
N PRO A 28 15.17 -13.36 -6.53
CA PRO A 28 15.37 -12.80 -7.88
C PRO A 28 16.14 -13.66 -8.88
N GLN A 29 15.55 -13.85 -10.06
CA GLN A 29 16.22 -14.58 -11.13
C GLN A 29 16.51 -13.49 -12.18
N THR A 30 17.80 -13.22 -12.38
CA THR A 30 18.25 -12.20 -13.33
C THR A 30 18.15 -12.70 -14.77
N LEU A 31 17.57 -11.88 -15.65
CA LEU A 31 17.43 -12.19 -17.08
C LEU A 31 17.66 -10.90 -17.88
N ASN A 32 18.15 -11.04 -19.12
CA ASN A 32 18.38 -9.90 -20.03
C ASN A 32 17.11 -9.81 -20.88
N ILE A 33 16.50 -8.63 -20.94
CA ILE A 33 15.26 -8.48 -21.66
C ILE A 33 15.31 -7.45 -22.77
N LEU A 34 14.96 -7.91 -23.97
CA LEU A 34 14.91 -7.05 -25.16
C LEU A 34 13.86 -5.95 -24.98
N VAL A 35 14.24 -4.71 -25.24
CA VAL A 35 13.37 -3.56 -25.12
C VAL A 35 12.68 -3.44 -26.46
N ASP A 36 11.36 -3.69 -26.47
CA ASP A 36 10.59 -3.70 -27.71
C ASP A 36 9.35 -2.80 -27.69
N THR A 37 9.44 -1.65 -28.37
CA THR A 37 8.32 -0.73 -28.41
C THR A 37 7.28 -1.13 -29.48
N GLY A 38 7.58 -2.20 -30.22
CA GLY A 38 6.67 -2.68 -31.25
C GLY A 38 5.75 -3.81 -30.80
N SER A 39 5.74 -4.13 -29.50
CA SER A 39 4.87 -5.20 -28.99
C SER A 39 4.45 -4.89 -27.55
N SER A 40 3.55 -5.70 -27.00
CA SER A 40 3.02 -5.40 -25.67
C SER A 40 2.98 -6.49 -24.61
N ASN A 41 3.64 -7.61 -24.87
CA ASN A 41 3.69 -8.70 -23.91
C ASN A 41 5.06 -8.78 -23.25
N PHE A 42 5.08 -9.06 -21.95
CA PHE A 42 6.35 -9.25 -21.24
C PHE A 42 6.47 -10.78 -21.27
N ALA A 43 7.47 -11.28 -21.97
CA ALA A 43 7.62 -12.74 -22.08
C ALA A 43 9.08 -13.17 -21.91
N VAL A 44 9.29 -14.31 -21.26
CA VAL A 44 10.64 -14.80 -21.03
C VAL A 44 10.77 -16.28 -21.29
N GLY A 45 11.96 -16.68 -21.77
CA GLY A 45 12.23 -18.09 -21.99
C GLY A 45 12.03 -18.76 -20.64
N ALA A 46 11.36 -19.91 -20.63
CA ALA A 46 11.10 -20.56 -19.37
C ALA A 46 11.39 -22.05 -19.44
N ALA A 47 12.22 -22.42 -20.40
CA ALA A 47 12.62 -23.81 -20.58
C ALA A 47 13.94 -23.81 -21.33
N PRO A 48 14.73 -24.89 -21.19
CA PRO A 48 16.02 -24.91 -21.90
C PRO A 48 15.89 -24.68 -23.40
N HIS A 49 16.90 -23.99 -23.92
CA HIS A 49 16.97 -23.68 -25.34
C HIS A 49 18.45 -23.45 -25.64
N PRO A 50 18.91 -23.94 -26.80
CA PRO A 50 20.31 -23.80 -27.21
C PRO A 50 20.86 -22.37 -27.18
N PHE A 51 20.01 -21.39 -27.46
CA PHE A 51 20.44 -19.99 -27.48
C PHE A 51 20.18 -19.23 -26.16
N LEU A 52 19.74 -19.96 -25.13
CA LEU A 52 19.47 -19.36 -23.81
C LEU A 52 20.48 -19.88 -22.78
N HIS A 53 21.28 -18.97 -22.23
CA HIS A 53 22.24 -19.38 -21.20
C HIS A 53 21.49 -19.52 -19.87
N ARG A 54 20.35 -18.85 -19.75
CA ARG A 54 19.52 -18.96 -18.55
C ARG A 54 18.07 -18.72 -18.90
N TYR A 55 17.17 -19.10 -18.00
CA TYR A 55 15.76 -18.94 -18.24
C TYR A 55 15.00 -18.93 -16.92
N TYR A 56 13.73 -18.53 -17.00
CA TYR A 56 12.84 -18.42 -15.86
C TYR A 56 12.37 -19.79 -15.34
N GLN A 57 12.71 -20.06 -14.09
CA GLN A 57 12.33 -21.31 -13.46
C GLN A 57 11.20 -21.01 -12.46
N ARG A 58 9.97 -21.09 -12.93
CA ARG A 58 8.80 -20.80 -12.09
C ARG A 58 8.75 -21.61 -10.81
N GLN A 59 9.01 -22.92 -10.92
CA GLN A 59 8.99 -23.79 -9.74
C GLN A 59 9.97 -23.33 -8.66
N LEU A 60 10.91 -22.44 -9.00
CA LEU A 60 11.87 -21.97 -8.00
C LEU A 60 11.51 -20.57 -7.45
N SER A 61 10.37 -20.04 -7.87
CA SER A 61 9.96 -18.73 -7.38
C SER A 61 8.78 -18.92 -6.43
N SER A 62 8.94 -18.46 -5.19
CA SER A 62 7.87 -18.62 -4.21
C SER A 62 6.69 -17.68 -4.44
N THR A 63 6.89 -16.66 -5.28
CA THR A 63 5.83 -15.67 -5.54
C THR A 63 5.15 -15.79 -6.90
N TYR A 64 5.50 -16.84 -7.62
CA TYR A 64 4.91 -17.14 -8.91
C TYR A 64 3.41 -17.48 -8.78
N ARG A 65 2.59 -16.89 -9.65
CA ARG A 65 1.16 -17.20 -9.66
C ARG A 65 0.81 -17.68 -11.07
N ASP A 66 0.12 -18.81 -11.14
CA ASP A 66 -0.30 -19.41 -12.40
C ASP A 66 -1.67 -18.88 -12.83
N LEU A 67 -1.76 -18.28 -14.02
CA LEU A 67 -3.03 -17.77 -14.50
C LEU A 67 -3.84 -18.83 -15.26
N ARG A 68 -3.29 -20.05 -15.35
CA ARG A 68 -3.92 -21.17 -16.04
C ARG A 68 -4.42 -20.76 -17.41
N LYS A 69 -3.54 -20.20 -18.22
CA LYS A 69 -3.94 -19.77 -19.55
C LYS A 69 -2.74 -19.68 -20.47
N GLY A 70 -2.88 -20.26 -21.66
CA GLY A 70 -1.80 -20.23 -22.63
C GLY A 70 -1.88 -19.01 -23.52
N VAL A 71 -0.78 -18.72 -24.21
CA VAL A 71 -0.75 -17.58 -25.10
C VAL A 71 0.13 -17.92 -26.30
N TYR A 72 -0.26 -17.43 -27.46
CA TYR A 72 0.43 -17.70 -28.70
C TYR A 72 0.75 -16.42 -29.48
N VAL A 73 1.98 -16.29 -29.96
CA VAL A 73 2.37 -15.11 -30.72
C VAL A 73 3.15 -15.49 -31.98
N PRO A 74 2.49 -15.34 -33.15
CA PRO A 74 3.03 -15.65 -34.47
C PRO A 74 3.91 -14.54 -35.05
N TYR A 75 4.92 -14.96 -35.81
CA TYR A 75 5.86 -14.04 -36.46
C TYR A 75 6.03 -14.41 -37.92
N THR A 76 6.32 -13.42 -38.76
CA THR A 76 6.53 -13.66 -40.19
C THR A 76 7.23 -14.99 -40.35
N GLN A 77 8.45 -15.06 -39.84
CA GLN A 77 9.22 -16.31 -39.90
C GLN A 77 9.72 -16.63 -38.50
N GLY A 78 8.78 -16.96 -37.60
CA GLY A 78 9.12 -17.28 -36.23
C GLY A 78 7.89 -17.31 -35.34
N LYS A 79 8.10 -17.19 -34.01
CA LYS A 79 7.01 -17.19 -33.03
C LYS A 79 7.37 -17.87 -31.70
N TRP A 80 6.48 -17.73 -30.73
CA TRP A 80 6.65 -18.38 -29.44
C TRP A 80 5.28 -18.66 -28.82
N GLU A 81 5.23 -19.68 -27.96
CA GLU A 81 4.01 -20.06 -27.26
C GLU A 81 4.39 -20.12 -25.79
N GLY A 82 3.48 -19.72 -24.92
CA GLY A 82 3.79 -19.77 -23.51
C GLY A 82 2.59 -19.92 -22.61
N GLU A 83 2.88 -19.92 -21.32
CA GLU A 83 1.88 -20.06 -20.27
C GLU A 83 1.89 -18.80 -19.44
N LEU A 84 0.72 -18.22 -19.28
CA LEU A 84 0.58 -16.98 -18.53
C LEU A 84 0.59 -17.14 -17.02
N GLY A 85 1.18 -16.15 -16.35
CA GLY A 85 1.23 -16.11 -14.91
C GLY A 85 1.65 -14.73 -14.47
N THR A 86 1.88 -14.54 -13.17
CA THR A 86 2.37 -13.26 -12.69
C THR A 86 3.47 -13.54 -11.67
N ASP A 87 4.33 -12.55 -11.47
CA ASP A 87 5.40 -12.66 -10.51
C ASP A 87 5.94 -11.28 -10.21
N LEU A 88 6.82 -11.22 -9.22
CA LEU A 88 7.42 -9.97 -8.83
C LEU A 88 8.55 -9.68 -9.80
N VAL A 89 8.62 -8.43 -10.25
CA VAL A 89 9.64 -8.00 -11.20
C VAL A 89 10.31 -6.69 -10.78
N SER A 90 11.63 -6.61 -11.02
CA SER A 90 12.44 -5.42 -10.71
C SER A 90 13.43 -5.18 -11.85
N ILE A 91 13.91 -3.95 -11.93
CA ILE A 91 14.88 -3.54 -12.92
C ILE A 91 16.04 -2.95 -12.11
N PRO A 92 17.12 -3.74 -11.92
CA PRO A 92 18.31 -3.34 -11.15
C PRO A 92 18.82 -1.92 -11.45
N HIS A 93 18.94 -1.58 -12.73
CA HIS A 93 19.40 -0.25 -13.11
C HIS A 93 18.23 0.52 -13.69
N GLY A 94 17.14 0.52 -12.94
CA GLY A 94 15.93 1.22 -13.31
C GLY A 94 15.38 1.81 -12.03
N PRO A 95 14.11 2.22 -11.97
CA PRO A 95 13.63 2.77 -10.69
C PRO A 95 13.73 1.75 -9.57
N ASN A 96 13.90 2.20 -8.32
CA ASN A 96 14.00 1.26 -7.21
C ASN A 96 12.60 0.88 -6.72
N VAL A 97 11.97 -0.02 -7.47
CA VAL A 97 10.64 -0.48 -7.14
C VAL A 97 10.50 -1.92 -7.60
N THR A 98 9.48 -2.59 -7.08
CA THR A 98 9.19 -3.97 -7.46
C THR A 98 7.69 -4.00 -7.72
N VAL A 99 7.31 -4.58 -8.86
CA VAL A 99 5.90 -4.67 -9.23
C VAL A 99 5.52 -6.11 -9.57
N ARG A 100 4.23 -6.42 -9.44
CA ARG A 100 3.77 -7.75 -9.79
C ARG A 100 3.23 -7.54 -11.19
N ALA A 101 3.78 -8.28 -12.14
CA ALA A 101 3.37 -8.11 -13.52
C ALA A 101 3.03 -9.41 -14.22
N ASN A 102 2.30 -9.29 -15.30
CA ASN A 102 1.97 -10.44 -16.09
C ASN A 102 3.28 -10.87 -16.75
N ILE A 103 3.48 -12.18 -16.81
CA ILE A 103 4.65 -12.76 -17.44
C ILE A 103 4.19 -13.97 -18.25
N ALA A 104 4.60 -13.98 -19.51
CA ALA A 104 4.30 -15.09 -20.40
C ALA A 104 5.57 -15.94 -20.35
N ALA A 105 5.46 -17.13 -19.76
CA ALA A 105 6.57 -18.04 -19.64
C ALA A 105 6.63 -18.82 -20.95
N ILE A 106 7.64 -18.54 -21.76
CA ILE A 106 7.79 -19.16 -23.08
C ILE A 106 8.21 -20.62 -22.98
N THR A 107 7.33 -21.49 -23.44
CA THR A 107 7.58 -22.93 -23.41
C THR A 107 8.02 -23.52 -24.74
N GLU A 108 7.61 -22.90 -25.85
CA GLU A 108 7.96 -23.36 -27.21
C GLU A 108 8.24 -22.14 -28.06
N SER A 109 9.20 -22.23 -28.97
CA SER A 109 9.50 -21.10 -29.84
C SER A 109 10.22 -21.56 -31.10
N ASP A 110 10.15 -20.74 -32.14
CA ASP A 110 10.83 -21.01 -33.40
C ASP A 110 11.33 -19.71 -34.02
N LYS A 111 12.65 -19.61 -34.19
CA LYS A 111 13.23 -18.40 -34.78
C LYS A 111 12.91 -17.13 -33.99
N PHE A 112 12.80 -17.27 -32.68
CA PHE A 112 12.51 -16.13 -31.82
C PHE A 112 13.84 -15.79 -31.14
N PHE A 113 14.40 -16.72 -30.38
CA PHE A 113 15.67 -16.47 -29.71
C PHE A 113 16.82 -16.48 -30.72
N ILE A 114 17.74 -15.56 -30.54
CA ILE A 114 18.86 -15.39 -31.44
C ILE A 114 20.19 -15.87 -30.86
N ASN A 115 20.95 -16.59 -31.66
CA ASN A 115 22.24 -17.10 -31.21
C ASN A 115 23.19 -15.97 -30.83
N GLY A 116 23.67 -16.00 -29.59
CA GLY A 116 24.60 -14.97 -29.13
C GLY A 116 24.08 -13.56 -28.84
N SER A 117 22.78 -13.34 -28.99
CA SER A 117 22.18 -12.02 -28.72
C SER A 117 22.26 -11.69 -27.24
N ASN A 118 22.26 -12.73 -26.42
CA ASN A 118 22.34 -12.61 -24.98
C ASN A 118 21.06 -12.15 -24.27
N TRP A 119 19.93 -12.02 -24.97
CA TRP A 119 18.70 -11.68 -24.27
C TRP A 119 17.86 -12.96 -24.13
N GLU A 120 17.07 -13.03 -23.05
CA GLU A 120 16.29 -14.22 -22.75
C GLU A 120 14.79 -13.99 -22.66
N GLY A 121 14.38 -12.77 -22.90
CA GLY A 121 12.97 -12.45 -22.84
C GLY A 121 12.75 -11.17 -23.62
N ILE A 122 11.50 -10.71 -23.64
CA ILE A 122 11.16 -9.50 -24.36
C ILE A 122 10.21 -8.66 -23.53
N LEU A 123 10.47 -7.35 -23.52
CA LEU A 123 9.63 -6.40 -22.79
C LEU A 123 8.82 -5.55 -23.79
N GLY A 124 7.55 -5.94 -23.98
CA GLY A 124 6.65 -5.24 -24.89
C GLY A 124 6.20 -3.97 -24.21
N LEU A 125 6.66 -2.82 -24.74
CA LEU A 125 6.36 -1.53 -24.15
C LEU A 125 5.20 -0.79 -24.77
N ALA A 126 4.58 -1.38 -25.80
CA ALA A 126 3.45 -0.75 -26.47
C ALA A 126 2.16 -0.92 -25.64
N TYR A 127 1.03 -0.56 -26.24
CA TYR A 127 -0.23 -0.59 -25.54
C TYR A 127 -1.03 -1.89 -25.50
N ALA A 128 -1.93 -1.98 -24.52
CA ALA A 128 -2.78 -3.16 -24.30
C ALA A 128 -3.53 -3.62 -25.54
N GLU A 129 -3.94 -2.66 -26.34
CA GLU A 129 -4.68 -2.95 -27.56
C GLU A 129 -4.05 -4.05 -28.38
N ILE A 130 -2.72 -4.13 -28.39
CA ILE A 130 -2.07 -5.18 -29.18
C ILE A 130 -1.48 -6.33 -28.36
N ALA A 131 -1.80 -6.37 -27.08
CA ALA A 131 -1.32 -7.45 -26.23
C ALA A 131 -2.04 -8.75 -26.62
N ARG A 132 -1.40 -9.88 -26.36
CA ARG A 132 -1.99 -11.20 -26.64
C ARG A 132 -2.16 -11.85 -25.27
N PRO A 133 -3.22 -12.66 -25.09
CA PRO A 133 -4.28 -13.04 -26.02
C PRO A 133 -5.20 -11.91 -26.42
N ASP A 134 -5.42 -10.97 -25.50
CA ASP A 134 -6.29 -9.83 -25.75
C ASP A 134 -5.84 -8.65 -24.91
N ASP A 135 -6.56 -7.54 -25.03
CA ASP A 135 -6.21 -6.35 -24.28
C ASP A 135 -6.49 -6.41 -22.77
N SER A 136 -6.95 -7.54 -22.26
CA SER A 136 -7.16 -7.62 -20.80
C SER A 136 -5.83 -7.97 -20.09
N LEU A 137 -4.85 -8.47 -20.84
CA LEU A 137 -3.55 -8.81 -20.26
C LEU A 137 -2.73 -7.51 -20.14
N GLU A 138 -2.79 -6.90 -18.96
CA GLU A 138 -2.10 -5.64 -18.72
C GLU A 138 -0.59 -5.68 -19.03
N PRO A 139 -0.12 -4.71 -19.83
CA PRO A 139 1.32 -4.69 -20.17
C PRO A 139 2.15 -4.28 -18.96
N PHE A 140 3.44 -4.61 -18.97
CA PHE A 140 4.33 -4.28 -17.87
C PHE A 140 4.39 -2.80 -17.50
N PHE A 141 4.56 -1.92 -18.48
CA PHE A 141 4.67 -0.51 -18.15
C PHE A 141 3.37 -0.03 -17.50
N ASP A 142 2.24 -0.57 -17.94
CA ASP A 142 0.97 -0.16 -17.36
C ASP A 142 0.88 -0.60 -15.89
N SER A 143 1.44 -1.76 -15.56
CA SER A 143 1.43 -2.25 -14.18
C SER A 143 2.40 -1.40 -13.36
N LEU A 144 3.53 -1.05 -13.98
CA LEU A 144 4.54 -0.23 -13.32
C LEU A 144 3.93 1.11 -12.93
N VAL A 145 3.25 1.76 -13.87
CA VAL A 145 2.65 3.05 -13.59
C VAL A 145 1.48 2.94 -12.61
N LYS A 146 0.71 1.86 -12.71
CA LYS A 146 -0.41 1.68 -11.79
C LYS A 146 -0.01 1.42 -10.36
N GLN A 147 1.04 0.60 -10.18
CA GLN A 147 1.50 0.22 -8.85
C GLN A 147 2.52 1.14 -8.20
N THR A 148 3.10 2.04 -8.98
CA THR A 148 4.08 2.96 -8.43
C THR A 148 3.73 4.35 -8.94
N HIS A 149 4.54 5.33 -8.56
CA HIS A 149 4.30 6.70 -9.01
C HIS A 149 5.28 7.09 -10.12
N VAL A 150 5.97 6.11 -10.68
CA VAL A 150 6.92 6.39 -11.76
C VAL A 150 6.15 7.14 -12.83
N PRO A 151 6.65 8.31 -13.26
CA PRO A 151 5.96 9.09 -14.31
C PRO A 151 5.68 8.21 -15.53
N ASN A 152 4.53 8.43 -16.16
CA ASN A 152 4.12 7.65 -17.30
C ASN A 152 4.80 7.98 -18.64
N LEU A 153 6.08 7.65 -18.73
CA LEU A 153 6.86 7.83 -19.95
C LEU A 153 8.25 7.29 -19.71
N PHE A 154 8.93 6.93 -20.80
CA PHE A 154 10.28 6.41 -20.71
C PHE A 154 10.97 6.97 -21.94
N SER A 155 12.29 6.94 -21.95
CA SER A 155 13.01 7.48 -23.10
C SER A 155 14.09 6.49 -23.49
N LEU A 156 14.43 6.45 -24.77
CA LEU A 156 15.45 5.50 -25.22
C LEU A 156 16.56 6.10 -26.04
N GLN A 157 17.78 5.72 -25.69
CA GLN A 157 18.94 6.13 -26.45
C GLN A 157 19.61 4.82 -26.83
N LEU A 158 19.41 4.40 -28.06
CA LEU A 158 20.02 3.17 -28.54
C LEU A 158 21.29 3.61 -29.25
N CYS A 159 22.43 3.06 -28.85
CA CYS A 159 23.70 3.45 -29.44
C CYS A 159 24.35 2.43 -30.35
N GLY A 160 24.30 2.66 -31.65
CA GLY A 160 24.98 1.75 -32.57
C GLY A 160 26.46 2.11 -32.56
N ALA A 161 27.33 1.13 -32.71
CA ALA A 161 28.76 1.39 -32.68
C ALA A 161 29.32 1.96 -33.99
N GLY A 162 28.70 1.60 -35.11
CA GLY A 162 29.18 2.06 -36.40
C GLY A 162 30.22 1.11 -36.98
N PHE A 163 30.47 0.00 -36.30
CA PHE A 163 31.42 -1.02 -36.75
C PHE A 163 30.96 -2.33 -36.12
N PRO A 164 31.46 -3.48 -36.60
CA PRO A 164 31.01 -4.74 -35.99
C PRO A 164 31.53 -4.99 -34.59
N LEU A 165 30.73 -5.67 -33.77
CA LEU A 165 31.10 -5.97 -32.39
C LEU A 165 31.05 -7.47 -32.21
N ASN A 166 32.11 -8.07 -31.70
CA ASN A 166 32.05 -9.51 -31.49
C ASN A 166 31.30 -9.76 -30.18
N GLN A 167 31.02 -11.03 -29.90
CA GLN A 167 30.29 -11.40 -28.69
C GLN A 167 30.87 -10.75 -27.43
N SER A 168 32.18 -10.81 -27.31
CA SER A 168 32.86 -10.24 -26.16
C SER A 168 32.63 -8.74 -26.03
N GLU A 169 32.81 -8.02 -27.13
CA GLU A 169 32.65 -6.58 -27.12
C GLU A 169 31.22 -6.13 -26.79
N VAL A 170 30.22 -6.85 -27.28
CA VAL A 170 28.84 -6.49 -26.99
C VAL A 170 28.63 -6.68 -25.49
N LEU A 171 29.07 -7.82 -24.99
CA LEU A 171 28.93 -8.07 -23.57
C LEU A 171 29.59 -6.99 -22.71
N ALA A 172 30.79 -6.57 -23.11
CA ALA A 172 31.54 -5.57 -22.34
C ALA A 172 31.34 -4.11 -22.71
N SER A 173 30.37 -3.80 -23.56
CA SER A 173 30.17 -2.40 -23.88
C SER A 173 28.75 -1.94 -23.55
N VAL A 174 28.57 -0.63 -23.54
CA VAL A 174 27.28 -0.02 -23.26
C VAL A 174 26.53 0.17 -24.56
N GLY A 175 25.30 -0.32 -24.62
CA GLY A 175 24.53 -0.19 -25.85
C GLY A 175 23.54 0.95 -25.82
N GLY A 176 23.52 1.69 -24.72
CA GLY A 176 22.60 2.81 -24.64
C GLY A 176 21.91 2.92 -23.29
N SER A 177 20.82 3.70 -23.28
CA SER A 177 20.06 3.95 -22.07
C SER A 177 18.56 3.88 -22.24
N MET A 178 17.90 3.37 -21.21
CA MET A 178 16.45 3.36 -21.19
C MET A 178 16.16 4.13 -19.89
N ILE A 179 15.67 5.35 -20.03
CA ILE A 179 15.36 6.14 -18.84
C ILE A 179 13.89 5.94 -18.56
N ILE A 180 13.60 5.23 -17.47
CA ILE A 180 12.24 4.94 -17.10
C ILE A 180 11.65 6.01 -16.18
N GLY A 181 10.60 6.66 -16.66
CA GLY A 181 9.96 7.71 -15.89
C GLY A 181 10.53 9.10 -16.08
N GLY A 182 11.47 9.26 -17.01
CA GLY A 182 12.06 10.58 -17.20
C GLY A 182 12.87 10.79 -18.46
N ILE A 183 13.51 11.95 -18.52
CA ILE A 183 14.33 12.40 -19.64
C ILE A 183 15.66 12.88 -19.10
N ASP A 184 16.77 12.39 -19.67
CA ASP A 184 18.11 12.79 -19.23
C ASP A 184 18.76 13.61 -20.33
N HIS A 185 18.98 14.90 -20.07
CA HIS A 185 19.54 15.81 -21.05
C HIS A 185 20.93 15.51 -21.57
N SER A 186 21.71 14.74 -20.83
CA SER A 186 23.04 14.42 -21.32
C SER A 186 22.95 13.43 -22.50
N LEU A 187 21.76 12.89 -22.78
CA LEU A 187 21.64 11.89 -23.84
C LEU A 187 21.42 12.46 -25.24
N TYR A 188 21.24 13.77 -25.35
CA TYR A 188 21.00 14.39 -26.65
C TYR A 188 21.55 15.80 -26.71
N THR A 189 21.41 16.40 -27.88
CA THR A 189 21.85 17.78 -28.09
C THR A 189 20.75 18.46 -28.88
N GLY A 190 20.73 19.79 -28.86
CA GLY A 190 19.71 20.50 -29.58
C GLY A 190 18.39 20.39 -28.84
N SER A 191 17.29 20.59 -29.55
CA SER A 191 15.95 20.55 -28.97
C SER A 191 15.17 19.27 -29.25
N LEU A 192 14.22 18.99 -28.36
CA LEU A 192 13.33 17.85 -28.52
C LEU A 192 12.11 18.34 -29.29
N TRP A 193 11.74 17.61 -30.33
CA TRP A 193 10.58 17.97 -31.12
C TRP A 193 9.61 16.82 -30.95
N TYR A 194 8.35 17.13 -30.68
CA TYR A 194 7.33 16.10 -30.49
C TYR A 194 6.34 15.95 -31.63
N THR A 195 5.96 14.70 -31.88
CA THR A 195 4.97 14.39 -32.88
C THR A 195 3.87 13.64 -32.12
N PRO A 196 2.61 13.81 -32.51
CA PRO A 196 1.56 13.10 -31.77
C PRO A 196 1.53 11.60 -31.97
N ILE A 197 1.13 10.88 -30.92
CA ILE A 197 0.95 9.45 -31.03
C ILE A 197 -0.47 9.45 -31.58
N ARG A 198 -0.63 8.99 -32.82
CA ARG A 198 -1.94 9.01 -33.46
C ARG A 198 -2.98 8.22 -32.69
N ARG A 199 -2.65 6.97 -32.38
CA ARG A 199 -3.55 6.11 -31.65
C ARG A 199 -2.68 5.25 -30.77
N GLU A 200 -3.18 4.91 -29.59
CA GLU A 200 -2.42 4.11 -28.63
C GLU A 200 -2.59 2.61 -28.77
N TRP A 201 -1.83 2.01 -29.68
CA TRP A 201 -1.83 0.56 -29.84
C TRP A 201 -0.35 0.32 -30.07
N TYR A 202 0.14 0.58 -31.27
CA TYR A 202 1.58 0.53 -31.53
C TYR A 202 1.89 2.00 -31.20
N TYR A 203 3.16 2.42 -31.29
CA TYR A 203 3.44 3.83 -31.08
C TYR A 203 3.35 4.42 -32.48
N GLU A 204 2.12 4.69 -32.89
CA GLU A 204 1.83 5.19 -34.23
C GLU A 204 2.01 6.70 -34.40
N VAL A 205 2.65 7.07 -35.50
CA VAL A 205 2.88 8.47 -35.82
C VAL A 205 2.50 8.71 -37.28
N ILE A 206 2.58 9.97 -37.68
CA ILE A 206 2.27 10.32 -39.06
C ILE A 206 3.43 11.08 -39.73
N ILE A 207 3.91 10.51 -40.84
CA ILE A 207 4.99 11.10 -41.64
C ILE A 207 4.27 11.91 -42.73
N VAL A 208 4.70 13.14 -42.96
CA VAL A 208 4.03 13.98 -43.95
C VAL A 208 4.86 14.32 -45.17
N ARG A 209 6.15 14.03 -45.14
CA ARG A 209 6.99 14.32 -46.28
C ARG A 209 8.29 13.56 -46.09
N VAL A 210 8.90 13.14 -47.21
CA VAL A 210 10.16 12.43 -47.21
C VAL A 210 11.07 13.06 -48.27
N GLU A 211 12.35 13.25 -47.91
CA GLU A 211 13.34 13.82 -48.82
C GLU A 211 14.57 12.92 -48.85
N ILE A 212 15.24 12.86 -50.01
CA ILE A 212 16.49 12.12 -50.16
C ILE A 212 17.45 13.25 -50.57
N ASN A 213 18.38 13.60 -49.69
CA ASN A 213 19.32 14.71 -49.98
C ASN A 213 18.54 15.98 -50.40
N GLY A 214 17.52 16.32 -49.60
CA GLY A 214 16.73 17.51 -49.88
C GLY A 214 15.72 17.40 -51.00
N GLN A 215 15.80 16.36 -51.81
CA GLN A 215 14.84 16.25 -52.91
C GLN A 215 13.57 15.52 -52.48
N ASP A 216 12.43 16.20 -52.62
CA ASP A 216 11.13 15.67 -52.25
C ASP A 216 10.79 14.41 -53.04
N LEU A 217 10.45 13.35 -52.31
CA LEU A 217 10.09 12.08 -52.94
C LEU A 217 8.78 12.37 -53.68
N LYS A 218 8.07 13.38 -53.18
CA LYS A 218 6.85 13.84 -53.83
C LYS A 218 5.72 12.81 -54.05
N MET A 219 5.41 12.01 -53.03
CA MET A 219 4.32 11.04 -53.18
C MET A 219 3.17 11.56 -52.35
N ASP A 220 1.96 11.06 -52.62
CA ASP A 220 0.80 11.45 -51.82
C ASP A 220 1.20 10.99 -50.41
N CYS A 221 1.16 11.89 -49.43
CA CYS A 221 1.60 11.49 -48.10
C CYS A 221 0.90 10.28 -47.48
N LYS A 222 -0.31 9.96 -47.91
CA LYS A 222 -1.01 8.81 -47.37
C LYS A 222 -0.16 7.56 -47.63
N GLU A 223 0.61 7.58 -48.71
CA GLU A 223 1.46 6.44 -49.07
C GLU A 223 2.53 6.17 -47.99
N TYR A 224 3.08 7.25 -47.43
CA TYR A 224 4.12 7.15 -46.40
C TYR A 224 3.63 6.41 -45.16
N ASN A 225 2.34 6.50 -44.90
CA ASN A 225 1.76 5.87 -43.74
C ASN A 225 0.77 4.81 -44.18
N TYR A 226 0.96 4.30 -45.39
CA TYR A 226 0.06 3.32 -45.92
C TYR A 226 0.02 2.13 -45.03
N ASP A 227 -1.08 2.11 -44.29
CA ASP A 227 -1.46 1.16 -43.30
C ASP A 227 -1.24 1.88 -41.98
N LYS A 228 0.03 2.10 -41.65
CA LYS A 228 0.39 2.78 -40.42
C LYS A 228 1.89 3.08 -40.41
N SER A 229 2.31 3.93 -39.50
CA SER A 229 3.72 4.24 -39.33
C SER A 229 3.97 4.10 -37.84
N ILE A 230 4.96 3.30 -37.44
CA ILE A 230 5.22 3.11 -36.01
C ILE A 230 6.69 3.28 -35.65
N VAL A 231 6.97 3.47 -34.36
CA VAL A 231 8.34 3.59 -33.89
C VAL A 231 8.57 2.27 -33.18
N ASP A 232 9.51 1.46 -33.69
CA ASP A 232 9.74 0.11 -33.15
C ASP A 232 11.19 -0.28 -32.87
N SER A 233 11.56 -0.27 -31.59
CA SER A 233 12.92 -0.62 -31.18
C SER A 233 13.19 -2.11 -31.37
N GLY A 234 12.12 -2.88 -31.57
CA GLY A 234 12.26 -4.32 -31.76
C GLY A 234 12.47 -4.73 -33.21
N THR A 235 12.54 -3.75 -34.10
CA THR A 235 12.75 -4.00 -35.53
C THR A 235 14.10 -3.35 -35.90
N THR A 236 14.94 -4.07 -36.60
CA THR A 236 16.25 -3.55 -36.99
C THR A 236 16.20 -2.45 -38.02
N ASN A 237 15.50 -2.70 -39.12
CA ASN A 237 15.46 -1.77 -40.25
C ASN A 237 14.46 -0.63 -40.27
N LEU A 238 14.71 0.27 -41.21
CA LEU A 238 13.79 1.34 -41.50
C LEU A 238 12.97 0.57 -42.56
N ARG A 239 11.70 0.30 -42.28
CA ARG A 239 10.91 -0.44 -43.25
C ARG A 239 9.89 0.48 -43.91
N LEU A 240 9.75 0.34 -45.22
CA LEU A 240 8.87 1.21 -45.98
C LEU A 240 7.82 0.45 -46.81
N PRO A 241 6.58 0.99 -46.88
CA PRO A 241 5.50 0.38 -47.66
C PRO A 241 6.07 0.22 -49.07
N LYS A 242 5.69 -0.86 -49.76
CA LYS A 242 6.23 -1.13 -51.10
C LYS A 242 6.43 0.06 -52.06
N LYS A 243 5.40 0.86 -52.31
CA LYS A 243 5.57 1.98 -53.24
C LYS A 243 6.63 2.98 -52.80
N VAL A 244 6.69 3.25 -51.49
CA VAL A 244 7.64 4.20 -50.92
C VAL A 244 9.04 3.63 -51.03
N PHE A 245 9.15 2.35 -50.69
CA PHE A 245 10.42 1.67 -50.77
C PHE A 245 11.00 1.77 -52.16
N GLU A 246 10.21 1.43 -53.17
CA GLU A 246 10.71 1.49 -54.55
C GLU A 246 11.13 2.89 -54.96
N ALA A 247 10.35 3.89 -54.58
CA ALA A 247 10.70 5.28 -54.91
C ALA A 247 11.98 5.72 -54.18
N ALA A 248 12.05 5.42 -52.89
CA ALA A 248 13.22 5.78 -52.08
C ALA A 248 14.49 5.14 -52.64
N VAL A 249 14.43 3.84 -52.91
CA VAL A 249 15.59 3.13 -53.42
C VAL A 249 16.04 3.66 -54.77
N LYS A 250 15.08 4.03 -55.61
CA LYS A 250 15.42 4.58 -56.92
C LYS A 250 16.20 5.88 -56.70
N SER A 251 15.72 6.72 -55.79
CA SER A 251 16.38 7.98 -55.53
C SER A 251 17.76 7.79 -54.85
N ILE A 252 17.89 6.82 -53.95
CA ILE A 252 19.18 6.60 -53.30
C ILE A 252 20.18 6.05 -54.31
N LYS A 253 19.73 5.13 -55.17
CA LYS A 253 20.61 4.58 -56.20
C LYS A 253 21.09 5.73 -57.08
N ALA A 254 20.19 6.64 -57.45
CA ALA A 254 20.60 7.74 -58.31
C ALA A 254 21.60 8.65 -57.59
N ALA A 255 21.41 8.88 -56.30
CA ALA A 255 22.36 9.73 -55.59
C ALA A 255 23.73 9.06 -55.43
N SER A 256 23.76 7.72 -55.45
CA SER A 256 25.01 7.00 -55.26
C SER A 256 25.59 6.38 -56.53
N SER A 257 24.98 6.67 -57.66
CA SER A 257 25.38 6.05 -58.92
C SER A 257 26.85 6.09 -59.31
N THR A 258 27.67 6.91 -58.67
CA THR A 258 29.09 6.90 -59.04
C THR A 258 29.68 5.55 -58.68
N GLU A 259 28.95 4.76 -57.89
CA GLU A 259 29.40 3.40 -57.57
C GLU A 259 28.21 2.49 -57.77
N LYS A 260 28.42 1.33 -58.37
CA LYS A 260 27.30 0.43 -58.59
C LYS A 260 27.36 -0.76 -57.62
N PHE A 261 26.20 -1.16 -57.14
CA PHE A 261 26.11 -2.27 -56.19
C PHE A 261 25.13 -3.31 -56.70
N PRO A 262 25.43 -4.60 -56.49
CA PRO A 262 24.52 -5.66 -56.97
C PRO A 262 23.09 -5.49 -56.42
N ASP A 263 22.11 -6.03 -57.15
CA ASP A 263 20.73 -5.94 -56.70
C ASP A 263 20.54 -6.51 -55.30
N GLY A 264 21.29 -7.56 -54.97
CA GLY A 264 21.15 -8.18 -53.66
C GLY A 264 21.49 -7.23 -52.52
N PHE A 265 22.30 -6.22 -52.81
CA PHE A 265 22.66 -5.25 -51.79
C PHE A 265 21.41 -4.45 -51.47
N TRP A 266 20.78 -3.92 -52.52
CA TRP A 266 19.59 -3.12 -52.34
C TRP A 266 18.43 -3.90 -51.78
N LEU A 267 18.49 -5.22 -51.89
CA LEU A 267 17.42 -6.07 -51.37
C LEU A 267 17.74 -6.46 -49.93
N GLY A 268 18.81 -5.86 -49.40
CA GLY A 268 19.21 -6.12 -48.04
C GLY A 268 19.62 -7.55 -47.80
N GLU A 269 20.02 -8.21 -48.87
CA GLU A 269 20.42 -9.61 -48.81
C GLU A 269 21.92 -9.81 -48.77
N GLN A 270 22.68 -9.00 -49.51
CA GLN A 270 24.11 -9.19 -49.47
C GLN A 270 24.84 -7.95 -49.00
N LEU A 271 26.05 -8.13 -48.48
CA LEU A 271 26.80 -6.99 -47.99
C LEU A 271 27.69 -6.37 -49.04
N VAL A 272 28.08 -5.13 -48.80
CA VAL A 272 28.99 -4.43 -49.67
C VAL A 272 30.19 -4.16 -48.79
N CYS A 273 31.38 -4.34 -49.34
CA CYS A 273 32.59 -4.16 -48.57
C CYS A 273 33.51 -3.14 -49.23
N TRP A 274 34.18 -2.35 -48.41
CA TRP A 274 35.13 -1.37 -48.89
C TRP A 274 36.37 -1.61 -48.07
N GLN A 275 37.50 -1.34 -48.67
CA GLN A 275 38.76 -1.50 -48.00
C GLN A 275 38.78 -0.61 -46.75
N ALA A 276 39.43 -1.12 -45.71
CA ALA A 276 39.54 -0.48 -44.41
C ALA A 276 39.49 1.03 -44.40
N GLY A 277 38.47 1.59 -43.77
CA GLY A 277 38.36 3.04 -43.66
C GLY A 277 37.95 3.85 -44.87
N THR A 278 37.71 3.21 -46.01
CA THR A 278 37.34 3.95 -47.22
C THR A 278 35.86 3.98 -47.58
N THR A 279 34.98 3.56 -46.67
CA THR A 279 33.54 3.60 -46.95
C THR A 279 33.23 5.02 -47.45
N PRO A 280 32.65 5.13 -48.66
CA PRO A 280 32.31 6.42 -49.27
C PRO A 280 30.99 7.01 -48.79
N TRP A 281 30.93 7.31 -47.51
CA TRP A 281 29.73 7.88 -46.91
C TRP A 281 29.19 9.05 -47.72
N ASN A 282 30.10 9.90 -48.20
CA ASN A 282 29.70 11.10 -48.94
C ASN A 282 28.86 10.87 -50.18
N ILE A 283 29.00 9.72 -50.84
CA ILE A 283 28.17 9.50 -52.03
C ILE A 283 26.73 9.10 -51.68
N PHE A 284 26.51 8.61 -50.47
CA PHE A 284 25.16 8.22 -50.06
C PHE A 284 24.43 9.42 -49.49
N PRO A 285 23.16 9.59 -49.87
CA PRO A 285 22.37 10.71 -49.39
C PRO A 285 21.83 10.57 -47.98
N VAL A 286 21.48 11.72 -47.40
CA VAL A 286 20.84 11.72 -46.09
C VAL A 286 19.35 11.52 -46.40
N ILE A 287 18.57 11.08 -45.41
CA ILE A 287 17.14 10.88 -45.60
C ILE A 287 16.43 11.62 -44.48
N SER A 288 15.47 12.45 -44.85
CA SER A 288 14.70 13.24 -43.90
C SER A 288 13.25 12.80 -43.92
N LEU A 289 12.73 12.53 -42.73
CA LEU A 289 11.34 12.15 -42.57
C LEU A 289 10.72 13.32 -41.82
N TYR A 290 9.67 13.91 -42.39
CA TYR A 290 8.99 15.02 -41.74
C TYR A 290 7.83 14.42 -40.95
N LEU A 291 7.72 14.83 -39.69
CA LEU A 291 6.67 14.32 -38.81
C LEU A 291 5.72 15.45 -38.43
N MET A 292 4.44 15.10 -38.28
CA MET A 292 3.42 16.07 -37.90
C MET A 292 3.84 16.64 -36.54
N GLY A 293 3.71 17.95 -36.37
CA GLY A 293 4.11 18.55 -35.10
C GLY A 293 2.93 18.63 -34.15
N GLU A 294 3.15 19.16 -32.95
CA GLU A 294 2.06 19.29 -32.01
C GLU A 294 1.23 20.52 -32.32
N VAL A 295 1.82 21.49 -33.02
CA VAL A 295 1.14 22.72 -33.39
C VAL A 295 0.44 22.57 -34.74
N THR A 296 -0.80 23.07 -34.82
CA THR A 296 -1.59 23.02 -36.04
C THR A 296 -0.76 23.50 -37.22
N ASN A 297 -0.82 22.78 -38.33
CA ASN A 297 -0.09 23.14 -39.54
C ASN A 297 1.42 23.29 -39.37
N GLN A 298 1.96 22.63 -38.36
CA GLN A 298 3.39 22.69 -38.14
C GLN A 298 3.98 21.28 -38.21
N SER A 299 5.16 21.14 -38.78
CA SER A 299 5.83 19.84 -38.83
C SER A 299 7.31 20.09 -38.57
N PHE A 300 8.07 19.01 -38.33
CA PHE A 300 9.50 19.10 -38.12
C PHE A 300 10.11 17.91 -38.84
N ARG A 301 11.42 17.86 -38.99
CA ARG A 301 11.99 16.72 -39.68
C ARG A 301 13.14 16.09 -38.92
N ILE A 302 13.34 14.81 -39.14
CA ILE A 302 14.48 14.17 -38.52
C ILE A 302 15.26 13.71 -39.73
N THR A 303 16.57 13.87 -39.67
CA THR A 303 17.43 13.52 -40.78
C THR A 303 18.48 12.50 -40.35
N ILE A 304 18.56 11.40 -41.09
CA ILE A 304 19.54 10.35 -40.77
C ILE A 304 20.58 10.24 -41.88
N LEU A 305 21.72 9.71 -41.52
CA LEU A 305 22.86 9.56 -42.42
C LEU A 305 23.03 8.12 -42.84
N PRO A 306 23.84 7.87 -43.89
CA PRO A 306 24.06 6.49 -44.32
C PRO A 306 24.69 5.74 -43.15
N GLN A 307 25.35 6.45 -42.22
CA GLN A 307 25.93 5.77 -41.06
C GLN A 307 24.83 5.12 -40.22
N GLN A 308 23.58 5.59 -40.39
CA GLN A 308 22.47 4.94 -39.71
C GLN A 308 21.87 3.87 -40.63
N TYR A 309 21.65 4.16 -41.92
CA TYR A 309 21.00 3.12 -42.74
C TYR A 309 21.86 2.04 -43.38
N LEU A 310 23.18 2.10 -43.20
CA LEU A 310 24.08 1.05 -43.66
C LEU A 310 24.52 0.38 -42.34
N ARG A 311 24.04 -0.83 -42.10
CA ARG A 311 24.36 -1.58 -40.88
C ARG A 311 25.69 -2.33 -40.97
N PRO A 312 26.61 -2.09 -40.02
CA PRO A 312 27.92 -2.78 -40.03
C PRO A 312 27.78 -4.26 -39.78
N VAL A 313 28.53 -5.07 -40.53
CA VAL A 313 28.51 -6.53 -40.32
C VAL A 313 29.95 -7.02 -40.51
N GLU A 314 30.38 -7.95 -39.67
CA GLU A 314 31.75 -8.41 -39.79
C GLU A 314 32.00 -9.19 -41.07
N ASP A 315 33.22 -9.08 -41.56
CA ASP A 315 33.64 -9.76 -42.77
C ASP A 315 34.55 -10.90 -42.37
N VAL A 316 34.01 -11.82 -41.56
CA VAL A 316 34.76 -12.98 -41.07
C VAL A 316 36.06 -13.23 -41.85
N ALA A 317 36.00 -13.15 -43.18
CA ALA A 317 37.18 -13.33 -44.01
C ALA A 317 38.31 -12.57 -43.31
N THR A 318 39.53 -13.11 -43.36
CA THR A 318 40.70 -12.51 -42.72
C THR A 318 41.01 -11.09 -43.19
N SER A 319 40.04 -10.43 -43.81
CA SER A 319 40.24 -9.09 -44.32
C SER A 319 39.91 -8.00 -43.31
N GLN A 320 40.51 -6.83 -43.51
CA GLN A 320 40.27 -5.69 -42.66
C GLN A 320 39.23 -4.79 -43.34
N ASP A 321 38.44 -5.33 -44.26
CA ASP A 321 37.41 -4.52 -44.95
C ASP A 321 36.30 -4.11 -44.00
N ASP A 322 35.65 -2.98 -44.34
CA ASP A 322 34.50 -2.49 -43.58
C ASP A 322 33.29 -2.86 -44.44
N CYS A 323 32.42 -3.72 -43.90
CA CYS A 323 31.26 -4.23 -44.62
C CYS A 323 29.95 -3.83 -44.00
N TYR A 324 28.91 -3.74 -44.83
CA TYR A 324 27.61 -3.31 -44.36
C TYR A 324 26.48 -3.92 -45.15
N LYS A 325 25.29 -3.93 -44.54
CA LYS A 325 24.09 -4.36 -45.22
C LYS A 325 23.25 -3.11 -45.29
N PHE A 326 22.48 -2.99 -46.36
CA PHE A 326 21.56 -1.88 -46.59
C PHE A 326 20.41 -2.19 -45.63
N ALA A 327 20.14 -1.28 -44.70
CA ALA A 327 19.10 -1.53 -43.71
C ALA A 327 17.77 -0.81 -43.89
N ILE A 328 17.36 -0.68 -45.14
CA ILE A 328 16.05 -0.12 -45.49
C ILE A 328 15.44 -1.27 -46.28
N SER A 329 14.23 -1.70 -45.93
CA SER A 329 13.59 -2.80 -46.63
C SER A 329 12.11 -2.56 -46.79
N GLN A 330 11.46 -3.35 -47.63
CA GLN A 330 10.04 -3.13 -47.81
C GLN A 330 9.18 -3.81 -46.78
N SER A 331 8.01 -3.21 -46.60
CA SER A 331 7.03 -3.68 -45.64
C SER A 331 5.64 -3.73 -46.30
N SER A 332 4.84 -4.69 -45.87
CA SER A 332 3.47 -4.81 -46.39
C SER A 332 2.56 -4.43 -45.23
N THR A 333 3.17 -3.96 -44.14
CA THR A 333 2.41 -3.57 -42.96
C THR A 333 2.70 -2.14 -42.52
N GLY A 334 3.09 -1.31 -43.48
CA GLY A 334 3.35 0.08 -43.18
C GLY A 334 4.79 0.43 -42.85
N THR A 335 5.03 1.68 -42.48
CA THR A 335 6.37 2.12 -42.13
C THR A 335 6.79 1.71 -40.71
N VAL A 336 8.03 1.27 -40.58
CA VAL A 336 8.57 0.94 -39.28
C VAL A 336 9.88 1.71 -39.11
N MET A 337 9.91 2.60 -38.12
CA MET A 337 11.11 3.34 -37.82
C MET A 337 11.79 2.46 -36.78
N GLY A 338 12.66 1.60 -37.28
CA GLY A 338 13.36 0.65 -36.45
C GLY A 338 14.62 1.17 -35.82
N ALA A 339 15.40 0.23 -35.29
CA ALA A 339 16.63 0.55 -34.59
C ALA A 339 17.55 1.42 -35.44
N VAL A 340 17.53 1.19 -36.76
CA VAL A 340 18.35 1.96 -37.71
C VAL A 340 18.16 3.43 -37.44
N ILE A 341 16.88 3.83 -37.43
CA ILE A 341 16.47 5.20 -37.19
C ILE A 341 16.67 5.66 -35.75
N MET A 342 16.21 4.86 -34.79
CA MET A 342 16.37 5.20 -33.40
C MET A 342 17.82 5.42 -32.96
N GLU A 343 18.80 4.76 -33.59
CA GLU A 343 20.20 4.96 -33.21
C GLU A 343 20.65 6.38 -33.51
N GLY A 344 19.88 7.06 -34.33
CA GLY A 344 20.23 8.43 -34.65
C GLY A 344 19.72 9.45 -33.65
N PHE A 345 18.70 9.07 -32.88
CA PHE A 345 18.06 10.01 -31.96
C PHE A 345 17.80 9.51 -30.56
N TYR A 346 17.51 10.47 -29.68
CA TYR A 346 17.13 10.17 -28.31
C TYR A 346 15.64 10.25 -28.55
N VAL A 347 14.91 9.23 -28.13
CA VAL A 347 13.48 9.19 -28.41
C VAL A 347 12.69 9.11 -27.13
N VAL A 348 11.81 10.07 -26.95
CA VAL A 348 10.99 10.16 -25.74
C VAL A 348 9.59 9.66 -26.01
N PHE A 349 9.20 8.61 -25.29
CA PHE A 349 7.89 8.02 -25.42
C PHE A 349 7.08 8.62 -24.29
N ASP A 350 6.51 9.80 -24.55
CA ASP A 350 5.72 10.54 -23.58
C ASP A 350 4.29 10.02 -23.62
N ARG A 351 4.06 8.89 -22.96
CA ARG A 351 2.73 8.32 -22.93
C ARG A 351 1.78 9.31 -22.23
N ALA A 352 2.27 9.94 -21.17
CA ALA A 352 1.49 10.91 -20.40
C ALA A 352 0.84 12.00 -21.28
N ARG A 353 1.59 12.53 -22.24
CA ARG A 353 1.04 13.57 -23.12
C ARG A 353 0.76 13.06 -24.53
N LYS A 354 0.70 11.73 -24.65
CA LYS A 354 0.39 11.08 -25.93
C LYS A 354 1.23 11.68 -27.06
N ARG A 355 2.55 11.64 -26.90
CA ARG A 355 3.42 12.20 -27.91
C ARG A 355 4.80 11.54 -27.84
N ILE A 356 5.55 11.64 -28.93
CA ILE A 356 6.88 11.07 -29.00
C ILE A 356 7.87 12.17 -29.37
N GLY A 357 8.90 12.34 -28.55
CA GLY A 357 9.88 13.36 -28.84
C GLY A 357 11.11 12.81 -29.53
N PHE A 358 11.73 13.65 -30.38
CA PHE A 358 12.94 13.27 -31.08
C PHE A 358 13.98 14.36 -30.91
N ALA A 359 15.20 13.96 -30.59
CA ALA A 359 16.33 14.90 -30.50
C ALA A 359 17.56 14.19 -31.03
N VAL A 360 18.55 14.95 -31.49
CA VAL A 360 19.77 14.31 -32.01
C VAL A 360 20.43 13.56 -30.86
N SER A 361 20.81 12.31 -31.11
CA SER A 361 21.42 11.51 -30.06
C SER A 361 22.88 11.84 -29.85
N ALA A 362 23.27 11.92 -28.58
CA ALA A 362 24.65 12.24 -28.23
C ALA A 362 25.56 11.07 -28.57
N CYS A 363 24.98 9.98 -29.04
CA CYS A 363 25.82 8.86 -29.41
C CYS A 363 25.54 8.41 -30.83
N HIS A 364 24.99 9.28 -31.69
CA HIS A 364 24.74 8.79 -33.05
C HIS A 364 26.06 8.76 -33.81
N VAL A 365 26.19 7.83 -34.75
CA VAL A 365 27.41 7.72 -35.55
C VAL A 365 27.35 8.69 -36.73
N HIS A 366 28.45 9.39 -36.97
CA HIS A 366 28.51 10.34 -38.08
C HIS A 366 29.97 10.55 -38.48
N ASP A 367 30.23 11.50 -39.37
CA ASP A 367 31.61 11.80 -39.77
C ASP A 367 31.83 13.28 -39.54
N GLU A 368 32.99 13.79 -39.94
CA GLU A 368 33.31 15.19 -39.73
C GLU A 368 32.46 16.17 -40.58
N PHE A 369 31.89 15.67 -41.67
CA PHE A 369 31.12 16.50 -42.59
C PHE A 369 29.61 16.63 -42.39
N ARG A 370 28.98 15.58 -41.86
CA ARG A 370 27.52 15.56 -41.68
C ARG A 370 27.10 14.97 -40.32
N THR A 371 25.97 15.42 -39.78
CA THR A 371 25.46 14.86 -38.53
C THR A 371 23.97 14.66 -38.68
N ALA A 372 23.41 13.71 -37.92
CA ALA A 372 21.96 13.51 -37.95
C ALA A 372 21.41 14.85 -37.48
N ALA A 373 20.12 15.09 -37.70
CA ALA A 373 19.53 16.34 -37.28
C ALA A 373 18.04 16.23 -37.02
N VAL A 374 17.54 17.14 -36.19
CA VAL A 374 16.12 17.23 -35.89
C VAL A 374 15.86 18.72 -36.00
N GLU A 375 15.07 19.13 -36.98
CA GLU A 375 14.85 20.55 -37.21
C GLU A 375 13.40 20.91 -37.47
N GLY A 376 13.06 22.14 -37.10
CA GLY A 376 11.72 22.64 -37.30
C GLY A 376 11.68 24.12 -36.94
N PRO A 377 10.52 24.77 -37.11
CA PRO A 377 9.30 24.16 -37.63
C PRO A 377 9.10 24.42 -39.13
N PHE A 378 8.22 23.66 -39.76
CA PHE A 378 7.89 23.85 -41.17
C PHE A 378 6.38 24.00 -41.27
N VAL A 379 5.93 24.98 -42.04
CA VAL A 379 4.51 25.17 -42.22
C VAL A 379 4.01 24.12 -43.22
N THR A 380 3.18 23.20 -42.74
CA THR A 380 2.63 22.12 -43.57
C THR A 380 1.11 22.04 -43.40
N LEU A 381 0.39 21.87 -44.51
CA LEU A 381 -1.08 21.81 -44.49
C LEU A 381 -1.71 20.40 -44.65
N ASP A 382 -2.96 20.29 -44.20
CA ASP A 382 -3.76 19.06 -44.27
C ASP A 382 -3.01 17.74 -44.01
N MET A 383 -2.14 17.77 -43.02
CA MET A 383 -1.36 16.60 -42.66
C MET A 383 -2.26 15.45 -42.17
N GLU A 384 -3.34 15.79 -41.47
CA GLU A 384 -4.26 14.78 -40.98
C GLU A 384 -4.62 13.81 -42.11
N ASP A 385 -4.61 14.33 -43.34
CA ASP A 385 -4.93 13.53 -44.52
C ASP A 385 -3.84 12.54 -44.92
N CYS A 386 -2.71 12.61 -44.24
CA CYS A 386 -1.60 11.69 -44.52
C CYS A 386 -1.91 10.40 -43.79
N GLY A 387 -2.81 10.50 -42.83
CA GLY A 387 -3.21 9.35 -42.05
C GLY A 387 -4.07 8.41 -42.86
N TYR A 388 -3.83 7.13 -42.69
CA TYR A 388 -4.60 6.14 -43.41
C TYR A 388 -5.72 5.66 -42.49
N ASN A 389 -6.80 5.20 -43.10
CA ASN A 389 -7.95 4.67 -42.37
C ASN A 389 -8.33 3.34 -43.00
N GLY B 1 -17.16 31.84 27.18
CA GLY B 1 -16.63 31.14 28.39
C GLY B 1 -15.29 30.43 28.19
N SER B 2 -14.89 29.66 29.20
CA SER B 2 -13.64 28.92 29.20
C SER B 2 -13.84 27.59 29.94
N PHE B 3 -13.90 26.51 29.17
CA PHE B 3 -14.13 25.16 29.69
C PHE B 3 -12.93 24.27 29.40
N VAL B 4 -11.77 24.66 29.95
CA VAL B 4 -10.52 23.91 29.73
C VAL B 4 -10.62 22.41 29.86
N GLU B 5 -11.31 21.93 30.89
CA GLU B 5 -11.44 20.50 31.13
C GLU B 5 -12.02 19.74 29.93
N MET B 6 -12.77 20.42 29.07
CA MET B 6 -13.38 19.76 27.91
C MET B 6 -12.64 19.97 26.58
N VAL B 7 -11.62 20.83 26.58
CA VAL B 7 -10.84 21.09 25.38
C VAL B 7 -10.04 19.83 25.02
N ASP B 8 -10.00 19.48 23.73
CA ASP B 8 -9.27 18.31 23.30
C ASP B 8 -9.80 16.99 23.88
N ASN B 9 -11.12 16.87 24.02
CA ASN B 9 -11.69 15.62 24.52
C ASN B 9 -12.14 14.70 23.39
N LEU B 10 -11.89 15.10 22.13
CA LEU B 10 -12.28 14.28 20.98
C LEU B 10 -11.08 13.66 20.28
N ARG B 11 -11.34 12.53 19.63
CA ARG B 11 -10.32 11.82 18.86
C ARG B 11 -11.04 11.34 17.62
N GLY B 12 -10.29 11.00 16.58
CA GLY B 12 -10.92 10.53 15.36
C GLY B 12 -10.54 11.35 14.13
N LYS B 13 -11.28 11.14 13.03
CA LYS B 13 -11.03 11.82 11.78
C LYS B 13 -12.32 11.84 10.97
N SER B 14 -12.40 12.67 9.94
CA SER B 14 -13.65 12.80 9.17
C SER B 14 -14.15 11.52 8.52
N GLY B 15 -13.20 10.69 8.09
CA GLY B 15 -13.52 9.45 7.42
C GLY B 15 -14.16 8.38 8.27
N GLN B 16 -13.84 8.35 9.57
CA GLN B 16 -14.41 7.34 10.46
C GLN B 16 -15.24 7.95 11.60
N GLY B 17 -15.17 9.27 11.74
CA GLY B 17 -15.93 9.96 12.77
C GLY B 17 -15.12 10.37 13.97
N TYR B 18 -15.63 11.34 14.73
CA TYR B 18 -14.96 11.84 15.94
C TYR B 18 -15.72 11.31 17.13
N TYR B 19 -15.00 10.85 18.15
CA TYR B 19 -15.66 10.26 19.31
C TYR B 19 -15.18 10.84 20.65
N VAL B 20 -16.01 10.70 21.68
CA VAL B 20 -15.71 11.18 23.02
C VAL B 20 -15.84 9.98 23.94
N GLU B 21 -15.07 9.97 25.02
CA GLU B 21 -15.13 8.89 25.97
C GLU B 21 -16.33 9.10 26.89
N MET B 22 -17.04 8.02 27.18
CA MET B 22 -18.18 8.06 28.08
C MET B 22 -18.12 6.78 28.94
N THR B 23 -18.88 6.75 30.02
CA THR B 23 -18.95 5.54 30.85
C THR B 23 -20.43 5.28 31.04
N VAL B 24 -20.79 4.01 31.05
CA VAL B 24 -22.17 3.63 31.27
C VAL B 24 -22.18 2.56 32.34
N GLY B 25 -23.26 2.50 33.12
CA GLY B 25 -23.42 1.47 34.13
C GLY B 25 -22.68 1.66 35.43
N SER B 26 -22.86 0.68 36.32
CA SER B 26 -22.21 0.66 37.63
C SER B 26 -21.72 -0.75 37.96
N PRO B 27 -20.40 -0.91 38.17
CA PRO B 27 -19.40 0.16 38.09
C PRO B 27 -19.26 0.66 36.64
N PRO B 28 -18.64 1.83 36.47
CA PRO B 28 -18.41 2.49 35.17
C PRO B 28 -17.75 1.63 34.11
N GLN B 29 -18.42 1.52 32.97
CA GLN B 29 -17.86 0.80 31.83
C GLN B 29 -17.51 1.89 30.80
N THR B 30 -16.22 2.04 30.53
CA THR B 30 -15.73 3.04 29.57
C THR B 30 -15.92 2.60 28.13
N LEU B 31 -16.46 3.50 27.33
CA LEU B 31 -16.70 3.25 25.91
C LEU B 31 -16.43 4.54 25.11
N ASN B 32 -15.97 4.39 23.86
CA ASN B 32 -15.72 5.53 22.99
C ASN B 32 -16.98 5.69 22.16
N ILE B 33 -17.54 6.89 22.19
CA ILE B 33 -18.79 7.13 21.52
C ILE B 33 -18.74 8.19 20.43
N LEU B 34 -19.21 7.81 19.23
CA LEU B 34 -19.24 8.71 18.08
C LEU B 34 -20.17 9.92 18.35
N VAL B 35 -19.68 11.14 18.12
CA VAL B 35 -20.49 12.35 18.34
C VAL B 35 -21.27 12.55 17.04
N ASP B 36 -22.59 12.36 17.10
CA ASP B 36 -23.38 12.44 15.89
C ASP B 36 -24.54 13.42 15.93
N THR B 37 -24.37 14.57 15.29
CA THR B 37 -25.44 15.55 15.28
C THR B 37 -26.53 15.23 14.25
N GLY B 38 -26.33 14.14 13.48
CA GLY B 38 -27.30 13.74 12.49
C GLY B 38 -28.29 12.67 12.94
N SER B 39 -28.29 12.33 14.22
CA SER B 39 -29.22 11.31 14.74
C SER B 39 -29.52 11.60 16.21
N SER B 40 -30.44 10.85 16.81
CA SER B 40 -30.89 11.14 18.17
C SER B 40 -30.94 10.01 19.21
N ASN B 41 -30.36 8.87 18.87
CA ASN B 41 -30.33 7.75 19.79
C ASN B 41 -28.94 7.57 20.40
N PHE B 42 -28.91 7.19 21.66
CA PHE B 42 -27.65 6.89 22.32
C PHE B 42 -27.64 5.35 22.24
N ALA B 43 -26.68 4.78 21.49
CA ALA B 43 -26.59 3.34 21.30
C ALA B 43 -25.17 2.82 21.35
N VAL B 44 -24.98 1.71 22.05
CA VAL B 44 -23.65 1.14 22.21
C VAL B 44 -23.62 -0.35 21.87
N GLY B 45 -22.52 -0.81 21.30
CA GLY B 45 -22.40 -2.23 21.01
C GLY B 45 -22.57 -2.95 22.35
N ALA B 46 -23.39 -4.01 22.36
CA ALA B 46 -23.64 -4.72 23.60
C ALA B 46 -23.37 -6.22 23.51
N ALA B 47 -22.63 -6.63 22.48
CA ALA B 47 -22.29 -8.04 22.27
C ALA B 47 -21.03 -8.06 21.41
N PRO B 48 -20.20 -9.11 21.55
CA PRO B 48 -18.96 -9.19 20.78
C PRO B 48 -19.17 -8.98 19.28
N HIS B 49 -18.18 -8.36 18.65
CA HIS B 49 -18.24 -8.06 17.23
C HIS B 49 -16.82 -8.01 16.72
N PRO B 50 -16.60 -8.46 15.47
CA PRO B 50 -15.24 -8.44 14.92
C PRO B 50 -14.52 -7.08 15.10
N PHE B 51 -15.27 -5.99 14.95
CA PHE B 51 -14.67 -4.65 15.04
C PHE B 51 -14.69 -3.94 16.39
N LEU B 52 -15.24 -4.58 17.41
CA LEU B 52 -15.30 -3.98 18.74
C LEU B 52 -14.27 -4.58 19.69
N HIS B 53 -13.50 -3.73 20.38
CA HIS B 53 -12.53 -4.23 21.34
C HIS B 53 -13.26 -4.38 22.67
N ARG B 54 -14.34 -3.61 22.83
CA ARG B 54 -15.13 -3.68 24.05
C ARG B 54 -16.60 -3.34 23.78
N TYR B 55 -17.46 -3.73 24.71
CA TYR B 55 -18.88 -3.46 24.54
C TYR B 55 -19.56 -3.42 25.90
N TYR B 56 -20.78 -2.92 25.88
CA TYR B 56 -21.61 -2.78 27.07
C TYR B 56 -22.12 -4.13 27.58
N GLN B 57 -21.83 -4.42 28.84
CA GLN B 57 -22.23 -5.66 29.48
C GLN B 57 -23.30 -5.35 30.54
N ARG B 58 -24.55 -5.39 30.12
CA ARG B 58 -25.66 -5.09 31.00
C ARG B 58 -25.68 -5.94 32.27
N GLN B 59 -25.38 -7.23 32.15
CA GLN B 59 -25.37 -8.12 33.32
C GLN B 59 -24.36 -7.69 34.38
N LEU B 60 -23.36 -6.90 33.99
CA LEU B 60 -22.38 -6.43 34.97
C LEU B 60 -22.72 -5.03 35.53
N SER B 61 -23.88 -4.50 35.15
CA SER B 61 -24.27 -3.19 35.64
C SER B 61 -25.41 -3.30 36.64
N SER B 62 -25.14 -2.89 37.87
CA SER B 62 -26.15 -2.96 38.93
C SER B 62 -27.30 -1.98 38.73
N THR B 63 -27.02 -0.90 38.01
CA THR B 63 -28.02 0.14 37.76
C THR B 63 -28.78 -0.02 36.44
N TYR B 64 -28.45 -1.07 35.70
CA TYR B 64 -29.14 -1.32 34.45
C TYR B 64 -30.65 -1.54 34.65
N ARG B 65 -31.45 -0.95 33.76
CA ARG B 65 -32.91 -1.11 33.80
C ARG B 65 -33.37 -1.55 32.41
N ASP B 66 -34.09 -2.66 32.37
CA ASP B 66 -34.60 -3.24 31.14
C ASP B 66 -36.00 -2.69 30.77
N LEU B 67 -36.09 -1.98 29.66
CA LEU B 67 -37.39 -1.43 29.26
C LEU B 67 -38.21 -2.41 28.43
N ARG B 68 -37.70 -3.62 28.24
CA ARG B 68 -38.41 -4.66 27.48
C ARG B 68 -39.05 -4.13 26.18
N LYS B 69 -38.24 -3.46 25.36
CA LYS B 69 -38.71 -2.92 24.11
C LYS B 69 -37.54 -2.90 23.14
N GLY B 70 -37.77 -3.38 21.93
CA GLY B 70 -36.73 -3.43 20.92
C GLY B 70 -36.68 -2.14 20.12
N VAL B 71 -35.63 -1.99 19.32
CA VAL B 71 -35.47 -0.80 18.49
C VAL B 71 -34.66 -1.17 17.26
N TYR B 72 -35.02 -0.59 16.12
CA TYR B 72 -34.33 -0.89 14.87
C TYR B 72 -34.08 0.41 14.12
N VAL B 73 -32.85 0.58 13.64
CA VAL B 73 -32.49 1.78 12.90
C VAL B 73 -31.86 1.39 11.58
N PRO B 74 -32.68 1.30 10.51
CA PRO B 74 -32.24 0.94 9.16
C PRO B 74 -31.40 2.07 8.55
N TYR B 75 -30.38 1.69 7.78
CA TYR B 75 -29.49 2.64 7.11
C TYR B 75 -29.50 2.28 5.63
N THR B 76 -28.81 3.08 4.81
CA THR B 76 -28.75 2.82 3.37
C THR B 76 -28.16 1.42 3.15
N GLN B 77 -26.87 1.26 3.48
CA GLN B 77 -26.24 -0.04 3.33
C GLN B 77 -25.95 -0.60 4.71
N GLY B 78 -27.02 -0.90 5.45
CA GLY B 78 -26.82 -1.46 6.78
C GLY B 78 -27.83 -1.01 7.83
N LYS B 79 -27.41 -1.04 9.08
CA LYS B 79 -28.27 -0.65 10.21
C LYS B 79 -27.78 -1.27 11.52
N TRP B 80 -28.62 -1.14 12.55
CA TRP B 80 -28.35 -1.73 13.86
C TRP B 80 -29.68 -1.98 14.55
N GLU B 81 -29.73 -3.06 15.33
CA GLU B 81 -30.93 -3.45 16.08
C GLU B 81 -30.49 -3.58 17.51
N GLY B 82 -31.39 -3.32 18.44
CA GLY B 82 -31.02 -3.42 19.84
C GLY B 82 -32.17 -3.51 20.81
N GLU B 83 -31.82 -3.52 22.09
CA GLU B 83 -32.80 -3.61 23.16
C GLU B 83 -32.68 -2.35 23.99
N LEU B 84 -33.82 -1.73 24.27
CA LEU B 84 -33.85 -0.49 25.04
C LEU B 84 -33.80 -0.72 26.53
N GLY B 85 -33.17 0.21 27.24
CA GLY B 85 -33.06 0.16 28.68
C GLY B 85 -32.51 1.50 29.13
N THR B 86 -32.20 1.63 30.42
CA THR B 86 -31.63 2.88 30.90
C THR B 86 -30.51 2.54 31.87
N ASP B 87 -29.59 3.46 32.05
CA ASP B 87 -28.50 3.24 32.99
C ASP B 87 -27.88 4.61 33.29
N LEU B 88 -26.96 4.62 34.25
CA LEU B 88 -26.28 5.84 34.62
C LEU B 88 -25.15 6.05 33.63
N VAL B 89 -24.96 7.30 33.24
CA VAL B 89 -23.98 7.68 32.24
C VAL B 89 -23.21 8.92 32.69
N SER B 90 -21.90 8.93 32.39
CA SER B 90 -21.01 10.05 32.68
C SER B 90 -20.09 10.28 31.48
N ILE B 91 -19.50 11.46 31.43
CA ILE B 91 -18.55 11.86 30.38
C ILE B 91 -17.33 12.33 31.15
N PRO B 92 -16.33 11.45 31.29
CA PRO B 92 -15.10 11.77 32.03
C PRO B 92 -14.50 13.14 31.71
N HIS B 93 -14.45 13.51 30.45
CA HIS B 93 -13.89 14.80 30.11
C HIS B 93 -15.01 15.72 29.66
N GLY B 94 -16.05 15.76 30.48
CA GLY B 94 -17.22 16.60 30.22
C GLY B 94 -17.66 17.18 31.54
N PRO B 95 -18.89 17.69 31.64
CA PRO B 95 -19.26 18.23 32.95
C PRO B 95 -19.18 17.13 34.00
N ASN B 96 -18.97 17.52 35.24
CA ASN B 96 -18.84 16.54 36.31
C ASN B 96 -20.21 16.10 36.82
N VAL B 97 -20.90 15.31 36.00
CA VAL B 97 -22.22 14.86 36.40
C VAL B 97 -22.48 13.45 35.92
N THR B 98 -23.55 12.88 36.46
CA THR B 98 -23.96 11.54 36.09
C THR B 98 -25.46 11.61 35.88
N VAL B 99 -25.94 11.09 34.76
CA VAL B 99 -27.37 11.11 34.50
C VAL B 99 -27.90 9.74 34.13
N ARG B 100 -29.18 9.52 34.35
CA ARG B 100 -29.79 8.26 33.96
C ARG B 100 -30.39 8.57 32.60
N ALA B 101 -29.94 7.82 31.59
CA ALA B 101 -30.37 8.06 30.22
C ALA B 101 -30.81 6.78 29.52
N ASN B 102 -31.53 6.95 28.41
CA ASN B 102 -31.95 5.82 27.62
C ASN B 102 -30.71 5.30 26.90
N ILE B 103 -30.61 3.99 26.79
CA ILE B 103 -29.48 3.38 26.10
C ILE B 103 -30.00 2.22 25.27
N ALA B 104 -29.64 2.21 24.00
CA ALA B 104 -30.02 1.12 23.10
C ALA B 104 -28.82 0.18 23.08
N ALA B 105 -29.00 -1.04 23.58
CA ALA B 105 -27.92 -2.03 23.60
C ALA B 105 -27.99 -2.71 22.23
N ILE B 106 -27.00 -2.47 21.38
CA ILE B 106 -27.00 -3.03 20.03
C ILE B 106 -26.66 -4.51 20.05
N THR B 107 -27.59 -5.34 19.61
CA THR B 107 -27.38 -6.79 19.58
C THR B 107 -27.05 -7.32 18.18
N GLU B 108 -27.41 -6.56 17.15
CA GLU B 108 -27.11 -6.97 15.77
C GLU B 108 -26.96 -5.72 14.90
N SER B 109 -26.00 -5.74 13.98
CA SER B 109 -25.81 -4.58 13.11
C SER B 109 -25.15 -4.97 11.79
N ASP B 110 -25.36 -4.15 10.77
CA ASP B 110 -24.78 -4.40 9.45
C ASP B 110 -24.13 -3.11 8.94
N LYS B 111 -22.84 -3.16 8.68
CA LYS B 111 -22.10 -2.00 8.18
C LYS B 111 -22.22 -0.79 9.12
N PHE B 112 -22.35 -1.04 10.42
CA PHE B 112 -22.46 0.07 11.38
C PHE B 112 -21.11 0.36 11.99
N PHE B 113 -20.55 -0.64 12.66
CA PHE B 113 -19.24 -0.45 13.27
C PHE B 113 -18.21 -0.48 12.15
N ILE B 114 -17.26 0.44 12.22
CA ILE B 114 -16.21 0.56 11.21
C ILE B 114 -14.92 -0.03 11.73
N ASN B 115 -14.33 -0.93 10.95
CA ASN B 115 -13.08 -1.56 11.35
C ASN B 115 -11.98 -0.50 11.57
N GLY B 116 -11.37 -0.53 12.75
CA GLY B 116 -10.31 0.41 13.06
C GLY B 116 -10.72 1.81 13.50
N SER B 117 -12.03 2.07 13.57
CA SER B 117 -12.53 3.39 13.97
C SER B 117 -12.29 3.73 15.44
N ASN B 118 -12.24 2.70 16.28
CA ASN B 118 -12.03 2.81 17.73
C ASN B 118 -13.23 3.34 18.54
N TRP B 119 -14.41 3.42 17.93
CA TRP B 119 -15.58 3.82 18.71
C TRP B 119 -16.54 2.64 18.83
N GLU B 120 -17.19 2.55 19.99
CA GLU B 120 -18.08 1.43 20.28
C GLU B 120 -19.57 1.73 20.38
N GLY B 121 -19.96 2.98 20.12
CA GLY B 121 -21.35 3.36 20.20
C GLY B 121 -21.51 4.72 19.57
N ILE B 122 -22.73 5.25 19.58
CA ILE B 122 -22.99 6.52 18.95
C ILE B 122 -23.83 7.39 19.86
N LEU B 123 -23.54 8.69 19.87
CA LEU B 123 -24.28 9.63 20.69
C LEU B 123 -25.05 10.58 19.77
N GLY B 124 -26.34 10.31 19.58
CA GLY B 124 -27.18 11.13 18.72
C GLY B 124 -27.54 12.39 19.48
N LEU B 125 -27.06 13.53 18.99
CA LEU B 125 -27.26 14.81 19.65
C LEU B 125 -28.44 15.63 19.10
N ALA B 126 -29.13 15.10 18.10
CA ALA B 126 -30.26 15.79 17.52
C ALA B 126 -31.56 15.59 18.35
N TYR B 127 -32.68 16.08 17.83
CA TYR B 127 -33.92 16.05 18.59
C TYR B 127 -34.78 14.77 18.61
N ALA B 128 -35.61 14.67 19.64
CA ALA B 128 -36.47 13.49 19.84
C ALA B 128 -37.33 13.17 18.63
N GLU B 129 -37.68 14.19 17.87
CA GLU B 129 -38.50 14.03 16.70
C GLU B 129 -37.98 12.92 15.76
N ILE B 130 -36.66 12.74 15.67
CA ILE B 130 -36.12 11.69 14.81
C ILE B 130 -35.52 10.50 15.55
N ALA B 131 -35.78 10.40 16.85
CA ALA B 131 -35.30 9.28 17.64
C ALA B 131 -36.12 8.04 17.25
N ARG B 132 -35.55 6.85 17.47
CA ARG B 132 -36.23 5.59 17.20
C ARG B 132 -36.42 4.92 18.56
N PRO B 133 -37.53 4.16 18.73
CA PRO B 133 -38.59 3.88 17.77
C PRO B 133 -39.49 5.07 17.48
N ASP B 134 -39.52 6.03 18.39
CA ASP B 134 -40.37 7.20 18.21
C ASP B 134 -39.90 8.35 19.11
N ASP B 135 -40.53 9.50 18.97
CA ASP B 135 -40.14 10.66 19.76
C ASP B 135 -40.43 10.57 21.25
N SER B 136 -40.87 9.42 21.73
CA SER B 136 -41.12 9.29 23.17
C SER B 136 -39.82 8.83 23.86
N LEU B 137 -38.83 8.43 23.08
CA LEU B 137 -37.56 7.97 23.64
C LEU B 137 -36.68 9.21 23.80
N GLU B 138 -36.60 9.74 25.02
CA GLU B 138 -35.83 10.94 25.29
C GLU B 138 -34.35 10.83 24.96
N PRO B 139 -33.85 11.69 24.03
CA PRO B 139 -32.43 11.65 23.65
C PRO B 139 -31.55 12.01 24.84
N PHE B 140 -30.28 11.58 24.78
CA PHE B 140 -29.33 11.85 25.85
C PHE B 140 -29.18 13.31 26.27
N PHE B 141 -29.02 14.21 25.31
CA PHE B 141 -28.81 15.61 25.68
C PHE B 141 -29.97 16.20 26.45
N ASP B 142 -31.17 15.79 26.09
CA ASP B 142 -32.38 16.27 26.74
C ASP B 142 -32.37 15.79 28.20
N SER B 143 -31.90 14.57 28.40
CA SER B 143 -31.85 14.00 29.73
C SER B 143 -30.81 14.77 30.55
N LEU B 144 -29.67 15.07 29.93
CA LEU B 144 -28.60 15.80 30.60
C LEU B 144 -29.09 17.17 31.08
N VAL B 145 -29.76 17.90 30.20
CA VAL B 145 -30.25 19.22 30.54
C VAL B 145 -31.34 19.16 31.62
N LYS B 146 -32.25 18.19 31.52
CA LYS B 146 -33.32 18.02 32.50
C LYS B 146 -32.81 17.64 33.88
N GLN B 147 -31.75 16.84 33.93
CA GLN B 147 -31.23 16.34 35.20
C GLN B 147 -30.09 17.09 35.86
N THR B 148 -29.53 18.09 35.19
CA THR B 148 -28.40 18.83 35.74
C THR B 148 -28.55 20.31 35.40
N HIS B 149 -27.52 21.08 35.74
CA HIS B 149 -27.53 22.50 35.43
C HIS B 149 -26.72 22.79 34.14
N VAL B 150 -26.37 21.76 33.38
CA VAL B 150 -25.67 21.99 32.12
C VAL B 150 -26.58 22.81 31.21
N PRO B 151 -26.10 23.97 30.71
CA PRO B 151 -26.89 24.82 29.82
C PRO B 151 -27.29 24.01 28.55
N ASN B 152 -28.45 24.34 27.97
CA ASN B 152 -28.94 23.63 26.78
C ASN B 152 -28.19 24.12 25.54
N LEU B 153 -26.93 23.78 25.49
CA LEU B 153 -26.09 24.20 24.39
C LEU B 153 -24.81 23.39 24.39
N PHE B 154 -24.29 23.09 23.21
CA PHE B 154 -23.02 22.42 23.11
C PHE B 154 -22.34 22.94 21.85
N SER B 155 -21.02 22.84 21.82
CA SER B 155 -20.30 23.34 20.68
C SER B 155 -19.25 22.31 20.26
N LEU B 156 -18.95 22.29 18.96
CA LEU B 156 -18.00 21.33 18.41
C LEU B 156 -16.92 21.93 17.54
N GLN B 157 -15.70 21.52 17.82
CA GLN B 157 -14.54 21.93 17.06
C GLN B 157 -13.97 20.58 16.62
N LEU B 158 -14.20 20.19 15.38
CA LEU B 158 -13.64 18.93 14.90
C LEU B 158 -12.34 19.34 14.17
N CYS B 159 -11.22 18.69 14.50
CA CYS B 159 -9.94 19.03 13.91
C CYS B 159 -9.35 18.00 12.97
N GLY B 160 -9.45 18.24 11.66
CA GLY B 160 -8.84 17.36 10.68
C GLY B 160 -7.35 17.69 10.64
N ALA B 161 -6.52 16.68 10.38
CA ALA B 161 -5.07 16.88 10.38
C ALA B 161 -4.51 17.44 9.08
N GLY B 162 -5.22 17.21 7.98
CA GLY B 162 -4.76 17.68 6.70
C GLY B 162 -3.83 16.68 6.02
N PHE B 163 -3.56 15.56 6.70
CA PHE B 163 -2.73 14.51 6.17
C PHE B 163 -3.24 13.21 6.79
N PRO B 164 -2.87 12.05 6.20
CA PRO B 164 -3.35 10.78 6.76
C PRO B 164 -2.72 10.48 8.11
N LEU B 165 -3.48 9.86 9.01
CA LEU B 165 -2.97 9.54 10.33
C LEU B 165 -2.85 8.03 10.48
N ASN B 166 -1.75 7.56 11.07
CA ASN B 166 -1.59 6.13 11.27
C ASN B 166 -2.39 5.73 12.51
N GLN B 167 -2.46 4.44 12.79
CA GLN B 167 -3.22 3.97 13.94
C GLN B 167 -2.79 4.67 15.21
N SER B 168 -1.48 4.72 15.44
CA SER B 168 -0.96 5.37 16.63
C SER B 168 -1.36 6.83 16.74
N GLU B 169 -1.17 7.56 15.65
CA GLU B 169 -1.48 8.99 15.60
C GLU B 169 -2.97 9.28 15.85
N VAL B 170 -3.85 8.44 15.31
CA VAL B 170 -5.28 8.66 15.50
C VAL B 170 -5.66 8.49 16.96
N LEU B 171 -4.97 7.60 17.66
CA LEU B 171 -5.24 7.34 19.07
C LEU B 171 -4.56 8.36 19.96
N ALA B 172 -3.27 8.57 19.68
CA ALA B 172 -2.43 9.48 20.45
C ALA B 172 -2.61 10.96 20.11
N SER B 173 -3.43 11.28 19.13
CA SER B 173 -3.62 12.70 18.82
C SER B 173 -4.98 13.18 19.33
N VAL B 174 -5.13 14.50 19.42
CA VAL B 174 -6.36 15.10 19.87
C VAL B 174 -7.15 15.60 18.67
N GLY B 175 -8.31 14.98 18.43
CA GLY B 175 -9.11 15.37 17.30
C GLY B 175 -10.07 16.52 17.44
N GLY B 176 -10.01 17.28 18.53
CA GLY B 176 -10.94 18.39 18.68
C GLY B 176 -11.61 18.46 20.03
N SER B 177 -12.67 19.26 20.14
CA SER B 177 -13.38 19.46 21.39
C SER B 177 -14.90 19.51 21.30
N MET B 178 -15.56 18.89 22.27
CA MET B 178 -17.00 18.96 22.36
C MET B 178 -17.17 19.65 23.69
N ILE B 179 -17.50 20.93 23.66
CA ILE B 179 -17.72 21.69 24.87
C ILE B 179 -19.19 21.54 25.21
N ILE B 180 -19.45 20.86 26.31
CA ILE B 180 -20.81 20.62 26.75
C ILE B 180 -21.29 21.69 27.73
N GLY B 181 -22.32 22.43 27.33
CA GLY B 181 -22.86 23.47 28.18
C GLY B 181 -22.37 24.88 27.91
N GLY B 182 -21.43 25.04 26.96
CA GLY B 182 -20.92 26.38 26.70
C GLY B 182 -20.08 26.55 25.45
N ILE B 183 -19.35 27.67 25.44
CA ILE B 183 -18.51 28.09 24.34
C ILE B 183 -17.11 28.43 24.84
N ASP B 184 -16.07 27.90 24.18
CA ASP B 184 -14.71 28.22 24.60
C ASP B 184 -14.07 29.09 23.51
N HIS B 185 -13.70 30.32 23.87
CA HIS B 185 -13.15 31.27 22.93
C HIS B 185 -11.79 30.94 22.36
N SER B 186 -11.09 29.98 22.96
CA SER B 186 -9.80 29.62 22.41
C SER B 186 -9.94 28.72 21.18
N LEU B 187 -11.17 28.28 20.87
CA LEU B 187 -11.37 27.36 19.75
C LEU B 187 -11.67 28.02 18.41
N TYR B 188 -11.83 29.34 18.39
CA TYR B 188 -12.12 30.03 17.15
C TYR B 188 -11.49 31.42 17.08
N THR B 189 -11.55 32.03 15.91
CA THR B 189 -11.02 33.39 15.70
C THR B 189 -12.17 34.15 15.04
N GLY B 190 -12.12 35.47 15.09
CA GLY B 190 -13.18 36.27 14.47
C GLY B 190 -14.50 36.17 15.22
N SER B 191 -15.58 36.54 14.56
CA SER B 191 -16.86 36.51 15.24
C SER B 191 -17.69 35.29 14.89
N LEU B 192 -18.63 35.00 15.78
CA LEU B 192 -19.59 33.92 15.61
C LEU B 192 -20.80 34.47 14.89
N TRP B 193 -21.23 33.83 13.82
CA TRP B 193 -22.44 34.24 13.13
C TRP B 193 -23.46 33.13 13.29
N TYR B 194 -24.70 33.50 13.60
CA TYR B 194 -25.77 32.53 13.81
C TYR B 194 -26.84 32.45 12.74
N THR B 195 -27.25 31.22 12.44
CA THR B 195 -28.32 30.94 11.50
C THR B 195 -29.41 30.24 12.33
N PRO B 196 -30.69 30.52 12.02
CA PRO B 196 -31.76 29.87 12.80
C PRO B 196 -31.88 28.37 12.54
N ILE B 197 -32.30 27.62 13.56
CA ILE B 197 -32.55 26.21 13.39
C ILE B 197 -33.96 26.29 12.84
N ARG B 198 -34.16 25.82 11.62
CA ARG B 198 -35.49 25.92 11.00
C ARG B 198 -36.58 25.16 11.73
N ARG B 199 -36.24 23.94 12.14
CA ARG B 199 -37.16 23.04 12.82
C ARG B 199 -36.28 22.10 13.63
N GLU B 200 -36.74 21.77 14.83
CA GLU B 200 -35.99 20.91 15.73
C GLU B 200 -36.26 19.41 15.54
N TRP B 201 -35.56 18.80 14.60
CA TRP B 201 -35.65 17.36 14.35
C TRP B 201 -34.19 17.09 14.03
N TYR B 202 -33.75 17.31 12.79
CA TYR B 202 -32.32 17.23 12.51
C TYR B 202 -31.93 18.67 12.87
N TYR B 203 -30.64 19.01 12.78
CA TYR B 203 -30.25 20.39 13.02
C TYR B 203 -30.37 20.98 11.60
N GLU B 204 -31.59 21.38 11.24
CA GLU B 204 -31.87 21.90 9.92
C GLU B 204 -31.64 23.40 9.77
N VAL B 205 -30.99 23.78 8.67
CA VAL B 205 -30.72 25.19 8.35
C VAL B 205 -31.14 25.52 6.91
N ILE B 206 -31.03 26.80 6.57
CA ILE B 206 -31.38 27.24 5.24
C ILE B 206 -30.21 27.96 4.59
N ILE B 207 -29.78 27.41 3.46
CA ILE B 207 -28.70 27.96 2.64
C ILE B 207 -29.42 28.81 1.60
N VAL B 208 -28.98 30.06 1.43
CA VAL B 208 -29.63 30.97 0.49
C VAL B 208 -28.85 31.35 -0.78
N ARG B 209 -27.58 30.97 -0.86
CA ARG B 209 -26.74 31.29 -2.03
C ARG B 209 -25.49 30.44 -1.95
N VAL B 210 -24.97 30.01 -3.10
CA VAL B 210 -23.75 29.22 -3.13
C VAL B 210 -22.80 29.82 -4.16
N GLU B 211 -21.52 29.99 -3.79
CA GLU B 211 -20.50 30.51 -4.70
C GLU B 211 -19.30 29.57 -4.79
N ILE B 212 -18.65 29.57 -5.96
CA ILE B 212 -17.44 28.80 -6.21
C ILE B 212 -16.46 29.90 -6.63
N ASN B 213 -15.44 30.16 -5.82
CA ASN B 213 -14.52 31.26 -6.08
C ASN B 213 -15.27 32.58 -6.38
N GLY B 214 -16.27 32.90 -5.55
CA GLY B 214 -17.04 34.12 -5.69
C GLY B 214 -18.09 34.12 -6.81
N GLN B 215 -18.11 33.06 -7.63
CA GLN B 215 -19.06 32.99 -8.72
C GLN B 215 -20.34 32.26 -8.33
N ASP B 216 -21.45 32.98 -8.42
CA ASP B 216 -22.78 32.47 -8.07
C ASP B 216 -23.16 31.24 -8.88
N LEU B 217 -23.60 30.18 -8.19
CA LEU B 217 -24.02 28.96 -8.86
C LEU B 217 -25.34 29.31 -9.54
N LYS B 218 -25.96 30.35 -8.99
CA LYS B 218 -27.20 30.92 -9.49
C LYS B 218 -28.36 29.97 -9.76
N MET B 219 -28.67 29.14 -8.77
CA MET B 219 -29.80 28.22 -8.91
C MET B 219 -30.91 28.79 -8.05
N ASP B 220 -32.13 28.29 -8.25
CA ASP B 220 -33.27 28.70 -7.42
C ASP B 220 -32.83 28.20 -6.02
N CYS B 221 -32.80 29.08 -5.03
CA CYS B 221 -32.31 28.66 -3.73
C CYS B 221 -33.00 27.44 -3.09
N LYS B 222 -34.24 27.16 -3.47
CA LYS B 222 -34.91 25.99 -2.90
C LYS B 222 -34.15 24.74 -3.32
N GLU B 223 -33.36 24.85 -4.38
CA GLU B 223 -32.62 23.67 -4.82
C GLU B 223 -31.53 23.31 -3.81
N TYR B 224 -30.97 24.32 -3.17
CA TYR B 224 -29.90 24.11 -2.18
C TYR B 224 -30.41 23.38 -0.94
N ASN B 225 -31.70 23.50 -0.68
CA ASN B 225 -32.28 22.85 0.49
C ASN B 225 -33.33 21.83 0.07
N TYR B 226 -33.19 21.31 -1.14
CA TYR B 226 -34.16 20.38 -1.66
C TYR B 226 -34.23 19.18 -0.76
N ASP B 227 -35.35 19.23 -0.04
CA ASP B 227 -35.80 18.31 0.96
C ASP B 227 -35.42 18.98 2.26
N LYS B 228 -34.12 19.17 2.48
CA LYS B 228 -33.65 19.80 3.71
C LYS B 228 -32.14 19.97 3.68
N SER B 229 -31.64 20.84 4.56
CA SER B 229 -30.20 21.04 4.69
C SER B 229 -29.91 20.86 6.18
N ILE B 230 -28.95 19.99 6.51
CA ILE B 230 -28.63 19.74 7.92
C ILE B 230 -27.13 19.81 8.21
N VAL B 231 -26.79 19.95 9.48
CA VAL B 231 -25.41 19.98 9.92
C VAL B 231 -25.24 18.61 10.58
N ASP B 232 -24.35 17.78 10.03
CA ASP B 232 -24.22 16.39 10.50
C ASP B 232 -22.79 15.92 10.70
N SER B 233 -22.34 15.88 11.94
CA SER B 233 -20.98 15.43 12.28
C SER B 233 -20.82 13.92 12.07
N GLY B 234 -21.93 13.24 11.83
CA GLY B 234 -21.86 11.80 11.62
C GLY B 234 -21.70 11.43 10.16
N THR B 235 -21.52 12.45 9.33
CA THR B 235 -21.32 12.26 7.89
C THR B 235 -19.96 12.83 7.51
N THR B 236 -19.23 12.13 6.65
CA THR B 236 -17.91 12.59 6.25
C THR B 236 -17.94 13.80 5.31
N ASN B 237 -18.64 13.63 4.19
CA ASN B 237 -18.69 14.63 3.13
C ASN B 237 -19.64 15.81 3.22
N LEU B 238 -19.45 16.71 2.27
CA LEU B 238 -20.36 17.82 2.07
C LEU B 238 -21.23 17.11 1.03
N ARG B 239 -22.49 16.81 1.35
CA ARG B 239 -23.35 16.14 0.38
C ARG B 239 -24.32 17.18 -0.18
N LEU B 240 -24.52 17.15 -1.49
CA LEU B 240 -25.39 18.11 -2.17
C LEU B 240 -26.48 17.46 -3.02
N PRO B 241 -27.68 18.05 -3.08
CA PRO B 241 -28.76 17.47 -3.90
C PRO B 241 -28.20 17.31 -5.31
N LYS B 242 -28.67 16.30 -6.03
CA LYS B 242 -28.18 16.04 -7.39
C LYS B 242 -27.95 17.26 -8.29
N LYS B 243 -28.96 18.10 -8.49
CA LYS B 243 -28.83 19.29 -9.35
C LYS B 243 -27.74 20.25 -8.89
N VAL B 244 -27.67 20.47 -7.58
CA VAL B 244 -26.67 21.35 -7.01
C VAL B 244 -25.31 20.69 -7.17
N PHE B 245 -25.24 19.40 -6.86
CA PHE B 245 -23.98 18.69 -6.99
C PHE B 245 -23.44 18.82 -8.41
N GLU B 246 -24.30 18.57 -9.40
CA GLU B 246 -23.88 18.66 -10.79
C GLU B 246 -23.39 20.04 -11.13
N ALA B 247 -24.11 21.06 -10.69
CA ALA B 247 -23.67 22.42 -10.98
C ALA B 247 -22.36 22.75 -10.26
N ALA B 248 -22.22 22.30 -9.01
CA ALA B 248 -21.01 22.60 -8.25
C ALA B 248 -19.78 21.97 -8.89
N VAL B 249 -19.89 20.68 -9.21
CA VAL B 249 -18.78 19.98 -9.82
C VAL B 249 -18.36 20.61 -11.16
N LYS B 250 -19.33 20.97 -11.97
CA LYS B 250 -18.98 21.59 -13.25
C LYS B 250 -18.16 22.86 -12.99
N SER B 251 -18.59 23.66 -12.02
CA SER B 251 -17.88 24.90 -11.71
C SER B 251 -16.50 24.59 -11.10
N ILE B 252 -16.42 23.62 -10.20
CA ILE B 252 -15.13 23.31 -9.60
C ILE B 252 -14.17 22.79 -10.68
N LYS B 253 -14.67 21.93 -11.57
CA LYS B 253 -13.86 21.40 -12.66
C LYS B 253 -13.30 22.56 -13.51
N ALA B 254 -14.16 23.51 -13.88
CA ALA B 254 -13.70 24.63 -14.70
C ALA B 254 -12.65 25.51 -14.00
N ALA B 255 -12.83 25.75 -12.70
CA ALA B 255 -11.86 26.56 -11.96
C ALA B 255 -10.50 25.85 -11.84
N SER B 256 -10.51 24.53 -11.85
CA SER B 256 -9.28 23.73 -11.71
C SER B 256 -8.76 23.05 -13.00
N SER B 257 -9.29 23.48 -14.14
CA SER B 257 -8.95 22.90 -15.44
C SER B 257 -7.47 22.84 -15.83
N THR B 258 -6.61 23.63 -15.20
CA THR B 258 -5.19 23.58 -15.56
C THR B 258 -4.61 22.19 -15.26
N GLU B 259 -5.38 21.37 -14.55
CA GLU B 259 -4.98 20.00 -14.29
C GLU B 259 -6.20 19.13 -14.50
N LYS B 260 -6.02 17.93 -15.04
CA LYS B 260 -7.16 17.06 -15.28
C LYS B 260 -7.16 15.86 -14.34
N PHE B 261 -8.35 15.40 -13.99
CA PHE B 261 -8.48 14.26 -13.09
C PHE B 261 -9.55 13.32 -13.66
N PRO B 262 -9.38 11.99 -13.45
CA PRO B 262 -10.35 11.01 -13.95
C PRO B 262 -11.76 11.21 -13.37
N ASP B 263 -12.77 10.69 -14.08
CA ASP B 263 -14.15 10.82 -13.60
C ASP B 263 -14.21 10.23 -12.20
N GLY B 264 -13.50 9.12 -12.01
CA GLY B 264 -13.50 8.46 -10.72
C GLY B 264 -13.20 9.39 -9.57
N PHE B 265 -12.39 10.42 -9.81
CA PHE B 265 -12.04 11.38 -8.78
C PHE B 265 -13.26 12.20 -8.40
N TRP B 266 -13.89 12.83 -9.39
CA TRP B 266 -15.07 13.65 -9.14
C TRP B 266 -16.23 12.87 -8.55
N LEU B 267 -16.19 11.56 -8.71
CA LEU B 267 -17.22 10.69 -8.16
C LEU B 267 -16.89 10.31 -6.71
N GLY B 268 -15.78 10.83 -6.20
CA GLY B 268 -15.36 10.55 -4.84
C GLY B 268 -14.94 9.10 -4.62
N GLU B 269 -14.67 8.40 -5.71
CA GLU B 269 -14.28 7.00 -5.63
C GLU B 269 -12.78 6.77 -5.58
N GLN B 270 -12.02 7.50 -6.39
CA GLN B 270 -10.59 7.28 -6.36
C GLN B 270 -9.76 8.51 -6.00
N LEU B 271 -8.63 8.23 -5.38
CA LEU B 271 -7.76 9.29 -4.94
C LEU B 271 -6.94 9.95 -6.05
N VAL B 272 -6.41 11.12 -5.75
CA VAL B 272 -5.54 11.84 -6.66
C VAL B 272 -4.31 12.07 -5.80
N CYS B 273 -3.15 11.98 -6.42
CA CYS B 273 -1.90 12.14 -5.69
C CYS B 273 -0.97 13.15 -6.31
N TRP B 274 -0.13 13.74 -5.47
CA TRP B 274 0.88 14.70 -5.89
C TRP B 274 2.12 14.36 -5.11
N GLN B 275 3.28 14.63 -5.70
CA GLN B 275 4.54 14.40 -5.02
C GLN B 275 4.51 15.19 -3.72
N ALA B 276 5.07 14.58 -2.67
CA ALA B 276 5.10 15.18 -1.33
C ALA B 276 5.24 16.70 -1.31
N GLY B 277 4.31 17.38 -0.67
CA GLY B 277 4.38 18.82 -0.54
C GLY B 277 3.94 19.66 -1.73
N THR B 278 3.62 19.04 -2.86
CA THR B 278 3.22 19.80 -4.03
C THR B 278 1.73 19.93 -4.38
N THR B 279 0.84 19.54 -3.47
CA THR B 279 -0.59 19.66 -3.77
C THR B 279 -0.85 21.10 -4.24
N PRO B 280 -1.35 21.27 -5.47
CA PRO B 280 -1.60 22.62 -5.97
C PRO B 280 -2.89 23.22 -5.40
N TRP B 281 -2.91 23.48 -4.10
CA TRP B 281 -4.10 24.03 -3.48
C TRP B 281 -4.69 25.23 -4.23
N ASN B 282 -3.82 26.16 -4.64
CA ASN B 282 -4.24 27.37 -5.31
C ASN B 282 -5.08 27.19 -6.57
N ILE B 283 -4.98 26.05 -7.25
CA ILE B 283 -5.77 25.89 -8.47
C ILE B 283 -7.21 25.55 -8.15
N PHE B 284 -7.46 25.04 -6.94
CA PHE B 284 -8.82 24.67 -6.53
C PHE B 284 -9.53 25.88 -5.91
N PRO B 285 -10.81 26.06 -6.22
CA PRO B 285 -11.60 27.19 -5.71
C PRO B 285 -12.11 27.03 -4.29
N VAL B 286 -12.41 28.17 -3.67
CA VAL B 286 -13.01 28.12 -2.34
C VAL B 286 -14.49 27.96 -2.61
N ILE B 287 -15.23 27.51 -1.61
CA ILE B 287 -16.67 27.31 -1.75
C ILE B 287 -17.34 28.07 -0.62
N SER B 288 -18.28 28.95 -0.96
CA SER B 288 -18.99 29.73 0.05
C SER B 288 -20.46 29.34 0.09
N LEU B 289 -20.94 29.10 1.31
CA LEU B 289 -22.33 28.77 1.53
C LEU B 289 -22.91 29.93 2.33
N TYR B 290 -23.95 30.58 1.81
CA TYR B 290 -24.58 31.69 2.52
C TYR B 290 -25.73 31.08 3.34
N LEU B 291 -25.83 31.48 4.59
CA LEU B 291 -26.87 30.96 5.47
C LEU B 291 -27.79 32.10 5.90
N MET B 292 -29.06 31.78 6.11
CA MET B 292 -30.02 32.76 6.57
C MET B 292 -29.49 33.26 7.90
N GLY B 293 -29.57 34.57 8.12
CA GLY B 293 -29.11 35.13 9.37
C GLY B 293 -30.27 35.27 10.36
N GLU B 294 -29.99 35.80 11.55
CA GLU B 294 -31.02 35.99 12.56
C GLU B 294 -31.80 37.29 12.33
N VAL B 295 -31.13 38.29 11.76
CA VAL B 295 -31.77 39.57 11.45
C VAL B 295 -32.54 39.44 10.14
N THR B 296 -33.76 39.98 10.10
CA THR B 296 -34.57 39.91 8.87
C THR B 296 -33.80 40.42 7.66
N ASN B 297 -33.95 39.72 6.54
CA ASN B 297 -33.29 40.08 5.29
C ASN B 297 -31.78 40.11 5.39
N GLN B 298 -31.23 39.42 6.37
CA GLN B 298 -29.80 39.38 6.55
C GLN B 298 -29.25 37.97 6.44
N SER B 299 -28.11 37.82 5.77
CA SER B 299 -27.47 36.50 5.66
C SER B 299 -25.96 36.67 5.91
N PHE B 300 -25.26 35.56 6.10
CA PHE B 300 -23.82 35.61 6.28
C PHE B 300 -23.27 34.42 5.49
N ARG B 301 -21.95 34.29 5.36
CA ARG B 301 -21.46 33.16 4.60
C ARG B 301 -20.30 32.47 5.28
N ILE B 302 -20.18 31.18 5.01
CA ILE B 302 -19.06 30.41 5.51
C ILE B 302 -18.29 29.97 4.26
N THR B 303 -16.98 30.13 4.29
CA THR B 303 -16.15 29.77 3.14
C THR B 303 -15.13 28.70 3.51
N ILE B 304 -15.15 27.60 2.77
CA ILE B 304 -14.20 26.50 3.01
C ILE B 304 -13.19 26.44 1.89
N LEU B 305 -12.08 25.78 2.19
CA LEU B 305 -11.00 25.65 1.23
C LEU B 305 -10.88 24.24 0.69
N PRO B 306 -10.04 24.05 -0.35
CA PRO B 306 -9.90 22.67 -0.86
C PRO B 306 -9.26 21.87 0.30
N GLN B 307 -8.56 22.55 1.22
CA GLN B 307 -7.98 21.83 2.35
C GLN B 307 -9.10 21.18 3.15
N GLN B 308 -10.32 21.68 3.01
CA GLN B 308 -11.43 21.02 3.69
C GLN B 308 -12.09 19.98 2.76
N TYR B 309 -12.44 20.34 1.53
CA TYR B 309 -13.13 19.39 0.67
C TYR B 309 -12.33 18.30 -0.05
N LEU B 310 -11.00 18.32 0.10
CA LEU B 310 -10.14 17.24 -0.43
C LEU B 310 -9.74 16.48 0.83
N ARG B 311 -10.26 15.28 1.00
CA ARG B 311 -9.94 14.50 2.19
C ARG B 311 -8.64 13.68 2.08
N PRO B 312 -7.70 13.89 3.00
CA PRO B 312 -6.41 13.17 3.00
C PRO B 312 -6.62 11.66 3.20
N VAL B 313 -6.00 10.87 2.34
CA VAL B 313 -6.09 9.40 2.44
C VAL B 313 -4.69 8.87 2.15
N GLU B 314 -4.32 7.77 2.76
CA GLU B 314 -2.99 7.25 2.54
C GLU B 314 -2.86 6.73 1.13
N ASP B 315 -1.66 6.88 0.60
CA ASP B 315 -1.29 6.46 -0.75
C ASP B 315 -1.47 4.95 -0.89
N VAL B 316 -2.14 4.50 -1.94
CA VAL B 316 -2.30 3.06 -2.16
C VAL B 316 -0.89 2.50 -2.44
N ALA B 317 0.01 3.37 -2.89
CA ALA B 317 1.39 2.99 -3.17
C ALA B 317 2.23 3.46 -1.98
N THR B 318 3.26 2.69 -1.64
CA THR B 318 4.14 3.01 -0.52
C THR B 318 4.95 4.29 -0.69
N SER B 319 4.47 5.21 -1.53
CA SER B 319 5.19 6.45 -1.80
C SER B 319 5.06 7.52 -0.71
N GLN B 320 5.76 8.63 -0.92
CA GLN B 320 5.75 9.79 -0.01
C GLN B 320 4.74 10.81 -0.53
N ASP B 321 3.95 10.40 -1.51
CA ASP B 321 2.96 11.28 -2.12
C ASP B 321 1.84 11.68 -1.17
N ASP B 322 1.29 12.86 -1.42
CA ASP B 322 0.18 13.38 -0.63
C ASP B 322 -1.04 13.11 -1.50
N CYS B 323 -1.94 12.23 -1.04
CA CYS B 323 -3.12 11.85 -1.79
C CYS B 323 -4.45 12.26 -1.13
N TYR B 324 -5.51 12.41 -1.93
CA TYR B 324 -6.82 12.82 -1.41
C TYR B 324 -7.98 12.29 -2.23
N LYS B 325 -9.17 12.26 -1.61
CA LYS B 325 -10.39 11.91 -2.31
C LYS B 325 -11.23 13.19 -2.26
N PHE B 326 -12.09 13.35 -3.27
CA PHE B 326 -12.97 14.49 -3.38
C PHE B 326 -14.08 14.23 -2.37
N ALA B 327 -14.17 15.04 -1.34
CA ALA B 327 -15.16 14.83 -0.28
C ALA B 327 -16.47 15.61 -0.44
N ILE B 328 -16.91 15.74 -1.69
CA ILE B 328 -18.17 16.38 -2.00
C ILE B 328 -18.90 15.30 -2.82
N SER B 329 -20.12 14.95 -2.43
CA SER B 329 -20.82 13.92 -3.18
C SER B 329 -22.29 14.23 -3.25
N GLN B 330 -23.01 13.54 -4.12
CA GLN B 330 -24.43 13.81 -4.25
C GLN B 330 -25.27 13.15 -3.21
N SER B 331 -26.40 13.78 -2.95
CA SER B 331 -27.34 13.32 -1.94
C SER B 331 -28.74 13.31 -2.53
N SER B 332 -29.55 12.35 -2.10
CA SER B 332 -30.92 12.28 -2.56
C SER B 332 -31.79 12.67 -1.38
N THR B 333 -31.15 13.14 -0.30
CA THR B 333 -31.88 13.53 0.89
C THR B 333 -31.52 14.91 1.40
N GLY B 334 -31.17 15.80 0.49
CA GLY B 334 -30.86 17.17 0.88
C GLY B 334 -29.38 17.43 1.10
N THR B 335 -29.07 18.66 1.44
CA THR B 335 -27.68 19.01 1.69
C THR B 335 -27.25 18.53 3.06
N VAL B 336 -26.04 18.00 3.14
CA VAL B 336 -25.52 17.55 4.41
C VAL B 336 -24.17 18.24 4.61
N MET B 337 -24.06 19.05 5.65
CA MET B 337 -22.79 19.70 5.93
C MET B 337 -22.11 18.73 6.88
N GLY B 338 -21.31 17.85 6.29
CA GLY B 338 -20.63 16.83 7.05
C GLY B 338 -19.39 17.28 7.77
N ALA B 339 -18.63 16.30 8.24
CA ALA B 339 -17.41 16.56 9.01
C ALA B 339 -16.43 17.41 8.26
N VAL B 340 -16.33 17.16 6.97
CA VAL B 340 -15.40 17.85 6.11
C VAL B 340 -15.66 19.37 6.14
N ILE B 341 -16.92 19.75 6.26
CA ILE B 341 -17.27 21.15 6.37
C ILE B 341 -17.06 21.62 7.83
N MET B 342 -17.49 20.81 8.80
CA MET B 342 -17.33 21.18 10.20
C MET B 342 -15.87 21.37 10.63
N GLU B 343 -14.93 20.67 9.98
CA GLU B 343 -13.52 20.78 10.32
C GLU B 343 -13.04 22.22 10.05
N GLY B 344 -13.78 22.98 9.26
CA GLY B 344 -13.32 24.32 9.01
C GLY B 344 -13.81 25.33 10.04
N PHE B 345 -14.82 24.96 10.81
CA PHE B 345 -15.42 25.90 11.77
C PHE B 345 -15.68 25.37 13.16
N TYR B 346 -15.84 26.32 14.08
CA TYR B 346 -16.21 26.02 15.43
C TYR B 346 -17.71 26.16 15.27
N VAL B 347 -18.46 25.11 15.61
CA VAL B 347 -19.90 25.15 15.43
C VAL B 347 -20.64 25.06 16.76
N VAL B 348 -21.49 26.05 17.01
CA VAL B 348 -22.22 26.13 18.27
C VAL B 348 -23.68 25.73 18.07
N PHE B 349 -24.07 24.63 18.70
CA PHE B 349 -25.46 24.14 18.63
C PHE B 349 -26.18 24.72 19.84
N ASP B 350 -26.67 25.94 19.66
CA ASP B 350 -27.36 26.71 20.69
C ASP B 350 -28.82 26.32 20.66
N ARG B 351 -29.15 25.22 21.31
CA ARG B 351 -30.53 24.73 21.35
C ARG B 351 -31.43 25.70 22.14
N ALA B 352 -30.87 26.33 23.17
CA ALA B 352 -31.64 27.25 24.00
C ALA B 352 -32.20 28.42 23.17
N ARG B 353 -31.39 28.98 22.27
CA ARG B 353 -31.86 30.08 21.43
C ARG B 353 -32.18 29.60 20.01
N LYS B 354 -32.32 28.29 19.87
CA LYS B 354 -32.69 27.69 18.59
C LYS B 354 -31.87 28.24 17.41
N ARG B 355 -30.56 28.20 17.51
CA ARG B 355 -29.72 28.71 16.45
C ARG B 355 -28.41 27.99 16.45
N ILE B 356 -27.73 28.03 15.30
CA ILE B 356 -26.44 27.40 15.15
C ILE B 356 -25.44 28.47 14.79
N GLY B 357 -24.34 28.52 15.54
CA GLY B 357 -23.31 29.53 15.31
C GLY B 357 -22.08 28.96 14.61
N PHE B 358 -21.50 29.79 13.74
CA PHE B 358 -20.30 29.43 12.99
C PHE B 358 -19.22 30.52 13.14
N ALA B 359 -18.00 30.08 13.44
CA ALA B 359 -16.83 30.96 13.53
C ALA B 359 -15.70 30.15 12.90
N VAL B 360 -14.68 30.84 12.40
CA VAL B 360 -13.53 30.16 11.79
C VAL B 360 -12.86 29.36 12.89
N SER B 361 -12.55 28.11 12.61
CA SER B 361 -11.92 27.26 13.62
C SER B 361 -10.42 27.51 13.81
N ALA B 362 -10.00 27.54 15.07
CA ALA B 362 -8.60 27.75 15.41
C ALA B 362 -7.77 26.53 14.95
N CYS B 363 -8.43 25.46 14.52
CA CYS B 363 -7.66 24.31 14.07
C CYS B 363 -7.97 23.92 12.62
N HIS B 364 -8.49 24.85 11.83
CA HIS B 364 -8.77 24.47 10.43
C HIS B 364 -7.48 24.44 9.62
N VAL B 365 -7.39 23.50 8.68
CA VAL B 365 -6.21 23.38 7.81
C VAL B 365 -6.27 24.43 6.69
N HIS B 366 -5.17 25.14 6.47
CA HIS B 366 -5.12 26.13 5.39
C HIS B 366 -3.67 26.30 4.91
N ASP B 367 -3.41 27.37 4.14
CA ASP B 367 -2.06 27.64 3.67
C ASP B 367 -1.77 29.13 3.92
N GLU B 368 -0.63 29.63 3.46
CA GLU B 368 -0.28 31.02 3.69
C GLU B 368 -1.09 32.05 2.93
N PHE B 369 -1.80 31.62 1.89
CA PHE B 369 -2.52 32.59 1.09
C PHE B 369 -4.00 32.69 1.34
N ARG B 370 -4.62 31.64 1.86
CA ARG B 370 -6.06 31.60 2.09
C ARG B 370 -6.39 30.91 3.40
N THR B 371 -7.46 31.37 4.06
CA THR B 371 -7.95 30.73 5.29
C THR B 371 -9.46 30.57 5.10
N ALA B 372 -10.08 29.72 5.92
CA ALA B 372 -11.53 29.55 5.86
C ALA B 372 -12.08 30.89 6.40
N ALA B 373 -13.36 31.15 6.19
CA ALA B 373 -13.90 32.41 6.67
C ALA B 373 -15.38 32.37 7.01
N VAL B 374 -15.78 33.25 7.93
CA VAL B 374 -17.18 33.43 8.26
C VAL B 374 -17.35 34.95 8.23
N GLU B 375 -18.08 35.43 7.24
CA GLU B 375 -18.24 36.85 7.02
C GLU B 375 -19.69 37.29 6.84
N GLY B 376 -19.99 38.51 7.26
CA GLY B 376 -21.35 39.03 7.14
C GLY B 376 -21.39 40.53 7.45
N PRO B 377 -22.54 41.20 7.31
CA PRO B 377 -23.81 40.59 6.87
C PRO B 377 -24.04 40.90 5.40
N PHE B 378 -24.99 40.23 4.78
CA PHE B 378 -25.31 40.50 3.39
C PHE B 378 -26.81 40.73 3.31
N VAL B 379 -27.24 41.77 2.60
CA VAL B 379 -28.66 41.99 2.44
C VAL B 379 -29.15 40.92 1.47
N THR B 380 -30.07 40.09 1.92
CA THR B 380 -30.63 39.01 1.10
C THR B 380 -32.14 38.97 1.35
N LEU B 381 -32.91 38.80 0.27
CA LEU B 381 -34.37 38.81 0.37
C LEU B 381 -35.06 37.46 0.26
N ASP B 382 -36.32 37.45 0.70
CA ASP B 382 -37.20 36.27 0.66
C ASP B 382 -36.49 34.95 0.99
N MET B 383 -35.60 34.99 1.96
CA MET B 383 -34.87 33.79 2.33
C MET B 383 -35.81 32.66 2.79
N GLU B 384 -36.89 33.01 3.46
CA GLU B 384 -37.84 32.01 3.92
C GLU B 384 -38.27 31.11 2.76
N ASP B 385 -38.27 31.67 1.55
CA ASP B 385 -38.68 30.92 0.37
C ASP B 385 -37.65 29.92 -0.13
N CYS B 386 -36.47 29.93 0.48
CA CYS B 386 -35.43 29.00 0.10
C CYS B 386 -35.71 27.64 0.73
N GLY B 387 -36.57 27.66 1.75
CA GLY B 387 -36.92 26.44 2.44
C GLY B 387 -37.90 25.59 1.66
N TYR B 388 -37.66 24.29 1.66
CA TYR B 388 -38.50 23.35 0.95
C TYR B 388 -39.62 22.89 1.87
N ASN B 389 -40.81 22.67 1.30
CA ASN B 389 -41.97 22.24 2.08
C ASN B 389 -42.60 20.94 1.57
N GLY C 1 -16.64 -38.31 -22.16
CA GLY C 1 -17.22 -37.00 -21.76
C GLY C 1 -16.41 -35.80 -22.24
N SER C 2 -16.96 -35.09 -23.22
CA SER C 2 -16.33 -33.90 -23.79
C SER C 2 -17.41 -32.85 -24.09
N PHE C 3 -17.36 -31.74 -23.36
CA PHE C 3 -18.34 -30.66 -23.52
C PHE C 3 -17.64 -29.31 -23.61
N VAL C 4 -16.71 -29.21 -24.56
CA VAL C 4 -15.93 -28.01 -24.79
C VAL C 4 -16.69 -26.70 -24.71
N GLU C 5 -17.94 -26.72 -25.17
CA GLU C 5 -18.75 -25.51 -25.16
C GLU C 5 -19.07 -25.01 -23.74
N MET C 6 -19.06 -25.92 -22.76
CA MET C 6 -19.36 -25.56 -21.38
C MET C 6 -18.14 -25.48 -20.45
N VAL C 7 -17.00 -26.00 -20.89
CA VAL C 7 -15.80 -25.93 -20.08
C VAL C 7 -15.42 -24.47 -19.93
N ASP C 8 -15.05 -24.06 -18.70
CA ASP C 8 -14.65 -22.69 -18.42
C ASP C 8 -15.77 -21.63 -18.56
N ASN C 9 -17.02 -22.03 -18.32
CA ASN C 9 -18.12 -21.09 -18.41
C ASN C 9 -18.44 -20.37 -17.09
N LEU C 10 -17.67 -20.60 -16.03
CA LEU C 10 -17.92 -19.91 -14.76
C LEU C 10 -16.88 -18.82 -14.47
N ARG C 11 -17.30 -17.89 -13.62
CA ARG C 11 -16.43 -16.81 -13.15
C ARG C 11 -16.83 -16.58 -11.70
N GLY C 12 -15.93 -15.95 -10.94
CA GLY C 12 -16.22 -15.66 -9.55
C GLY C 12 -15.17 -16.24 -8.62
N LYS C 13 -15.50 -16.32 -7.34
CA LYS C 13 -14.56 -16.84 -6.35
C LYS C 13 -15.34 -17.29 -5.11
N SER C 14 -14.72 -18.05 -4.22
CA SER C 14 -15.45 -18.55 -3.06
C SER C 14 -16.15 -17.53 -2.17
N GLY C 15 -15.54 -16.35 -2.00
CA GLY C 15 -16.14 -15.35 -1.12
C GLY C 15 -17.39 -14.65 -1.62
N GLN C 16 -17.53 -14.58 -2.95
CA GLN C 16 -18.67 -13.91 -3.59
C GLN C 16 -19.50 -14.85 -4.47
N GLY C 17 -19.09 -16.12 -4.56
CA GLY C 17 -19.82 -17.08 -5.36
C GLY C 17 -19.33 -17.17 -6.80
N TYR C 18 -19.66 -18.28 -7.46
CA TYR C 18 -19.31 -18.52 -8.85
C TYR C 18 -20.58 -18.40 -9.67
N TYR C 19 -20.52 -17.72 -10.81
CA TYR C 19 -21.70 -17.51 -11.64
C TYR C 19 -21.52 -17.89 -13.12
N VAL C 20 -22.64 -18.10 -13.79
CA VAL C 20 -22.66 -18.46 -15.21
C VAL C 20 -23.57 -17.45 -15.93
N GLU C 21 -23.29 -17.20 -17.20
CA GLU C 21 -24.12 -16.27 -17.94
C GLU C 21 -25.39 -16.99 -18.39
N MET C 22 -26.52 -16.28 -18.30
CA MET C 22 -27.79 -16.82 -18.75
C MET C 22 -28.52 -15.67 -19.43
N THR C 23 -29.56 -15.97 -20.19
CA THR C 23 -30.38 -14.90 -20.77
C THR C 23 -31.80 -15.25 -20.42
N VAL C 24 -32.62 -14.23 -20.16
CA VAL C 24 -34.03 -14.46 -19.86
C VAL C 24 -34.85 -13.52 -20.74
N GLY C 25 -36.04 -13.97 -21.11
CA GLY C 25 -36.93 -13.14 -21.90
C GLY C 25 -36.67 -13.06 -23.38
N SER C 26 -37.58 -12.36 -24.08
CA SER C 26 -37.49 -12.19 -25.52
C SER C 26 -37.73 -10.71 -25.86
N PRO C 27 -36.74 -10.03 -26.46
CA PRO C 27 -35.43 -10.59 -26.85
C PRO C 27 -34.59 -10.93 -25.60
N PRO C 28 -33.55 -11.77 -25.74
CA PRO C 28 -32.71 -12.17 -24.61
C PRO C 28 -32.11 -11.04 -23.79
N GLN C 29 -32.27 -11.11 -22.48
CA GLN C 29 -31.68 -10.12 -21.59
C GLN C 29 -30.59 -10.93 -20.89
N THR C 30 -29.35 -10.47 -21.01
CA THR C 30 -28.24 -11.18 -20.40
C THR C 30 -28.04 -10.83 -18.95
N LEU C 31 -27.82 -11.85 -18.14
CA LEU C 31 -27.59 -11.67 -16.70
C LEU C 31 -26.61 -12.74 -16.21
N ASN C 32 -25.81 -12.37 -15.21
CA ASN C 32 -24.88 -13.31 -14.61
C ASN C 32 -25.62 -13.91 -13.44
N ILE C 33 -25.60 -15.23 -13.36
CA ILE C 33 -26.35 -15.91 -12.33
C ILE C 33 -25.50 -16.82 -11.46
N LEU C 34 -25.58 -16.63 -10.14
CA LEU C 34 -24.84 -17.44 -9.18
C LEU C 34 -25.34 -18.88 -9.20
N VAL C 35 -24.43 -19.83 -9.32
CA VAL C 35 -24.78 -21.24 -9.33
C VAL C 35 -24.86 -21.66 -7.86
N ASP C 36 -26.05 -22.03 -7.39
CA ASP C 36 -26.25 -22.39 -5.99
C ASP C 36 -26.89 -23.75 -5.71
N THR C 37 -26.08 -24.74 -5.36
CA THR C 37 -26.62 -26.06 -5.07
C THR C 37 -27.28 -26.12 -3.71
N GLY C 38 -27.23 -25.03 -2.95
CA GLY C 38 -27.87 -25.00 -1.63
C GLY C 38 -29.29 -24.41 -1.56
N SER C 39 -29.90 -24.16 -2.71
CA SER C 39 -31.28 -23.64 -2.74
C SER C 39 -31.96 -24.14 -4.04
N SER C 40 -33.23 -23.80 -4.22
CA SER C 40 -33.95 -24.29 -5.39
C SER C 40 -34.77 -23.26 -6.15
N ASN C 41 -34.57 -21.98 -5.87
CA ASN C 41 -35.31 -20.96 -6.62
C ASN C 41 -34.44 -20.26 -7.65
N PHE C 42 -35.01 -19.99 -8.81
CA PHE C 42 -34.31 -19.23 -9.85
C PHE C 42 -34.86 -17.82 -9.64
N ALA C 43 -33.99 -16.87 -9.33
CA ALA C 43 -34.42 -15.51 -9.07
C ALA C 43 -33.42 -14.50 -9.57
N VAL C 44 -33.94 -13.39 -10.08
CA VAL C 44 -33.10 -12.35 -10.64
C VAL C 44 -33.50 -10.95 -10.16
N GLY C 45 -32.52 -10.07 -10.07
CA GLY C 45 -32.81 -8.71 -9.68
C GLY C 45 -33.73 -8.18 -10.77
N ALA C 46 -34.82 -7.52 -10.39
CA ALA C 46 -35.76 -7.00 -11.40
C ALA C 46 -36.14 -5.54 -11.21
N ALA C 47 -35.29 -4.79 -10.51
CA ALA C 47 -35.51 -3.36 -10.26
C ALA C 47 -34.13 -2.78 -9.95
N PRO C 48 -33.94 -1.47 -10.15
CA PRO C 48 -32.62 -0.90 -9.84
C PRO C 48 -32.13 -1.13 -8.41
N HIS C 49 -30.84 -1.38 -8.29
CA HIS C 49 -30.24 -1.61 -6.99
C HIS C 49 -28.82 -1.09 -7.07
N PRO C 50 -28.29 -0.52 -5.97
CA PRO C 50 -26.94 0.04 -5.93
C PRO C 50 -25.85 -0.93 -6.42
N PHE C 51 -26.01 -2.21 -6.09
CA PHE C 51 -25.02 -3.23 -6.46
C PHE C 51 -25.34 -3.98 -7.75
N LEU C 52 -26.31 -3.49 -8.51
CA LEU C 52 -26.70 -4.14 -9.76
C LEU C 52 -26.45 -3.27 -10.99
N HIS C 53 -25.65 -3.75 -11.93
CA HIS C 53 -25.36 -3.01 -13.15
C HIS C 53 -26.53 -3.19 -14.11
N ARG C 54 -27.18 -4.35 -14.00
CA ARG C 54 -28.32 -4.66 -14.84
C ARG C 54 -29.32 -5.51 -14.09
N TYR C 55 -30.53 -5.60 -14.61
CA TYR C 55 -31.59 -6.38 -13.99
C TYR C 55 -32.65 -6.74 -15.01
N TYR C 56 -33.50 -7.67 -14.62
CA TYR C 56 -34.58 -8.19 -15.45
C TYR C 56 -35.70 -7.19 -15.66
N GLN C 57 -35.98 -6.86 -16.92
CA GLN C 57 -37.05 -5.93 -17.25
C GLN C 57 -38.19 -6.70 -17.92
N ARG C 58 -39.14 -7.12 -17.10
CA ARG C 58 -40.28 -7.91 -17.56
C ARG C 58 -41.11 -7.23 -18.67
N GLN C 59 -41.30 -5.93 -18.57
CA GLN C 59 -42.06 -5.19 -19.57
C GLN C 59 -41.45 -5.25 -20.96
N LEU C 60 -40.15 -5.54 -21.06
CA LEU C 60 -39.52 -5.63 -22.38
C LEU C 60 -39.50 -7.05 -22.95
N SER C 61 -39.99 -8.02 -22.19
CA SER C 61 -39.99 -9.40 -22.68
C SER C 61 -41.37 -9.78 -23.19
N SER C 62 -41.42 -10.18 -24.46
CA SER C 62 -42.68 -10.55 -25.08
C SER C 62 -43.18 -11.90 -24.57
N THR C 63 -42.29 -12.68 -23.98
CA THR C 63 -42.65 -14.00 -23.47
C THR C 63 -42.89 -14.08 -21.98
N TYR C 64 -42.81 -12.95 -21.30
CA TYR C 64 -43.04 -12.90 -19.85
C TYR C 64 -44.48 -13.29 -19.48
N ARG C 65 -44.61 -14.12 -18.44
CA ARG C 65 -45.93 -14.55 -17.93
C ARG C 65 -46.02 -14.19 -16.44
N ASP C 66 -47.03 -13.41 -16.06
CA ASP C 66 -47.24 -12.99 -14.67
C ASP C 66 -48.05 -13.99 -13.86
N LEU C 67 -47.42 -14.65 -12.89
CA LEU C 67 -48.13 -15.61 -12.04
C LEU C 67 -48.91 -14.89 -10.94
N ARG C 68 -48.82 -13.58 -10.90
CA ARG C 68 -49.54 -12.77 -9.92
C ARG C 68 -49.46 -13.36 -8.52
N LYS C 69 -48.25 -13.71 -8.08
CA LYS C 69 -48.09 -14.28 -6.74
C LYS C 69 -46.73 -13.88 -6.21
N GLY C 70 -46.70 -13.46 -4.95
CA GLY C 70 -45.44 -13.04 -4.34
C GLY C 70 -44.67 -14.22 -3.76
N VAL C 71 -43.40 -13.98 -3.44
CA VAL C 71 -42.57 -15.02 -2.86
C VAL C 71 -41.50 -14.39 -1.97
N TYR C 72 -41.16 -15.09 -0.90
CA TYR C 72 -40.16 -14.64 0.05
C TYR C 72 -39.12 -15.74 0.28
N VAL C 73 -37.85 -15.41 0.19
CA VAL C 73 -36.81 -16.42 0.40
C VAL C 73 -35.71 -15.99 1.36
N PRO C 74 -35.57 -16.71 2.49
CA PRO C 74 -34.54 -16.41 3.49
C PRO C 74 -33.40 -17.44 3.40
N TYR C 75 -32.16 -16.95 3.32
CA TYR C 75 -30.99 -17.83 3.25
C TYR C 75 -30.26 -17.73 4.58
N THR C 76 -29.25 -18.58 4.78
CA THR C 76 -28.48 -18.56 6.02
C THR C 76 -28.07 -17.11 6.25
N GLN C 77 -27.69 -16.41 5.20
CA GLN C 77 -27.38 -14.99 5.28
C GLN C 77 -27.89 -14.35 3.99
N GLY C 78 -28.76 -13.37 4.15
CA GLY C 78 -29.31 -12.72 2.98
C GLY C 78 -30.74 -13.20 2.78
N LYS C 79 -31.55 -12.33 2.20
CA LYS C 79 -32.95 -12.65 1.93
C LYS C 79 -33.49 -11.68 0.90
N TRP C 80 -34.55 -12.09 0.23
CA TRP C 80 -35.17 -11.26 -0.78
C TRP C 80 -36.62 -11.61 -0.92
N GLU C 81 -37.37 -10.69 -1.51
CA GLU C 81 -38.80 -10.86 -1.79
C GLU C 81 -38.96 -10.52 -3.26
N GLY C 82 -39.88 -11.19 -3.93
CA GLY C 82 -40.08 -10.91 -5.34
C GLY C 82 -41.45 -11.31 -5.82
N GLU C 83 -41.65 -11.25 -7.13
CA GLU C 83 -42.91 -11.58 -7.78
C GLU C 83 -42.67 -12.72 -8.75
N LEU C 84 -43.50 -13.75 -8.64
CA LEU C 84 -43.34 -14.92 -9.48
C LEU C 84 -43.92 -14.78 -10.87
N GLY C 85 -43.32 -15.51 -11.81
CA GLY C 85 -43.76 -15.49 -13.19
C GLY C 85 -42.92 -16.50 -13.95
N THR C 86 -43.12 -16.62 -15.27
CA THR C 86 -42.28 -17.54 -16.03
C THR C 86 -41.78 -16.81 -17.27
N ASP C 87 -40.75 -17.37 -17.90
CA ASP C 87 -40.21 -16.75 -19.10
C ASP C 87 -39.24 -17.75 -19.73
N LEU C 88 -38.81 -17.47 -20.96
CA LEU C 88 -37.90 -18.37 -21.64
C LEU C 88 -36.49 -18.07 -21.10
N VAL C 89 -35.71 -19.13 -20.90
CA VAL C 89 -34.38 -18.98 -20.35
C VAL C 89 -33.39 -19.79 -21.16
N SER C 90 -32.19 -19.25 -21.32
CA SER C 90 -31.11 -19.96 -22.01
C SER C 90 -29.79 -19.72 -21.30
N ILE C 91 -28.83 -20.59 -21.59
CA ILE C 91 -27.47 -20.50 -21.04
C ILE C 91 -26.56 -20.53 -22.28
N PRO C 92 -26.05 -19.36 -22.70
CA PRO C 92 -25.18 -19.22 -23.87
C PRO C 92 -24.05 -20.25 -23.96
N HIS C 93 -23.35 -20.49 -22.85
CA HIS C 93 -22.28 -21.48 -22.84
C HIS C 93 -22.78 -22.72 -22.13
N GLY C 94 -23.91 -23.22 -22.58
CA GLY C 94 -24.49 -24.41 -21.98
C GLY C 94 -25.13 -25.20 -23.10
N PRO C 95 -26.07 -26.11 -22.80
CA PRO C 95 -26.65 -26.82 -23.93
C PRO C 95 -27.44 -25.87 -24.84
N ASN C 96 -27.54 -26.23 -26.10
CA ASN C 96 -28.24 -25.41 -27.08
C ASN C 96 -29.72 -25.67 -26.96
N VAL C 97 -30.33 -25.14 -25.90
CA VAL C 97 -31.77 -25.30 -25.66
C VAL C 97 -32.37 -24.04 -25.05
N THR C 98 -33.70 -23.97 -25.05
CA THR C 98 -34.43 -22.86 -24.47
C THR C 98 -35.49 -23.52 -23.61
N VAL C 99 -35.68 -23.05 -22.38
CA VAL C 99 -36.66 -23.65 -21.49
C VAL C 99 -37.55 -22.58 -20.86
N ARG C 100 -38.84 -22.89 -20.68
CA ARG C 100 -39.71 -21.92 -20.01
C ARG C 100 -39.58 -22.30 -18.54
N ALA C 101 -39.13 -21.36 -17.73
CA ALA C 101 -38.95 -21.64 -16.31
C ALA C 101 -39.55 -20.61 -15.39
N ASN C 102 -39.75 -21.03 -14.14
CA ASN C 102 -40.25 -20.15 -13.11
C ASN C 102 -39.11 -19.19 -12.82
N ILE C 103 -39.46 -17.93 -12.61
CA ILE C 103 -38.49 -16.90 -12.31
C ILE C 103 -39.07 -15.97 -11.25
N ALA C 104 -38.32 -15.74 -10.17
CA ALA C 104 -38.79 -14.83 -9.14
C ALA C 104 -38.14 -13.49 -9.48
N ALA C 105 -38.96 -12.47 -9.71
CA ALA C 105 -38.43 -11.13 -10.01
C ALA C 105 -38.20 -10.44 -8.67
N ILE C 106 -36.94 -10.24 -8.31
CA ILE C 106 -36.61 -9.64 -7.02
C ILE C 106 -36.86 -8.13 -6.97
N THR C 107 -37.76 -7.72 -6.08
CA THR C 107 -38.14 -6.32 -5.91
C THR C 107 -37.57 -5.69 -4.62
N GLU C 108 -37.33 -6.52 -3.60
CA GLU C 108 -36.75 -6.05 -2.35
C GLU C 108 -35.74 -7.10 -1.88
N SER C 109 -34.63 -6.65 -1.32
CA SER C 109 -33.63 -7.59 -0.83
C SER C 109 -32.79 -7.00 0.31
N ASP C 110 -32.21 -7.87 1.11
CA ASP C 110 -31.40 -7.44 2.24
C ASP C 110 -30.19 -8.35 2.37
N LYS C 111 -29.00 -7.79 2.21
CA LYS C 111 -27.75 -8.54 2.32
C LYS C 111 -27.67 -9.69 1.32
N PHE C 112 -28.37 -9.58 0.19
CA PHE C 112 -28.36 -10.61 -0.84
C PHE C 112 -27.35 -10.22 -1.92
N PHE C 113 -27.60 -9.13 -2.63
CA PHE C 113 -26.65 -8.72 -3.66
C PHE C 113 -25.35 -8.21 -3.03
N ILE C 114 -24.21 -8.59 -3.63
CA ILE C 114 -22.90 -8.21 -3.12
C ILE C 114 -22.24 -7.16 -4.00
N ASN C 115 -21.82 -6.05 -3.43
CA ASN C 115 -21.19 -5.03 -4.25
C ASN C 115 -19.95 -5.58 -4.95
N GLY C 116 -19.97 -5.57 -6.28
CA GLY C 116 -18.83 -6.04 -7.04
C GLY C 116 -18.74 -7.53 -7.35
N SER C 117 -19.71 -8.33 -6.93
CA SER C 117 -19.69 -9.78 -7.21
C SER C 117 -19.94 -10.07 -8.69
N ASN C 118 -20.55 -9.10 -9.36
CA ASN C 118 -20.88 -9.19 -10.78
C ASN C 118 -22.05 -10.12 -11.16
N TRP C 119 -22.75 -10.72 -10.19
CA TRP C 119 -23.91 -11.53 -10.56
C TRP C 119 -25.20 -10.77 -10.21
N GLU C 120 -26.24 -11.03 -10.99
CA GLU C 120 -27.52 -10.34 -10.84
C GLU C 120 -28.70 -11.23 -10.50
N GLY C 121 -28.41 -12.51 -10.24
CA GLY C 121 -29.46 -13.44 -9.93
C GLY C 121 -28.85 -14.69 -9.33
N ILE C 122 -29.70 -15.64 -8.98
CA ILE C 122 -29.24 -16.88 -8.38
C ILE C 122 -29.96 -18.06 -9.01
N LEU C 123 -29.22 -19.13 -9.27
CA LEU C 123 -29.81 -20.34 -9.81
C LEU C 123 -29.77 -21.44 -8.76
N GLY C 124 -30.91 -21.67 -8.11
CA GLY C 124 -31.01 -22.70 -7.09
C GLY C 124 -31.12 -24.03 -7.80
N LEU C 125 -30.10 -24.85 -7.65
CA LEU C 125 -30.03 -26.14 -8.33
C LEU C 125 -30.52 -27.34 -7.53
N ALA C 126 -30.95 -27.12 -6.29
CA ALA C 126 -31.41 -28.23 -5.47
C ALA C 126 -32.87 -28.60 -5.80
N TYR C 127 -33.44 -29.51 -5.01
CA TYR C 127 -34.79 -30.01 -5.29
C TYR C 127 -35.97 -29.17 -4.85
N ALA C 128 -37.13 -29.47 -5.43
CA ALA C 128 -38.38 -28.74 -5.15
C ALA C 128 -38.78 -28.68 -3.69
N GLU C 129 -38.44 -29.73 -2.95
CA GLU C 129 -38.77 -29.80 -1.54
C GLU C 129 -38.39 -28.54 -0.77
N ILE C 130 -37.27 -27.90 -1.13
CA ILE C 130 -36.90 -26.68 -0.42
C ILE C 130 -37.17 -25.37 -1.19
N ALA C 131 -37.94 -25.47 -2.27
CA ALA C 131 -38.29 -24.31 -3.08
C ALA C 131 -39.32 -23.48 -2.32
N ARG C 132 -39.26 -22.16 -2.49
CA ARG C 132 -40.26 -21.28 -1.87
C ARG C 132 -41.17 -20.83 -3.01
N PRO C 133 -42.48 -20.60 -2.75
CA PRO C 133 -43.20 -20.71 -1.48
C PRO C 133 -43.34 -22.14 -0.99
N ASP C 134 -43.36 -23.09 -1.92
CA ASP C 134 -43.51 -24.47 -1.55
C ASP C 134 -43.01 -25.32 -2.70
N ASP C 135 -43.12 -26.63 -2.53
CA ASP C 135 -42.66 -27.55 -3.54
C ASP C 135 -43.49 -27.61 -4.82
N SER C 136 -44.48 -26.73 -4.96
CA SER C 136 -45.26 -26.72 -6.21
C SER C 136 -44.52 -25.85 -7.25
N LEU C 137 -43.57 -25.03 -6.79
CA LEU C 137 -42.80 -24.19 -7.71
C LEU C 137 -41.62 -24.97 -8.29
N GLU C 138 -41.82 -25.55 -9.47
CA GLU C 138 -40.79 -26.35 -10.11
C GLU C 138 -39.45 -25.67 -10.32
N PRO C 139 -38.37 -26.28 -9.81
CA PRO C 139 -37.04 -25.68 -9.98
C PRO C 139 -36.60 -25.66 -11.44
N PHE C 140 -35.66 -24.76 -11.76
CA PHE C 140 -35.15 -24.65 -13.11
C PHE C 140 -34.63 -25.96 -13.71
N PHE C 141 -33.77 -26.67 -12.97
CA PHE C 141 -33.21 -27.90 -13.54
C PHE C 141 -34.26 -28.94 -13.87
N ASP C 142 -35.34 -29.00 -13.09
CA ASP C 142 -36.41 -29.96 -13.36
C ASP C 142 -37.13 -29.54 -14.65
N SER C 143 -37.29 -28.25 -14.85
CA SER C 143 -37.93 -27.75 -16.06
C SER C 143 -37.04 -28.13 -17.24
N LEU C 144 -35.73 -27.92 -17.07
CA LEU C 144 -34.76 -28.21 -18.12
C LEU C 144 -34.89 -29.65 -18.59
N VAL C 145 -34.82 -30.58 -17.64
CA VAL C 145 -34.93 -32.00 -17.92
C VAL C 145 -36.29 -32.39 -18.52
N LYS C 146 -37.37 -31.79 -18.01
CA LYS C 146 -38.69 -32.12 -18.56
C LYS C 146 -38.90 -31.63 -20.00
N GLN C 147 -38.39 -30.44 -20.31
CA GLN C 147 -38.59 -29.87 -21.64
C GLN C 147 -37.54 -30.18 -22.70
N THR C 148 -36.45 -30.83 -22.31
CA THR C 148 -35.40 -31.13 -23.27
C THR C 148 -34.88 -32.53 -23.06
N HIS C 149 -33.91 -32.91 -23.87
CA HIS C 149 -33.29 -34.23 -23.78
C HIS C 149 -32.00 -34.18 -23.00
N VAL C 150 -31.72 -33.03 -22.37
CA VAL C 150 -30.51 -32.91 -21.58
C VAL C 150 -30.61 -33.95 -20.47
N PRO C 151 -29.53 -34.72 -20.25
CA PRO C 151 -29.60 -35.73 -19.18
C PRO C 151 -29.75 -35.08 -17.79
N ASN C 152 -30.40 -35.81 -16.89
CA ASN C 152 -30.65 -35.36 -15.53
C ASN C 152 -29.42 -35.42 -14.63
N LEU C 153 -28.43 -34.61 -14.99
CA LEU C 153 -27.16 -34.58 -14.27
C LEU C 153 -26.38 -33.33 -14.66
N PHE C 154 -25.57 -32.84 -13.72
CA PHE C 154 -24.70 -31.70 -14.00
C PHE C 154 -23.48 -31.85 -13.09
N SER C 155 -22.38 -31.23 -13.50
CA SER C 155 -21.15 -31.34 -12.73
C SER C 155 -20.53 -29.96 -12.61
N LEU C 156 -19.82 -29.77 -11.50
CA LEU C 156 -19.19 -28.51 -11.19
C LEU C 156 -17.73 -28.59 -10.81
N GLN C 157 -16.96 -27.71 -11.41
CA GLN C 157 -15.54 -27.58 -11.13
C GLN C 157 -15.41 -26.11 -10.78
N LEU C 158 -15.33 -25.81 -9.48
CA LEU C 158 -15.16 -24.43 -9.05
C LEU C 158 -13.65 -24.29 -8.88
N CYS C 159 -13.08 -23.28 -9.54
CA CYS C 159 -11.64 -23.06 -9.50
C CYS C 159 -11.19 -21.86 -8.69
N GLY C 160 -10.62 -22.14 -7.52
CA GLY C 160 -10.10 -21.07 -6.70
C GLY C 160 -8.76 -20.71 -7.33
N ALA C 161 -8.42 -19.43 -7.30
CA ALA C 161 -7.17 -19.01 -7.90
C ALA C 161 -5.97 -19.30 -7.03
N GLY C 162 -6.14 -19.28 -5.71
CA GLY C 162 -5.00 -19.51 -4.84
C GLY C 162 -4.41 -18.19 -4.36
N PHE C 163 -4.88 -17.09 -4.94
CA PHE C 163 -4.40 -15.79 -4.51
C PHE C 163 -5.56 -14.83 -4.64
N PRO C 164 -5.46 -13.65 -4.01
CA PRO C 164 -6.60 -12.73 -4.15
C PRO C 164 -6.74 -12.16 -5.56
N LEU C 165 -7.98 -11.91 -5.95
CA LEU C 165 -8.28 -11.38 -7.29
C LEU C 165 -9.00 -10.06 -7.16
N ASN C 166 -8.53 -9.04 -7.88
CA ASN C 166 -9.18 -7.75 -7.79
C ASN C 166 -10.34 -7.74 -8.77
N GLN C 167 -11.18 -6.71 -8.69
CA GLN C 167 -12.34 -6.59 -9.57
C GLN C 167 -12.03 -6.91 -11.03
N SER C 168 -10.90 -6.41 -11.52
CA SER C 168 -10.49 -6.64 -12.91
C SER C 168 -10.09 -8.07 -13.22
N GLU C 169 -9.54 -8.76 -12.23
CA GLU C 169 -9.08 -10.13 -12.42
C GLU C 169 -10.20 -11.15 -12.40
N VAL C 170 -11.14 -10.99 -11.48
CA VAL C 170 -12.25 -11.91 -11.39
C VAL C 170 -12.97 -11.90 -12.72
N LEU C 171 -13.07 -10.71 -13.30
CA LEU C 171 -13.74 -10.50 -14.57
C LEU C 171 -13.04 -11.21 -15.72
N ALA C 172 -11.72 -11.11 -15.73
CA ALA C 172 -10.92 -11.71 -16.80
C ALA C 172 -10.46 -13.14 -16.56
N SER C 173 -10.71 -13.69 -15.39
CA SER C 173 -10.25 -15.06 -15.16
C SER C 173 -11.36 -16.12 -15.20
N VAL C 174 -10.96 -17.35 -15.52
CA VAL C 174 -11.88 -18.47 -15.57
C VAL C 174 -12.09 -18.98 -14.16
N GLY C 175 -13.34 -18.94 -13.69
CA GLY C 175 -13.63 -19.42 -12.35
C GLY C 175 -14.03 -20.88 -12.27
N GLY C 176 -14.07 -21.55 -13.42
CA GLY C 176 -14.44 -22.95 -13.41
C GLY C 176 -15.43 -23.36 -14.49
N SER C 177 -16.04 -24.53 -14.30
CA SER C 177 -16.99 -25.07 -15.26
C SER C 177 -18.24 -25.69 -14.68
N MET C 178 -19.35 -25.48 -15.35
CA MET C 178 -20.60 -26.13 -14.98
C MET C 178 -21.00 -26.91 -16.23
N ILE C 179 -20.86 -28.23 -16.18
CA ILE C 179 -21.21 -29.04 -17.35
C ILE C 179 -22.63 -29.53 -17.16
N ILE C 180 -23.54 -29.01 -17.96
CA ILE C 180 -24.96 -29.37 -17.87
C ILE C 180 -25.24 -30.60 -18.72
N GLY C 181 -25.72 -31.66 -18.08
CA GLY C 181 -26.04 -32.88 -18.80
C GLY C 181 -24.90 -33.87 -18.98
N GLY C 182 -23.75 -33.60 -18.38
CA GLY C 182 -22.65 -34.53 -18.56
C GLY C 182 -21.45 -34.35 -17.64
N ILE C 183 -20.39 -35.04 -18.00
CA ILE C 183 -19.13 -35.07 -17.27
C ILE C 183 -17.98 -34.89 -18.26
N ASP C 184 -17.10 -33.92 -18.01
CA ASP C 184 -15.97 -33.68 -18.89
C ASP C 184 -14.71 -34.20 -18.21
N HIS C 185 -14.13 -35.25 -18.81
CA HIS C 185 -12.95 -35.90 -18.27
C HIS C 185 -11.72 -35.03 -18.11
N SER C 186 -11.65 -33.91 -18.83
CA SER C 186 -10.51 -33.01 -18.71
C SER C 186 -10.50 -32.22 -17.38
N LEU C 187 -11.62 -32.20 -16.70
CA LEU C 187 -11.73 -31.42 -15.46
C LEU C 187 -11.22 -32.10 -14.20
N TYR C 188 -10.80 -33.36 -14.30
CA TYR C 188 -10.31 -34.07 -13.13
C TYR C 188 -9.28 -35.14 -13.45
N THR C 189 -8.67 -35.69 -12.40
CA THR C 189 -7.70 -36.75 -12.55
C THR C 189 -8.06 -37.84 -11.56
N GLY C 190 -7.57 -39.05 -11.82
CA GLY C 190 -7.88 -40.16 -10.93
C GLY C 190 -9.31 -40.63 -11.14
N SER C 191 -9.88 -41.29 -10.12
CA SER C 191 -11.22 -41.81 -10.22
C SER C 191 -12.28 -40.95 -9.56
N LEU C 192 -13.51 -41.14 -10.03
CA LEU C 192 -14.69 -40.48 -9.50
C LEU C 192 -15.24 -41.46 -8.49
N TRP C 193 -15.53 -41.00 -7.28
CA TRP C 193 -16.09 -41.87 -6.25
C TRP C 193 -17.46 -41.29 -5.89
N TYR C 194 -18.47 -42.16 -5.80
CA TYR C 194 -19.82 -41.69 -5.53
C TYR C 194 -20.38 -42.00 -4.16
N THR C 195 -21.07 -41.00 -3.59
CA THR C 195 -21.74 -41.14 -2.31
C THR C 195 -23.23 -40.93 -2.61
N PRO C 196 -24.11 -41.62 -1.87
CA PRO C 196 -25.54 -41.49 -2.12
C PRO C 196 -26.11 -40.14 -1.69
N ILE C 197 -27.12 -39.68 -2.43
CA ILE C 197 -27.81 -38.47 -2.01
C ILE C 197 -28.83 -39.12 -1.05
N ARG C 198 -28.70 -38.84 0.24
CA ARG C 198 -29.59 -39.44 1.22
C ARG C 198 -31.07 -39.13 1.00
N ARG C 199 -31.35 -37.87 0.67
CA ARG C 199 -32.71 -37.40 0.45
C ARG C 199 -32.65 -36.24 -0.53
N GLU C 200 -33.62 -36.18 -1.44
CA GLU C 200 -33.66 -35.11 -2.42
C GLU C 200 -34.39 -33.84 -1.93
N TRP C 201 -33.64 -32.97 -1.26
CA TRP C 201 -34.17 -31.68 -0.82
C TRP C 201 -32.94 -30.82 -1.01
N TYR C 202 -32.02 -30.79 -0.04
CA TYR C 202 -30.74 -30.12 -0.26
C TYR C 202 -29.99 -31.32 -0.90
N TYR C 203 -28.75 -31.15 -1.35
CA TYR C 203 -28.02 -32.32 -1.84
C TYR C 203 -27.40 -32.85 -0.55
N GLU C 204 -28.15 -33.69 0.14
CA GLU C 204 -27.71 -34.25 1.41
C GLU C 204 -26.89 -35.53 1.30
N VAL C 205 -25.81 -35.59 2.09
CA VAL C 205 -24.95 -36.75 2.07
C VAL C 205 -24.68 -37.18 3.50
N ILE C 206 -23.89 -38.24 3.67
CA ILE C 206 -23.56 -38.73 5.01
C ILE C 206 -22.05 -38.90 5.18
N ILE C 207 -21.50 -38.16 6.14
CA ILE C 207 -20.07 -38.22 6.46
C ILE C 207 -19.94 -39.27 7.56
N VAL C 208 -19.03 -40.22 7.40
CA VAL C 208 -18.89 -41.28 8.40
C VAL C 208 -17.65 -41.21 9.29
N ARG C 209 -16.68 -40.39 8.91
CA ARG C 209 -15.44 -40.27 9.68
C ARG C 209 -14.74 -38.98 9.25
N VAL C 210 -14.05 -38.36 10.19
CA VAL C 210 -13.30 -37.12 9.92
C VAL C 210 -11.89 -37.25 10.49
N GLU C 211 -10.88 -36.93 9.69
CA GLU C 211 -9.48 -36.97 10.11
C GLU C 211 -8.75 -35.63 9.93
N ILE C 212 -7.75 -35.38 10.77
CA ILE C 212 -6.92 -34.17 10.69
C ILE C 212 -5.51 -34.77 10.65
N ASN C 213 -4.85 -34.68 9.50
CA ASN C 213 -3.54 -35.30 9.31
C ASN C 213 -3.61 -36.79 9.73
N GLY C 214 -4.60 -37.51 9.22
CA GLY C 214 -4.75 -38.91 9.53
C GLY C 214 -5.29 -39.26 10.92
N GLN C 215 -5.39 -38.27 11.80
CA GLN C 215 -5.89 -38.54 13.13
C GLN C 215 -7.39 -38.37 13.22
N ASP C 216 -8.04 -39.47 13.55
CA ASP C 216 -9.50 -39.55 13.70
C ASP C 216 -9.97 -38.60 14.78
N LEU C 217 -10.98 -37.78 14.44
CA LEU C 217 -11.55 -36.84 15.40
C LEU C 217 -12.28 -37.70 16.43
N LYS C 218 -12.58 -38.93 16.02
CA LYS C 218 -13.24 -39.92 16.86
C LYS C 218 -14.52 -39.50 17.57
N MET C 219 -15.49 -39.03 16.81
CA MET C 219 -16.74 -38.61 17.41
C MET C 219 -17.77 -39.58 16.88
N ASP C 220 -18.91 -39.69 17.58
CA ASP C 220 -20.01 -40.51 17.12
C ASP C 220 -20.32 -39.85 15.76
N CYS C 221 -20.34 -40.63 14.69
CA CYS C 221 -20.56 -40.09 13.37
C CYS C 221 -21.85 -39.28 13.18
N LYS C 222 -22.85 -39.49 14.05
CA LYS C 222 -24.08 -38.71 13.90
C LYS C 222 -23.77 -37.23 14.11
N GLU C 223 -22.78 -36.93 14.94
CA GLU C 223 -22.40 -35.55 15.23
C GLU C 223 -21.97 -34.85 13.94
N TYR C 224 -21.31 -35.58 13.04
CA TYR C 224 -20.83 -35.01 11.78
C TYR C 224 -21.99 -34.59 10.87
N ASN C 225 -23.13 -35.24 11.02
CA ASN C 225 -24.28 -34.93 10.20
C ASN C 225 -25.42 -34.43 11.07
N TYR C 226 -25.05 -33.95 12.27
CA TYR C 226 -26.06 -33.49 13.22
C TYR C 226 -26.82 -32.37 12.61
N ASP C 227 -28.02 -32.78 12.22
CA ASP C 227 -29.04 -32.02 11.55
C ASP C 227 -28.99 -32.63 10.15
N LYS C 228 -27.95 -32.26 9.41
CA LYS C 228 -27.76 -32.74 8.04
C LYS C 228 -26.37 -32.34 7.54
N SER C 229 -25.96 -32.93 6.42
CA SER C 229 -24.71 -32.58 5.78
C SER C 229 -25.07 -32.36 4.31
N ILE C 230 -24.68 -31.21 3.75
CA ILE C 230 -25.02 -30.90 2.38
C ILE C 230 -23.83 -30.40 1.55
N VAL C 231 -23.98 -30.43 0.23
CA VAL C 231 -22.95 -29.92 -0.66
C VAL C 231 -23.57 -28.62 -1.18
N ASP C 232 -22.90 -27.50 -0.91
CA ASP C 232 -23.46 -26.20 -1.25
C ASP C 232 -22.47 -25.25 -1.91
N SER C 233 -22.61 -25.08 -3.21
CA SER C 233 -21.71 -24.19 -3.93
C SER C 233 -21.99 -22.74 -3.58
N GLY C 234 -23.14 -22.48 -2.94
CA GLY C 234 -23.50 -21.11 -2.57
C GLY C 234 -23.04 -20.69 -1.19
N THR C 235 -22.17 -21.48 -0.59
CA THR C 235 -21.65 -21.20 0.74
C THR C 235 -20.13 -21.15 0.62
N THR C 236 -19.51 -20.15 1.22
CA THR C 236 -18.07 -20.02 1.10
C THR C 236 -17.27 -21.08 1.84
N ASN C 237 -17.52 -21.21 3.13
CA ASN C 237 -16.76 -22.11 3.97
C ASN C 237 -17.17 -23.54 4.08
N LEU C 238 -16.34 -24.28 4.82
CA LEU C 238 -16.62 -25.65 5.21
C LEU C 238 -17.23 -25.25 6.58
N ARG C 239 -18.49 -25.55 6.80
CA ARG C 239 -19.16 -25.20 8.04
C ARG C 239 -19.44 -26.51 8.77
N LEU C 240 -19.12 -26.54 10.06
CA LEU C 240 -19.29 -27.74 10.85
C LEU C 240 -20.17 -27.50 12.09
N PRO C 241 -20.92 -28.52 12.52
CA PRO C 241 -21.77 -28.38 13.70
C PRO C 241 -20.85 -27.99 14.84
N LYS C 242 -21.36 -27.18 15.76
CA LYS C 242 -20.58 -26.72 16.90
C LYS C 242 -19.63 -27.73 17.53
N LYS C 243 -20.14 -28.90 17.91
CA LYS C 243 -19.27 -29.88 18.56
C LYS C 243 -18.11 -30.33 17.68
N VAL C 244 -18.41 -30.58 16.40
CA VAL C 244 -17.38 -31.02 15.48
C VAL C 244 -16.41 -29.87 15.23
N PHE C 245 -16.97 -28.69 14.98
CA PHE C 245 -16.14 -27.52 14.74
C PHE C 245 -15.15 -27.32 15.89
N GLU C 246 -15.61 -27.48 17.12
CA GLU C 246 -14.68 -27.29 18.24
C GLU C 246 -13.61 -28.38 18.29
N ALA C 247 -13.97 -29.62 18.04
CA ALA C 247 -12.98 -30.69 18.09
C ALA C 247 -12.00 -30.50 16.93
N ALA C 248 -12.52 -30.08 15.77
CA ALA C 248 -11.67 -29.88 14.60
C ALA C 248 -10.65 -28.76 14.83
N VAL C 249 -11.12 -27.61 15.31
CA VAL C 249 -10.24 -26.48 15.56
C VAL C 249 -9.15 -26.81 16.60
N LYS C 250 -9.51 -27.54 17.64
CA LYS C 250 -8.54 -27.92 18.65
C LYS C 250 -7.44 -28.76 18.02
N SER C 251 -7.85 -29.67 17.13
CA SER C 251 -6.88 -30.54 16.48
C SER C 251 -6.05 -29.76 15.46
N ILE C 252 -6.70 -28.89 14.67
CA ILE C 252 -5.94 -28.11 13.70
C ILE C 252 -4.94 -27.20 14.44
N LYS C 253 -5.36 -26.66 15.58
CA LYS C 253 -4.47 -25.80 16.38
C LYS C 253 -3.27 -26.61 16.86
N ALA C 254 -3.54 -27.79 17.40
CA ALA C 254 -2.46 -28.63 17.89
C ALA C 254 -1.47 -28.96 16.76
N ALA C 255 -1.99 -29.22 15.56
CA ALA C 255 -1.13 -29.57 14.42
C ALA C 255 -0.26 -28.42 13.91
N SER C 256 -0.73 -27.19 14.09
CA SER C 256 -0.01 -26.01 13.62
C SER C 256 0.61 -25.16 14.76
N SER C 257 0.74 -25.76 15.94
CA SER C 257 1.24 -25.02 17.10
C SER C 257 2.63 -24.38 17.03
N THR C 258 3.46 -24.72 16.03
CA THR C 258 4.77 -24.08 15.96
C THR C 258 4.61 -22.59 15.63
N GLU C 259 3.37 -22.18 15.37
CA GLU C 259 3.06 -20.78 15.10
C GLU C 259 1.76 -20.46 15.80
N LYS C 260 1.69 -19.29 16.41
CA LYS C 260 0.48 -18.91 17.14
C LYS C 260 -0.29 -17.82 16.42
N PHE C 261 -1.61 -17.98 16.38
CA PHE C 261 -2.45 -17.01 15.73
C PHE C 261 -3.52 -16.52 16.69
N PRO C 262 -3.98 -15.29 16.48
CA PRO C 262 -5.03 -14.67 17.32
C PRO C 262 -6.35 -15.43 17.26
N ASP C 263 -7.12 -15.35 18.35
CA ASP C 263 -8.41 -16.03 18.41
C ASP C 263 -9.31 -15.63 17.26
N GLY C 264 -9.24 -14.37 16.87
CA GLY C 264 -10.06 -13.88 15.78
C GLY C 264 -9.80 -14.65 14.49
N PHE C 265 -8.59 -15.15 14.33
CA PHE C 265 -8.27 -15.92 13.12
C PHE C 265 -9.10 -17.21 13.14
N TRP C 266 -8.96 -17.97 14.23
CA TRP C 266 -9.71 -19.23 14.32
C TRP C 266 -11.22 -19.00 14.29
N LEU C 267 -11.65 -17.77 14.59
CA LEU C 267 -13.08 -17.45 14.58
C LEU C 267 -13.49 -17.12 13.16
N GLY C 268 -12.52 -17.09 12.26
CA GLY C 268 -12.80 -16.79 10.87
C GLY C 268 -13.08 -15.32 10.63
N GLU C 269 -12.71 -14.49 11.59
CA GLU C 269 -12.93 -13.06 11.50
C GLU C 269 -11.72 -12.26 11.03
N GLN C 270 -10.53 -12.58 11.54
CA GLN C 270 -9.36 -11.83 11.10
C GLN C 270 -8.38 -12.64 10.27
N LEU C 271 -7.69 -11.95 9.37
CA LEU C 271 -6.73 -12.61 8.54
C LEU C 271 -5.39 -12.79 9.24
N VAL C 272 -4.57 -13.63 8.63
CA VAL C 272 -3.24 -13.91 9.11
C VAL C 272 -2.39 -13.68 7.88
N CYS C 273 -1.25 -13.03 8.07
CA CYS C 273 -0.39 -12.71 6.95
C CYS C 273 1.01 -13.20 7.13
N TRP C 274 1.67 -13.49 6.00
CA TRP C 274 3.05 -13.93 5.96
C TRP C 274 3.74 -13.15 4.84
N GLN C 275 5.06 -13.02 4.93
CA GLN C 275 5.81 -12.34 3.89
C GLN C 275 5.51 -13.06 2.57
N ALA C 276 5.36 -12.28 1.51
CA ALA C 276 5.04 -12.83 0.19
C ALA C 276 5.79 -14.11 -0.15
N GLY C 277 5.03 -15.16 -0.46
CA GLY C 277 5.63 -16.44 -0.83
C GLY C 277 6.02 -17.34 0.33
N THR C 278 6.05 -16.81 1.56
CA THR C 278 6.47 -17.63 2.71
C THR C 278 5.38 -18.38 3.48
N THR C 279 4.15 -18.37 3.02
CA THR C 279 3.10 -19.08 3.73
C THR C 279 3.61 -20.49 4.09
N PRO C 280 3.59 -20.85 5.37
CA PRO C 280 4.08 -22.17 5.76
C PRO C 280 3.01 -23.26 5.65
N TRP C 281 2.62 -23.58 4.41
CA TRP C 281 1.60 -24.58 4.17
C TRP C 281 1.86 -25.87 4.96
N ASN C 282 3.10 -26.31 4.96
CA ASN C 282 3.45 -27.57 5.61
C ASN C 282 3.08 -27.69 7.09
N ILE C 283 2.96 -26.58 7.83
CA ILE C 283 2.61 -26.73 9.24
C ILE C 283 1.13 -27.00 9.47
N PHE C 284 0.30 -26.69 8.48
CA PHE C 284 -1.12 -26.94 8.59
C PHE C 284 -1.43 -28.36 8.11
N PRO C 285 -2.36 -29.05 8.79
CA PRO C 285 -2.75 -30.42 8.44
C PRO C 285 -3.73 -30.53 7.30
N VAL C 286 -3.78 -31.70 6.67
CA VAL C 286 -4.78 -31.90 5.63
C VAL C 286 -6.03 -32.33 6.41
N ILE C 287 -7.19 -32.23 5.80
CA ILE C 287 -8.44 -32.65 6.45
C ILE C 287 -9.14 -33.63 5.52
N SER C 288 -9.53 -34.79 6.06
CA SER C 288 -10.21 -35.81 5.27
C SER C 288 -11.61 -36.07 5.79
N LEU C 289 -12.56 -36.08 4.86
CA LEU C 289 -13.96 -36.34 5.16
C LEU C 289 -14.26 -37.68 4.49
N TYR C 290 -14.71 -38.65 5.27
CA TYR C 290 -15.06 -39.96 4.72
C TYR C 290 -16.56 -39.96 4.41
N LEU C 291 -16.90 -40.41 3.22
CA LEU C 291 -18.30 -40.42 2.81
C LEU C 291 -18.80 -41.82 2.55
N MET C 292 -20.07 -42.04 2.82
CA MET C 292 -20.67 -43.35 2.58
C MET C 292 -20.51 -43.65 1.10
N GLY C 293 -20.19 -44.91 0.79
CA GLY C 293 -20.02 -45.30 -0.60
C GLY C 293 -21.31 -45.90 -1.13
N GLU C 294 -21.31 -46.31 -2.40
CA GLU C 294 -22.53 -46.92 -2.97
C GLU C 294 -22.57 -48.42 -2.62
N VAL C 295 -21.40 -49.01 -2.42
CA VAL C 295 -21.32 -50.41 -2.07
C VAL C 295 -21.55 -50.56 -0.56
N THR C 296 -22.36 -51.56 -0.18
CA THR C 296 -22.67 -51.80 1.23
C THR C 296 -21.40 -51.91 2.08
N ASN C 297 -21.41 -51.25 3.25
CA ASN C 297 -20.29 -51.23 4.19
C ASN C 297 -18.99 -50.67 3.63
N GLN C 298 -19.09 -49.94 2.53
CA GLN C 298 -17.92 -49.36 1.91
C GLN C 298 -17.97 -47.82 1.96
N SER C 299 -16.81 -47.19 2.14
CA SER C 299 -16.73 -45.73 2.17
C SER C 299 -15.47 -45.29 1.42
N PHE C 300 -15.36 -44.00 1.14
CA PHE C 300 -14.19 -43.43 0.47
C PHE C 300 -13.93 -42.10 1.16
N ARG C 301 -12.82 -41.45 0.84
CA ARG C 301 -12.56 -40.18 1.51
C ARG C 301 -12.08 -39.10 0.55
N ILE C 302 -12.37 -37.86 0.92
CA ILE C 302 -11.90 -36.72 0.15
C ILE C 302 -10.98 -35.98 1.12
N THR C 303 -9.84 -35.54 0.62
CA THR C 303 -8.84 -34.86 1.43
C THR C 303 -8.49 -33.49 0.87
N ILE C 304 -8.68 -32.46 1.69
CA ILE C 304 -8.30 -31.12 1.25
C ILE C 304 -7.04 -30.65 1.99
N LEU C 305 -6.41 -29.62 1.44
CA LEU C 305 -5.20 -29.02 1.97
C LEU C 305 -5.50 -27.65 2.57
N PRO C 306 -4.54 -27.07 3.31
CA PRO C 306 -4.82 -25.74 3.86
C PRO C 306 -4.97 -24.76 2.68
N GLN C 307 -4.48 -25.14 1.50
CA GLN C 307 -4.64 -24.25 0.35
C GLN C 307 -6.12 -24.13 -0.02
N GLN C 308 -6.91 -25.06 0.49
CA GLN C 308 -8.36 -24.98 0.26
C GLN C 308 -9.00 -24.28 1.46
N TYR C 309 -8.65 -24.67 2.70
CA TYR C 309 -9.32 -24.05 3.85
C TYR C 309 -8.81 -22.70 4.38
N LEU C 310 -7.68 -22.22 3.83
CA LEU C 310 -7.13 -20.90 4.14
C LEU C 310 -7.48 -20.09 2.88
N ARG C 311 -8.47 -19.21 2.99
CA ARG C 311 -8.95 -18.44 1.85
C ARG C 311 -8.16 -17.14 1.61
N PRO C 312 -7.54 -17.00 0.41
CA PRO C 312 -6.76 -15.80 0.12
C PRO C 312 -7.61 -14.54 0.11
N VAL C 313 -7.11 -13.51 0.78
CA VAL C 313 -7.76 -12.21 0.82
C VAL C 313 -6.67 -11.13 0.74
N GLU C 314 -7.00 -10.02 0.09
CA GLU C 314 -6.04 -8.93 -0.08
C GLU C 314 -5.61 -8.27 1.22
N ASP C 315 -4.33 -7.98 1.30
CA ASP C 315 -3.73 -7.33 2.46
C ASP C 315 -3.94 -5.82 2.26
N VAL C 316 -4.78 -5.20 3.09
CA VAL C 316 -5.02 -3.76 2.96
C VAL C 316 -3.71 -2.98 2.85
N ALA C 317 -2.82 -3.17 3.83
CA ALA C 317 -1.52 -2.50 3.83
C ALA C 317 -0.72 -2.94 2.60
N THR C 318 -0.19 -1.97 1.86
CA THR C 318 0.59 -2.22 0.65
C THR C 318 1.23 -3.61 0.59
N SER C 319 2.42 -3.71 1.18
CA SER C 319 3.18 -4.96 1.25
C SER C 319 2.60 -6.13 0.48
N GLN C 320 3.43 -6.71 -0.39
CA GLN C 320 3.02 -7.85 -1.21
C GLN C 320 2.59 -9.04 -0.34
N ASP C 321 2.44 -8.82 0.96
CA ASP C 321 2.07 -9.89 1.89
C ASP C 321 0.93 -10.81 1.49
N ASP C 322 1.10 -12.09 1.79
CA ASP C 322 0.08 -13.09 1.49
C ASP C 322 -0.79 -13.30 2.73
N CYS C 323 -2.05 -12.89 2.63
CA CYS C 323 -2.99 -13.00 3.75
C CYS C 323 -4.13 -13.97 3.48
N TYR C 324 -4.66 -14.56 4.56
CA TYR C 324 -5.75 -15.51 4.45
C TYR C 324 -6.70 -15.45 5.63
N LYS C 325 -7.92 -15.94 5.42
CA LYS C 325 -8.87 -16.08 6.50
C LYS C 325 -9.07 -17.58 6.64
N PHE C 326 -9.35 -18.03 7.86
CA PHE C 326 -9.62 -19.44 8.16
C PHE C 326 -11.04 -19.66 7.63
N ALA C 327 -11.19 -20.49 6.60
CA ALA C 327 -12.51 -20.71 6.00
C ALA C 327 -13.29 -21.94 6.48
N ILE C 328 -13.18 -22.22 7.78
CA ILE C 328 -13.91 -23.30 8.43
C ILE C 328 -14.62 -22.56 9.58
N SER C 329 -15.93 -22.72 9.73
CA SER C 329 -16.67 -22.03 10.78
C SER C 329 -17.80 -22.88 11.33
N GLN C 330 -18.34 -22.49 12.48
CA GLN C 330 -19.40 -23.29 13.08
C GLN C 330 -20.76 -23.06 12.46
N SER C 331 -21.56 -24.11 12.47
CA SER C 331 -22.89 -24.08 11.91
C SER C 331 -23.88 -24.62 12.91
N SER C 332 -25.09 -24.07 12.93
CA SER C 332 -26.10 -24.57 13.83
C SER C 332 -27.10 -25.35 12.98
N THR C 333 -26.80 -25.46 11.68
CA THR C 333 -27.67 -26.18 10.76
C THR C 333 -27.01 -27.34 10.01
N GLY C 334 -26.07 -28.03 10.67
CA GLY C 334 -25.42 -29.15 10.04
C GLY C 334 -24.14 -28.79 9.30
N THR C 335 -23.53 -29.80 8.71
CA THR C 335 -22.30 -29.59 7.99
C THR C 335 -22.58 -28.97 6.63
N VAL C 336 -21.73 -28.04 6.19
CA VAL C 336 -21.91 -27.51 4.85
C VAL C 336 -20.57 -27.60 4.11
N MET C 337 -20.56 -28.43 3.06
CA MET C 337 -19.36 -28.55 2.26
C MET C 337 -19.50 -27.42 1.24
N GLY C 338 -18.92 -26.27 1.60
CA GLY C 338 -18.98 -25.09 0.76
C GLY C 338 -17.95 -25.04 -0.36
N ALA C 339 -17.82 -23.85 -0.95
CA ALA C 339 -16.88 -23.65 -2.05
C ALA C 339 -15.47 -24.05 -1.64
N VAL C 340 -15.13 -23.82 -0.37
CA VAL C 340 -13.81 -24.20 0.17
C VAL C 340 -13.46 -25.63 -0.22
N ILE C 341 -14.41 -26.53 0.05
CA ILE C 341 -14.27 -27.95 -0.26
C ILE C 341 -14.41 -28.18 -1.76
N MET C 342 -15.46 -27.64 -2.36
CA MET C 342 -15.69 -27.83 -3.80
C MET C 342 -14.54 -27.40 -4.70
N GLU C 343 -13.76 -26.39 -4.30
CA GLU C 343 -12.64 -25.98 -5.12
C GLU C 343 -11.56 -27.06 -5.22
N GLY C 344 -11.64 -28.08 -4.36
CA GLY C 344 -10.63 -29.13 -4.41
C GLY C 344 -11.00 -30.29 -5.33
N PHE C 345 -12.28 -30.35 -5.69
CA PHE C 345 -12.77 -31.44 -6.49
C PHE C 345 -13.68 -31.12 -7.63
N TYR C 346 -13.81 -32.09 -8.54
CA TYR C 346 -14.75 -32.00 -9.65
C TYR C 346 -15.96 -32.71 -9.01
N VAL C 347 -17.08 -32.02 -8.88
CA VAL C 347 -18.22 -32.64 -8.22
C VAL C 347 -19.35 -32.90 -9.19
N VAL C 348 -19.78 -34.15 -9.24
CA VAL C 348 -20.84 -34.61 -10.14
C VAL C 348 -22.17 -34.81 -9.40
N PHE C 349 -23.17 -34.04 -9.79
CA PHE C 349 -24.50 -34.13 -9.17
C PHE C 349 -25.34 -35.00 -10.09
N ASP C 350 -25.21 -36.30 -9.90
CA ASP C 350 -25.88 -37.29 -10.74
C ASP C 350 -27.27 -37.51 -10.16
N ARG C 351 -28.17 -36.59 -10.48
CA ARG C 351 -29.54 -36.66 -9.99
C ARG C 351 -30.27 -37.92 -10.46
N ALA C 352 -30.00 -38.35 -11.69
CA ALA C 352 -30.65 -39.55 -12.24
C ALA C 352 -30.37 -40.78 -11.36
N ARG C 353 -29.12 -40.90 -10.88
CA ARG C 353 -28.78 -42.05 -10.04
C ARG C 353 -28.72 -41.71 -8.56
N LYS C 354 -29.25 -40.53 -8.21
CA LYS C 354 -29.31 -40.10 -6.82
C LYS C 354 -27.99 -40.29 -6.08
N ARG C 355 -26.92 -39.77 -6.66
CA ARG C 355 -25.59 -39.89 -6.05
C ARG C 355 -24.78 -38.66 -6.41
N ILE C 356 -23.72 -38.43 -5.65
CA ILE C 356 -22.85 -37.29 -5.92
C ILE C 356 -21.43 -37.81 -6.05
N GLY C 357 -20.79 -37.48 -7.16
CA GLY C 357 -19.44 -37.95 -7.38
C GLY C 357 -18.36 -36.94 -7.09
N PHE C 358 -17.22 -37.45 -6.63
CA PHE C 358 -16.07 -36.64 -6.30
C PHE C 358 -14.80 -37.16 -6.98
N ALA C 359 -14.02 -36.24 -7.54
CA ALA C 359 -12.73 -36.59 -8.13
C ALA C 359 -11.81 -35.39 -7.90
N VAL C 360 -10.51 -35.63 -7.83
CA VAL C 360 -9.56 -34.53 -7.64
C VAL C 360 -9.66 -33.54 -8.81
N SER C 361 -9.84 -32.27 -8.49
CA SER C 361 -9.96 -31.28 -9.56
C SER C 361 -8.65 -30.98 -10.28
N ALA C 362 -8.75 -30.78 -11.59
CA ALA C 362 -7.59 -30.42 -12.40
C ALA C 362 -7.20 -28.97 -12.11
N CYS C 363 -8.03 -28.25 -11.35
CA CYS C 363 -7.67 -26.87 -11.04
C CYS C 363 -7.50 -26.61 -9.54
N HIS C 364 -7.34 -27.65 -8.73
CA HIS C 364 -7.18 -27.39 -7.31
C HIS C 364 -5.79 -26.87 -7.00
N VAL C 365 -5.70 -25.96 -6.02
CA VAL C 365 -4.45 -25.35 -5.59
C VAL C 365 -3.71 -26.27 -4.63
N HIS C 366 -2.41 -26.40 -4.79
CA HIS C 366 -1.62 -27.26 -3.91
C HIS C 366 -0.15 -26.83 -3.97
N ASP C 367 0.74 -27.67 -3.47
CA ASP C 367 2.16 -27.34 -3.54
C ASP C 367 2.87 -28.58 -4.08
N GLU C 368 4.20 -28.56 -4.13
CA GLU C 368 4.94 -29.72 -4.65
C GLU C 368 5.00 -30.90 -3.68
N PHE C 369 4.52 -30.74 -2.45
CA PHE C 369 4.60 -31.86 -1.51
C PHE C 369 3.31 -32.63 -1.26
N ARG C 370 2.18 -31.97 -1.47
CA ARG C 370 0.86 -32.60 -1.22
C ARG C 370 -0.17 -32.14 -2.25
N THR C 371 -1.18 -32.96 -2.47
CA THR C 371 -2.28 -32.60 -3.38
C THR C 371 -3.58 -33.06 -2.71
N ALA C 372 -4.70 -32.54 -3.19
CA ALA C 372 -5.98 -32.99 -2.67
C ALA C 372 -6.09 -34.43 -3.13
N ALA C 373 -7.01 -35.19 -2.54
CA ALA C 373 -7.17 -36.59 -2.91
C ALA C 373 -8.59 -37.12 -2.71
N VAL C 374 -8.91 -38.14 -3.48
CA VAL C 374 -10.19 -38.84 -3.35
C VAL C 374 -9.71 -40.28 -3.39
N GLU C 375 -9.88 -41.00 -2.28
CA GLU C 375 -9.36 -42.37 -2.20
C GLU C 375 -10.36 -43.35 -1.59
N GLY C 376 -10.22 -44.62 -1.97
CA GLY C 376 -11.12 -45.63 -1.44
C GLY C 376 -10.79 -47.01 -2.01
N PRO C 377 -11.47 -48.07 -1.55
CA PRO C 377 -12.52 -48.01 -0.54
C PRO C 377 -12.05 -48.42 0.85
N PHE C 378 -12.86 -48.13 1.85
CA PHE C 378 -12.52 -48.51 3.21
C PHE C 378 -13.71 -49.27 3.73
N VAL C 379 -13.45 -50.33 4.48
CA VAL C 379 -14.52 -51.11 5.03
C VAL C 379 -15.07 -50.39 6.25
N THR C 380 -16.27 -49.84 6.10
CA THR C 380 -16.95 -49.11 7.15
C THR C 380 -18.33 -49.75 7.37
N LEU C 381 -18.68 -49.94 8.64
CA LEU C 381 -19.95 -50.58 8.97
C LEU C 381 -20.99 -49.62 9.60
N ASP C 382 -22.25 -50.04 9.56
CA ASP C 382 -23.37 -49.27 10.11
C ASP C 382 -23.28 -47.77 9.81
N MET C 383 -23.00 -47.45 8.56
CA MET C 383 -22.88 -46.07 8.16
C MET C 383 -24.27 -45.45 8.09
N GLU C 384 -25.27 -46.31 7.91
CA GLU C 384 -26.67 -45.89 7.86
C GLU C 384 -26.99 -45.11 9.15
N ASP C 385 -26.33 -45.49 10.24
CA ASP C 385 -26.53 -44.87 11.55
C ASP C 385 -25.87 -43.50 11.73
N CYS C 386 -25.07 -43.08 10.76
CA CYS C 386 -24.42 -41.78 10.87
C CYS C 386 -25.43 -40.71 10.55
N GLY C 387 -26.45 -41.10 9.77
CA GLY C 387 -27.49 -40.18 9.40
C GLY C 387 -28.30 -39.76 10.60
N TYR C 388 -28.74 -38.50 10.61
CA TYR C 388 -29.54 -37.97 11.70
C TYR C 388 -31.01 -38.02 11.33
N ASN C 389 -31.86 -38.33 12.30
CA ASN C 389 -33.31 -38.38 12.08
C ASN C 389 -34.02 -37.46 13.06
N GLY D 1 32.90 -5.43 6.34
CA GLY D 1 31.92 -4.39 5.94
C GLY D 1 32.58 -3.19 5.29
N SER D 2 31.87 -2.55 4.36
CA SER D 2 32.37 -1.38 3.62
C SER D 2 31.26 -0.34 3.39
N PHE D 3 31.37 0.78 4.10
CA PHE D 3 30.39 1.86 3.98
C PHE D 3 31.21 3.16 3.93
N VAL D 4 32.08 3.24 2.93
CA VAL D 4 32.97 4.39 2.75
C VAL D 4 32.26 5.72 2.71
N GLU D 5 31.05 5.76 2.17
CA GLU D 5 30.31 7.01 2.10
C GLU D 5 29.98 7.54 3.50
N MET D 6 29.95 6.67 4.51
CA MET D 6 29.64 7.13 5.86
C MET D 6 30.84 7.32 6.79
N VAL D 7 32.00 6.82 6.37
CA VAL D 7 33.20 6.95 7.19
C VAL D 7 33.55 8.43 7.36
N ASP D 8 33.91 8.82 8.57
CA ASP D 8 34.27 10.20 8.84
C ASP D 8 33.14 11.20 8.60
N ASN D 9 31.90 10.80 8.89
CA ASN D 9 30.77 11.70 8.70
C ASN D 9 30.43 12.45 10.01
N LEU D 10 31.27 12.31 11.04
CA LEU D 10 31.00 13.02 12.28
C LEU D 10 32.06 14.09 12.55
N ARG D 11 31.69 15.05 13.39
CA ARG D 11 32.55 16.14 13.83
C ARG D 11 32.18 16.40 15.29
N GLY D 12 33.09 17.04 16.04
CA GLY D 12 32.81 17.32 17.42
C GLY D 12 33.93 16.83 18.33
N LYS D 13 33.65 16.79 19.64
CA LYS D 13 34.59 16.33 20.66
C LYS D 13 33.75 15.89 21.88
N SER D 14 34.34 15.15 22.81
CA SER D 14 33.58 14.64 23.96
C SER D 14 32.87 15.69 24.82
N GLY D 15 33.53 16.83 25.04
CA GLY D 15 32.93 17.87 25.87
C GLY D 15 31.62 18.46 25.36
N GLN D 16 31.50 18.65 24.05
CA GLN D 16 30.31 19.24 23.44
C GLN D 16 29.48 18.30 22.58
N GLY D 17 29.99 17.09 22.38
CA GLY D 17 29.30 16.08 21.61
C GLY D 17 29.75 15.95 20.17
N TYR D 18 29.37 14.84 19.57
CA TYR D 18 29.68 14.55 18.17
C TYR D 18 28.40 14.68 17.40
N TYR D 19 28.46 15.32 16.25
CA TYR D 19 27.25 15.52 15.46
C TYR D 19 27.43 15.09 14.02
N VAL D 20 26.30 14.83 13.36
CA VAL D 20 26.28 14.43 11.97
C VAL D 20 25.36 15.42 11.24
N GLU D 21 25.64 15.65 9.96
CA GLU D 21 24.84 16.56 9.15
C GLU D 21 23.53 15.85 8.72
N MET D 22 22.43 16.58 8.78
CA MET D 22 21.14 16.02 8.35
C MET D 22 20.37 17.14 7.64
N THR D 23 19.34 16.78 6.87
CA THR D 23 18.52 17.82 6.26
C THR D 23 17.07 17.50 6.59
N VAL D 24 16.29 18.54 6.87
CA VAL D 24 14.87 18.37 7.15
C VAL D 24 14.06 19.31 6.25
N GLY D 25 12.83 18.93 5.92
CA GLY D 25 11.97 19.78 5.11
C GLY D 25 12.24 19.82 3.61
N SER D 26 11.35 20.50 2.89
CA SER D 26 11.46 20.65 1.43
C SER D 26 11.25 22.10 1.04
N PRO D 27 12.26 22.73 0.41
CA PRO D 27 13.57 22.15 0.05
C PRO D 27 14.35 21.78 1.32
N PRO D 28 15.38 20.92 1.19
CA PRO D 28 16.19 20.48 2.34
C PRO D 28 16.83 21.60 3.14
N GLN D 29 16.65 21.58 4.47
CA GLN D 29 17.28 22.55 5.35
C GLN D 29 18.37 21.74 6.05
N THR D 30 19.62 22.17 5.88
CA THR D 30 20.77 21.49 6.48
C THR D 30 20.96 21.92 7.91
N LEU D 31 21.16 20.93 8.79
CA LEU D 31 21.38 21.17 10.21
C LEU D 31 22.38 20.13 10.73
N ASN D 32 23.13 20.52 11.75
CA ASN D 32 24.09 19.65 12.41
C ASN D 32 23.36 19.03 13.59
N ILE D 33 23.36 17.71 13.66
CA ILE D 33 22.63 17.05 14.73
C ILE D 33 23.50 16.15 15.61
N LEU D 34 23.40 16.37 16.92
CA LEU D 34 24.14 15.59 17.91
C LEU D 34 23.66 14.15 17.93
N VAL D 35 24.61 13.22 17.91
CA VAL D 35 24.28 11.81 17.94
C VAL D 35 24.15 11.44 19.42
N ASP D 36 22.94 11.10 19.85
CA ASP D 36 22.69 10.78 21.26
C ASP D 36 22.05 9.40 21.49
N THR D 37 22.83 8.44 21.98
CA THR D 37 22.27 7.11 22.21
C THR D 37 21.60 7.04 23.58
N GLY D 38 21.62 8.16 24.30
CA GLY D 38 21.00 8.21 25.63
C GLY D 38 19.60 8.84 25.66
N SER D 39 19.01 9.10 24.50
CA SER D 39 17.67 9.68 24.43
C SER D 39 16.96 9.14 23.19
N SER D 40 15.68 9.50 22.99
CA SER D 40 14.93 8.93 21.87
C SER D 40 14.13 9.90 20.99
N ASN D 41 14.29 11.18 21.23
CA ASN D 41 13.58 12.19 20.45
C ASN D 41 14.47 12.83 19.40
N PHE D 42 13.90 13.10 18.22
CA PHE D 42 14.65 13.82 17.18
C PHE D 42 14.11 15.24 17.43
N ALA D 43 14.97 16.16 17.89
CA ALA D 43 14.53 17.51 18.17
C ALA D 43 15.52 18.51 17.60
N VAL D 44 15.01 19.57 16.96
CA VAL D 44 15.87 20.58 16.37
C VAL D 44 15.47 21.98 16.78
N GLY D 45 16.47 22.86 16.92
CA GLY D 45 16.17 24.23 17.24
C GLY D 45 15.25 24.72 16.14
N ALA D 46 14.14 25.37 16.50
CA ALA D 46 13.20 25.85 15.49
C ALA D 46 12.89 27.33 15.61
N ALA D 47 13.79 28.08 16.21
CA ALA D 47 13.59 29.52 16.39
C ALA D 47 14.93 30.13 16.75
N PRO D 48 15.13 31.43 16.47
CA PRO D 48 16.42 32.04 16.81
C PRO D 48 16.84 31.83 18.25
N HIS D 49 18.14 31.65 18.43
CA HIS D 49 18.72 31.46 19.76
C HIS D 49 20.13 32.01 19.66
N PRO D 50 20.63 32.60 20.75
CA PRO D 50 21.98 33.17 20.76
C PRO D 50 23.08 32.21 20.29
N PHE D 51 22.95 30.93 20.63
CA PHE D 51 23.97 29.95 20.27
C PHE D 51 23.68 29.13 19.00
N LEU D 52 22.66 29.51 18.26
CA LEU D 52 22.33 28.80 17.03
C LEU D 52 22.57 29.64 15.79
N HIS D 53 23.37 29.11 14.86
CA HIS D 53 23.66 29.83 13.63
C HIS D 53 22.46 29.69 12.69
N ARG D 54 21.83 28.53 12.72
CA ARG D 54 20.66 28.27 11.89
C ARG D 54 19.66 27.41 12.65
N TYR D 55 18.44 27.32 12.12
CA TYR D 55 17.42 26.53 12.77
C TYR D 55 16.34 26.11 11.79
N TYR D 56 15.51 25.18 12.22
CA TYR D 56 14.42 24.64 11.42
C TYR D 56 13.29 25.66 11.21
N GLN D 57 13.02 25.99 9.95
CA GLN D 57 11.96 26.93 9.62
C GLN D 57 10.82 26.17 8.97
N ARG D 58 9.86 25.77 9.80
CA ARG D 58 8.71 24.99 9.32
C ARG D 58 7.91 25.67 8.22
N GLN D 59 7.73 26.97 8.31
CA GLN D 59 6.97 27.72 7.30
C GLN D 59 7.60 27.63 5.92
N LEU D 60 8.88 27.29 5.88
CA LEU D 60 9.59 27.19 4.62
C LEU D 60 9.63 25.75 4.09
N SER D 61 9.00 24.83 4.80
CA SER D 61 8.98 23.45 4.31
C SER D 61 7.61 23.09 3.77
N SER D 62 7.55 22.72 2.50
CA SER D 62 6.27 22.35 1.89
C SER D 62 5.76 21.02 2.41
N THR D 63 6.65 20.21 2.99
CA THR D 63 6.27 18.88 3.50
C THR D 63 6.09 18.78 5.01
N TYR D 64 6.16 19.93 5.67
CA TYR D 64 5.98 19.95 7.12
C TYR D 64 4.54 19.58 7.51
N ARG D 65 4.41 18.82 8.58
CA ARG D 65 3.09 18.42 9.07
C ARG D 65 3.02 18.72 10.57
N ASP D 66 2.01 19.48 10.96
CA ASP D 66 1.80 19.86 12.35
C ASP D 66 0.97 18.77 13.06
N LEU D 67 1.55 18.18 14.11
CA LEU D 67 0.83 17.17 14.85
C LEU D 67 0.00 17.80 15.98
N ARG D 68 0.05 19.12 16.09
CA ARG D 68 -0.71 19.86 17.10
C ARG D 68 -0.56 19.23 18.49
N LYS D 69 0.69 19.05 18.92
CA LYS D 69 0.95 18.48 20.23
C LYS D 69 2.27 19.00 20.78
N GLY D 70 2.26 19.38 22.05
CA GLY D 70 3.48 19.87 22.66
C GLY D 70 4.31 18.75 23.24
N VAL D 71 5.54 19.08 23.61
CA VAL D 71 6.45 18.10 24.20
C VAL D 71 7.43 18.84 25.10
N TYR D 72 7.66 18.29 26.28
CA TYR D 72 8.57 18.88 27.26
C TYR D 72 9.65 17.88 27.68
N VAL D 73 10.90 18.33 27.71
CA VAL D 73 12.01 17.45 28.07
C VAL D 73 13.01 18.13 29.01
N PRO D 74 13.27 17.52 30.17
CA PRO D 74 14.21 18.06 31.16
C PRO D 74 15.49 17.22 31.38
N TYR D 75 16.27 16.99 30.32
CA TYR D 75 17.52 16.19 30.38
C TYR D 75 18.31 16.30 31.69
N THR D 76 19.15 15.29 31.96
CA THR D 76 19.99 15.28 33.17
C THR D 76 20.56 16.68 33.34
N GLN D 77 21.05 17.21 32.22
CA GLN D 77 21.62 18.55 32.20
C GLN D 77 20.93 19.32 31.08
N GLY D 78 20.18 20.36 31.45
CA GLY D 78 19.48 21.16 30.46
C GLY D 78 18.15 20.59 29.99
N LYS D 79 17.21 21.48 29.71
CA LYS D 79 15.88 21.09 29.25
C LYS D 79 15.35 21.94 28.10
N TRP D 80 14.47 21.37 27.28
CA TRP D 80 13.89 22.10 26.17
C TRP D 80 12.41 21.79 25.99
N GLU D 81 11.72 22.70 25.30
CA GLU D 81 10.29 22.57 25.03
C GLU D 81 10.03 22.78 23.54
N GLY D 82 9.05 22.06 23.00
CA GLY D 82 8.78 22.23 21.58
C GLY D 82 7.42 21.75 21.12
N GLU D 83 7.24 21.80 19.81
CA GLU D 83 6.01 21.42 19.15
C GLU D 83 6.25 20.27 18.18
N LEU D 84 5.48 19.20 18.35
CA LEU D 84 5.64 18.04 17.51
C LEU D 84 5.09 18.20 16.09
N GLY D 85 5.67 17.44 15.16
CA GLY D 85 5.25 17.46 13.78
C GLY D 85 6.08 16.42 13.02
N THR D 86 5.87 16.27 11.72
CA THR D 86 6.70 15.34 10.95
C THR D 86 7.17 16.05 9.69
N ASP D 87 8.22 15.53 9.06
CA ASP D 87 8.76 16.09 7.84
C ASP D 87 9.72 15.08 7.23
N LEU D 88 10.14 15.34 5.99
CA LEU D 88 11.07 14.45 5.32
C LEU D 88 12.47 14.75 5.86
N VAL D 89 13.20 13.69 6.15
CA VAL D 89 14.55 13.81 6.71
C VAL D 89 15.54 12.96 5.92
N SER D 90 16.74 13.49 5.74
CA SER D 90 17.81 12.79 5.05
C SER D 90 19.14 13.00 5.76
N ILE D 91 20.09 12.13 5.46
CA ILE D 91 21.43 12.20 6.04
C ILE D 91 22.39 12.17 4.83
N PRO D 92 22.83 13.35 4.40
CA PRO D 92 23.76 13.49 3.26
C PRO D 92 24.85 12.43 3.25
N HIS D 93 25.53 12.25 4.37
CA HIS D 93 26.59 11.25 4.44
C HIS D 93 26.12 9.99 5.16
N GLY D 94 25.04 9.40 4.68
CA GLY D 94 24.48 8.20 5.26
C GLY D 94 23.78 7.44 4.15
N PRO D 95 22.80 6.59 4.46
CA PRO D 95 22.15 5.89 3.34
C PRO D 95 21.49 6.90 2.39
N ASN D 96 21.34 6.50 1.13
CA ASN D 96 20.73 7.39 0.17
C ASN D 96 19.21 7.23 0.23
N VAL D 97 18.63 7.59 1.37
CA VAL D 97 17.18 7.51 1.53
C VAL D 97 16.65 8.79 2.17
N THR D 98 15.34 8.95 2.13
CA THR D 98 14.65 10.09 2.71
C THR D 98 13.49 9.46 3.46
N VAL D 99 13.28 9.88 4.69
CA VAL D 99 12.21 9.30 5.48
C VAL D 99 11.35 10.36 6.15
N ARG D 100 10.09 10.03 6.41
CA ARG D 100 9.22 10.97 7.09
C ARG D 100 9.33 10.56 8.54
N ALA D 101 9.82 11.47 9.35
CA ALA D 101 10.02 11.17 10.74
C ALA D 101 9.43 12.24 11.64
N ASN D 102 9.27 11.88 12.91
CA ASN D 102 8.75 12.79 13.91
C ASN D 102 9.87 13.78 14.18
N ILE D 103 9.50 15.03 14.38
CA ILE D 103 10.45 16.08 14.69
C ILE D 103 9.86 17.00 15.72
N ALA D 104 10.58 17.24 16.81
CA ALA D 104 10.14 18.14 17.86
C ALA D 104 10.77 19.47 17.55
N ALA D 105 9.96 20.47 17.20
CA ALA D 105 10.46 21.80 16.89
C ALA D 105 10.71 22.49 18.22
N ILE D 106 11.98 22.73 18.54
CA ILE D 106 12.33 23.34 19.81
C ILE D 106 12.03 24.83 19.82
N THR D 107 11.09 25.25 20.67
CA THR D 107 10.71 26.67 20.75
C THR D 107 11.31 27.40 21.96
N GLU D 108 11.48 26.69 23.08
CA GLU D 108 12.06 27.28 24.27
C GLU D 108 13.04 26.27 24.87
N SER D 109 14.18 26.75 25.35
CA SER D 109 15.17 25.87 25.96
C SER D 109 16.00 26.61 27.01
N ASP D 110 16.45 25.86 28.01
CA ASP D 110 17.27 26.39 29.09
C ASP D 110 18.52 25.51 29.22
N LYS D 111 19.68 26.09 28.99
CA LYS D 111 20.94 25.36 29.10
C LYS D 111 20.95 24.07 28.27
N PHE D 112 20.51 24.15 27.02
CA PHE D 112 20.47 23.00 26.14
C PHE D 112 21.53 23.23 25.07
N PHE D 113 21.31 24.26 24.26
CA PHE D 113 22.24 24.59 23.19
C PHE D 113 23.52 25.15 23.78
N ILE D 114 24.65 24.67 23.28
CA ILE D 114 25.94 25.10 23.79
C ILE D 114 26.67 26.08 22.88
N ASN D 115 27.11 27.19 23.46
CA ASN D 115 27.83 28.20 22.70
C ASN D 115 29.01 27.59 21.95
N GLY D 116 28.99 27.68 20.62
CA GLY D 116 30.06 27.15 19.80
C GLY D 116 30.18 25.64 19.65
N SER D 117 29.12 24.90 19.95
CA SER D 117 29.15 23.43 19.80
C SER D 117 28.94 23.06 18.33
N ASN D 118 28.37 24.01 17.60
CA ASN D 118 28.07 23.85 16.17
C ASN D 118 26.89 22.91 15.84
N TRP D 119 26.22 22.34 16.84
CA TRP D 119 25.06 21.50 16.51
C TRP D 119 23.76 22.23 16.85
N GLU D 120 22.73 21.97 16.04
CA GLU D 120 21.44 22.64 16.17
C GLU D 120 20.26 21.74 16.53
N GLY D 121 20.53 20.47 16.74
CA GLY D 121 19.49 19.54 17.08
C GLY D 121 20.07 18.29 17.68
N ILE D 122 19.22 17.36 18.07
CA ILE D 122 19.67 16.12 18.71
C ILE D 122 18.99 14.90 18.09
N LEU D 123 19.74 13.84 17.88
CA LEU D 123 19.17 12.61 17.32
C LEU D 123 19.23 11.53 18.39
N GLY D 124 18.10 11.34 19.08
CA GLY D 124 17.99 10.34 20.12
C GLY D 124 17.86 9.00 19.42
N LEU D 125 18.89 8.17 19.61
CA LEU D 125 18.95 6.88 18.96
C LEU D 125 18.48 5.72 19.82
N ALA D 126 18.11 6.02 21.06
CA ALA D 126 17.60 4.97 21.95
C ALA D 126 16.13 4.64 21.62
N TYR D 127 15.55 3.77 22.43
CA TYR D 127 14.19 3.29 22.16
C TYR D 127 12.96 4.08 22.59
N ALA D 128 11.85 3.76 21.92
CA ALA D 128 10.56 4.42 22.14
C ALA D 128 10.14 4.52 23.60
N GLU D 129 10.48 3.50 24.38
CA GLU D 129 10.12 3.45 25.79
C GLU D 129 10.44 4.74 26.51
N ILE D 130 11.55 5.39 26.17
CA ILE D 130 11.92 6.62 26.85
C ILE D 130 11.71 7.89 26.03
N ALA D 131 10.94 7.81 24.96
CA ALA D 131 10.67 9.00 24.17
C ALA D 131 9.63 9.84 24.89
N ARG D 132 9.69 11.15 24.70
CA ARG D 132 8.72 12.08 25.28
C ARG D 132 7.82 12.50 24.11
N PRO D 133 6.52 12.77 24.38
CA PRO D 133 5.78 12.72 25.65
C PRO D 133 5.61 11.31 26.17
N ASP D 134 5.53 10.35 25.26
CA ASP D 134 5.34 8.96 25.65
C ASP D 134 5.87 8.06 24.56
N ASP D 135 5.73 6.75 24.75
CA ASP D 135 6.25 5.78 23.80
C ASP D 135 5.50 5.59 22.47
N SER D 136 4.51 6.44 22.21
CA SER D 136 3.80 6.36 20.94
C SER D 136 4.53 7.19 19.86
N LEU D 137 5.44 8.06 20.28
CA LEU D 137 6.18 8.90 19.32
C LEU D 137 7.35 8.10 18.73
N GLU D 138 7.14 7.52 17.57
CA GLU D 138 8.18 6.71 16.94
C GLU D 138 9.52 7.43 16.71
N PRO D 139 10.60 6.95 17.34
CA PRO D 139 11.94 7.53 17.21
C PRO D 139 12.42 7.47 15.78
N PHE D 140 13.37 8.33 15.44
CA PHE D 140 13.91 8.37 14.09
C PHE D 140 14.42 7.03 13.52
N PHE D 141 15.27 6.32 14.27
CA PHE D 141 15.81 5.08 13.74
C PHE D 141 14.73 4.04 13.44
N ASP D 142 13.67 4.01 14.26
CA ASP D 142 12.58 3.06 14.01
C ASP D 142 11.90 3.42 12.69
N SER D 143 11.71 4.71 12.43
CA SER D 143 11.09 5.15 11.19
C SER D 143 11.98 4.76 10.02
N LEU D 144 13.29 4.97 10.20
CA LEU D 144 14.25 4.66 9.15
C LEU D 144 14.13 3.20 8.74
N VAL D 145 14.12 2.31 9.74
CA VAL D 145 14.02 0.88 9.47
C VAL D 145 12.69 0.48 8.83
N LYS D 146 11.59 0.96 9.37
CA LYS D 146 10.28 0.63 8.84
C LYS D 146 10.10 1.11 7.41
N GLN D 147 10.62 2.29 7.10
CA GLN D 147 10.45 2.83 5.76
C GLN D 147 11.49 2.50 4.71
N THR D 148 12.56 1.81 5.10
CA THR D 148 13.62 1.49 4.16
C THR D 148 14.15 0.07 4.36
N HIS D 149 15.11 -0.31 3.52
CA HIS D 149 15.73 -1.62 3.65
C HIS D 149 17.05 -1.51 4.44
N VAL D 150 17.21 -0.43 5.18
CA VAL D 150 18.43 -0.25 5.99
C VAL D 150 18.38 -1.25 7.16
N PRO D 151 19.44 -2.07 7.30
CA PRO D 151 19.44 -3.04 8.40
C PRO D 151 19.27 -2.36 9.76
N ASN D 152 18.59 -3.04 10.68
CA ASN D 152 18.33 -2.52 12.03
C ASN D 152 19.56 -2.49 12.93
N LEU D 153 20.53 -1.67 12.55
CA LEU D 153 21.77 -1.58 13.31
C LEU D 153 22.62 -0.39 12.87
N PHE D 154 23.36 0.17 13.83
CA PHE D 154 24.29 1.25 13.53
C PHE D 154 25.51 1.09 14.44
N SER D 155 26.63 1.62 13.98
CA SER D 155 27.87 1.51 14.74
C SER D 155 28.50 2.91 14.82
N LEU D 156 29.14 3.17 15.95
CA LEU D 156 29.75 4.46 16.23
C LEU D 156 31.24 4.39 16.58
N GLN D 157 32.01 5.24 15.92
CA GLN D 157 33.43 5.37 16.16
C GLN D 157 33.61 6.86 16.49
N LEU D 158 33.67 7.19 17.78
CA LEU D 158 33.89 8.58 18.16
C LEU D 158 35.40 8.75 18.32
N CYS D 159 35.96 9.74 17.64
CA CYS D 159 37.39 9.98 17.70
C CYS D 159 37.81 11.23 18.48
N GLY D 160 38.36 11.04 19.67
CA GLY D 160 38.85 12.17 20.44
C GLY D 160 40.24 12.50 19.92
N ALA D 161 40.65 13.77 19.99
CA ALA D 161 41.96 14.10 19.45
C ALA D 161 43.12 13.88 20.42
N GLY D 162 42.83 13.91 21.71
CA GLY D 162 43.89 13.74 22.69
C GLY D 162 44.54 15.06 23.07
N PHE D 163 44.07 16.15 22.46
CA PHE D 163 44.56 17.50 22.75
C PHE D 163 43.42 18.46 22.40
N PRO D 164 43.47 19.72 22.88
CA PRO D 164 42.41 20.67 22.57
C PRO D 164 42.37 21.12 21.13
N LEU D 165 41.18 21.34 20.60
CA LEU D 165 40.98 21.76 19.21
C LEU D 165 40.42 23.19 19.18
N ASN D 166 41.00 24.07 18.36
CA ASN D 166 40.44 25.41 18.27
C ASN D 166 39.20 25.31 17.38
N GLN D 167 38.41 26.37 17.28
CA GLN D 167 37.18 26.31 16.49
C GLN D 167 37.41 25.90 15.04
N SER D 168 38.56 26.26 14.50
CA SER D 168 38.89 25.92 13.13
C SER D 168 39.11 24.41 12.98
N GLU D 169 39.82 23.82 13.92
CA GLU D 169 40.11 22.40 13.93
C GLU D 169 38.89 21.53 14.25
N VAL D 170 38.04 21.99 15.17
CA VAL D 170 36.86 21.21 15.53
C VAL D 170 35.92 21.18 14.34
N LEU D 171 36.02 22.19 13.47
CA LEU D 171 35.19 22.27 12.28
C LEU D 171 35.91 21.61 11.11
N ALA D 172 37.18 21.98 10.94
CA ALA D 172 38.02 21.49 9.87
C ALA D 172 38.57 20.07 10.09
N SER D 173 38.13 19.39 11.13
CA SER D 173 38.63 18.03 11.37
C SER D 173 37.51 16.98 11.39
N VAL D 174 37.93 15.71 11.33
CA VAL D 174 37.02 14.56 11.34
C VAL D 174 36.86 14.01 12.75
N GLY D 175 35.63 14.02 13.23
CA GLY D 175 35.36 13.55 14.57
C GLY D 175 35.00 12.09 14.74
N GLY D 176 34.85 11.36 13.63
CA GLY D 176 34.51 9.95 13.75
C GLY D 176 33.48 9.49 12.73
N SER D 177 32.90 8.33 12.99
CA SER D 177 31.95 7.76 12.06
C SER D 177 30.71 7.15 12.69
N MET D 178 29.58 7.36 11.99
CA MET D 178 28.34 6.76 12.37
C MET D 178 27.97 5.98 11.12
N ILE D 179 28.15 4.66 11.19
CA ILE D 179 27.81 3.82 10.06
C ILE D 179 26.38 3.34 10.29
N ILE D 180 25.49 3.81 9.42
CA ILE D 180 24.08 3.46 9.52
C ILE D 180 23.76 2.26 8.65
N GLY D 181 23.34 1.18 9.30
CA GLY D 181 22.99 -0.02 8.57
C GLY D 181 24.08 -1.08 8.55
N GLY D 182 25.25 -0.78 9.09
CA GLY D 182 26.31 -1.78 9.06
C GLY D 182 27.53 -1.55 9.95
N ILE D 183 28.54 -2.37 9.69
CA ILE D 183 29.81 -2.39 10.41
C ILE D 183 30.91 -2.21 9.37
N ASP D 184 31.82 -1.28 9.60
CA ASP D 184 32.91 -1.06 8.67
C ASP D 184 34.18 -1.53 9.36
N HIS D 185 34.81 -2.57 8.81
CA HIS D 185 36.01 -3.14 9.40
C HIS D 185 37.24 -2.27 9.49
N SER D 186 37.26 -1.15 8.77
CA SER D 186 38.42 -0.26 8.85
C SER D 186 38.40 0.63 10.11
N LEU D 187 37.32 0.53 10.89
CA LEU D 187 37.20 1.38 12.09
C LEU D 187 37.70 0.75 13.42
N TYR D 188 38.07 -0.53 13.39
CA TYR D 188 38.54 -1.19 14.61
C TYR D 188 39.60 -2.23 14.31
N THR D 189 40.23 -2.75 15.35
CA THR D 189 41.24 -3.79 15.20
C THR D 189 40.88 -4.88 16.20
N GLY D 190 41.40 -6.08 15.98
CA GLY D 190 41.10 -7.17 16.88
C GLY D 190 39.66 -7.59 16.62
N SER D 191 39.03 -8.25 17.57
CA SER D 191 37.68 -8.69 17.29
C SER D 191 36.62 -7.96 18.09
N LEU D 192 35.38 -8.14 17.66
CA LEU D 192 34.23 -7.56 18.31
C LEU D 192 33.69 -8.50 19.37
N TRP D 193 33.46 -7.97 20.56
CA TRP D 193 32.90 -8.77 21.65
C TRP D 193 31.55 -8.16 21.96
N TYR D 194 30.51 -8.97 22.04
CA TYR D 194 29.18 -8.45 22.31
C TYR D 194 28.65 -8.70 23.69
N THR D 195 27.90 -7.73 24.20
CA THR D 195 27.26 -7.83 25.48
C THR D 195 25.77 -7.67 25.20
N PRO D 196 24.89 -8.41 25.92
CA PRO D 196 23.45 -8.28 25.68
C PRO D 196 22.87 -6.91 26.04
N ILE D 197 21.85 -6.47 25.29
CA ILE D 197 21.18 -5.25 25.67
C ILE D 197 20.13 -5.84 26.64
N ARG D 198 20.17 -5.43 27.90
CA ARG D 198 19.27 -5.99 28.91
C ARG D 198 17.78 -5.71 28.68
N ARG D 199 17.46 -4.46 28.41
CA ARG D 199 16.10 -4.04 28.15
C ARG D 199 16.17 -2.89 27.14
N GLU D 200 15.28 -2.91 26.17
CA GLU D 200 15.26 -1.89 25.14
C GLU D 200 14.55 -0.61 25.55
N TRP D 201 15.29 0.27 26.22
CA TRP D 201 14.76 1.59 26.59
C TRP D 201 15.97 2.45 26.38
N TYR D 202 16.92 2.44 27.31
CA TYR D 202 18.19 3.14 27.10
C TYR D 202 18.93 1.94 26.54
N TYR D 203 20.15 2.13 26.05
CA TYR D 203 20.92 0.99 25.61
C TYR D 203 21.55 0.49 26.91
N GLU D 204 20.79 -0.31 27.65
CA GLU D 204 21.22 -0.83 28.95
C GLU D 204 22.04 -2.10 28.91
N VAL D 205 23.11 -2.14 29.70
CA VAL D 205 23.97 -3.31 29.75
C VAL D 205 24.26 -3.66 31.20
N ILE D 206 25.00 -4.75 31.39
CA ILE D 206 25.35 -5.20 32.73
C ILE D 206 26.85 -5.37 32.93
N ILE D 207 27.38 -4.60 33.89
CA ILE D 207 28.79 -4.62 34.23
C ILE D 207 28.92 -5.65 35.35
N VAL D 208 29.90 -6.56 35.24
CA VAL D 208 30.05 -7.60 36.23
C VAL D 208 31.32 -7.56 37.07
N ARG D 209 32.28 -6.71 36.69
CA ARG D 209 33.52 -6.58 37.45
C ARG D 209 34.21 -5.29 37.02
N VAL D 210 34.92 -4.68 37.95
CA VAL D 210 35.66 -3.46 37.65
C VAL D 210 37.05 -3.55 38.28
N GLU D 211 38.08 -3.22 37.50
CA GLU D 211 39.47 -3.24 37.96
C GLU D 211 40.17 -1.92 37.68
N ILE D 212 41.14 -1.58 38.52
CA ILE D 212 41.96 -0.39 38.39
C ILE D 212 43.38 -0.99 38.34
N ASN D 213 44.02 -0.93 37.18
CA ASN D 213 45.33 -1.55 36.99
C ASN D 213 45.27 -3.00 37.49
N GLY D 214 44.25 -3.73 37.04
CA GLY D 214 44.15 -5.14 37.41
C GLY D 214 43.64 -5.46 38.82
N GLN D 215 43.61 -4.47 39.70
CA GLN D 215 43.12 -4.70 41.05
C GLN D 215 41.61 -4.57 41.10
N ASP D 216 40.97 -5.64 41.54
CA ASP D 216 39.52 -5.72 41.66
C ASP D 216 38.95 -4.70 42.65
N LEU D 217 37.97 -3.92 42.21
CA LEU D 217 37.35 -2.94 43.10
C LEU D 217 36.63 -3.75 44.19
N LYS D 218 36.34 -5.01 43.87
CA LYS D 218 35.71 -5.95 44.79
C LYS D 218 34.41 -5.50 45.46
N MET D 219 33.49 -4.97 44.67
CA MET D 219 32.22 -4.55 45.22
C MET D 219 31.19 -5.56 44.76
N ASP D 220 30.05 -5.58 45.44
CA ASP D 220 28.92 -6.43 45.07
C ASP D 220 28.63 -5.91 43.65
N CYS D 221 28.61 -6.78 42.64
CA CYS D 221 28.40 -6.28 41.29
C CYS D 221 27.10 -5.50 41.05
N LYS D 222 26.09 -5.73 41.88
CA LYS D 222 24.83 -4.98 41.73
C LYS D 222 25.11 -3.49 41.89
N GLU D 223 26.13 -3.15 42.69
CA GLU D 223 26.50 -1.76 42.91
C GLU D 223 26.96 -1.06 41.62
N TYR D 224 27.56 -1.81 40.71
CA TYR D 224 28.08 -1.26 39.45
C TYR D 224 26.96 -0.85 38.50
N ASN D 225 25.80 -1.50 38.65
CA ASN D 225 24.66 -1.23 37.80
C ASN D 225 23.56 -0.69 38.68
N TYR D 226 23.96 -0.19 39.85
CA TYR D 226 22.97 0.34 40.78
C TYR D 226 22.16 1.42 40.12
N ASP D 227 20.97 0.98 39.73
CA ASP D 227 19.96 1.74 39.03
C ASP D 227 19.94 1.11 37.65
N LYS D 228 21.01 1.37 36.92
CA LYS D 228 21.19 0.86 35.57
C LYS D 228 22.55 1.31 35.05
N SER D 229 22.97 0.69 33.95
CA SER D 229 24.23 1.03 33.29
C SER D 229 23.86 1.17 31.83
N ILE D 230 24.21 2.29 31.22
CA ILE D 230 23.87 2.50 29.81
C ILE D 230 25.06 3.02 29.03
N VAL D 231 24.99 2.88 27.72
CA VAL D 231 26.03 3.41 26.82
C VAL D 231 25.39 4.71 26.30
N ASP D 232 26.01 5.85 26.60
CA ASP D 232 25.44 7.15 26.21
C ASP D 232 26.38 8.09 25.48
N SER D 233 26.28 8.15 24.15
CA SER D 233 27.14 9.05 23.40
C SER D 233 26.82 10.53 23.67
N GLY D 234 25.72 10.78 24.37
CA GLY D 234 25.34 12.15 24.67
C GLY D 234 25.81 12.68 26.02
N THR D 235 26.65 11.88 26.69
CA THR D 235 27.21 12.22 28.01
C THR D 235 28.73 12.24 27.79
N THR D 236 29.40 13.22 28.36
CA THR D 236 30.84 13.34 28.19
C THR D 236 31.63 12.31 28.96
N ASN D 237 31.37 12.24 30.26
CA ASN D 237 32.08 11.38 31.17
C ASN D 237 31.67 9.92 31.34
N LEU D 238 32.54 9.21 32.06
CA LEU D 238 32.27 7.86 32.47
C LEU D 238 31.58 8.28 33.79
N ARG D 239 30.32 7.96 33.97
CA ARG D 239 29.65 8.34 35.22
C ARG D 239 29.38 7.09 36.05
N LEU D 240 29.74 7.13 37.33
CA LEU D 240 29.58 5.98 38.23
C LEU D 240 28.74 6.26 39.48
N PRO D 241 27.94 5.27 39.92
CA PRO D 241 27.10 5.40 41.13
C PRO D 241 28.01 5.85 42.27
N LYS D 242 27.51 6.70 43.15
CA LYS D 242 28.30 7.21 44.28
C LYS D 242 29.24 6.22 44.96
N LYS D 243 28.75 5.06 45.38
CA LYS D 243 29.64 4.12 46.05
C LYS D 243 30.76 3.62 45.16
N VAL D 244 30.47 3.38 43.89
CA VAL D 244 31.50 2.89 42.98
C VAL D 244 32.45 4.03 42.69
N PHE D 245 31.90 5.21 42.43
CA PHE D 245 32.70 6.38 42.16
C PHE D 245 33.72 6.54 43.26
N GLU D 246 33.26 6.54 44.50
CA GLU D 246 34.16 6.72 45.63
C GLU D 246 35.26 5.71 45.69
N ALA D 247 34.92 4.43 45.54
CA ALA D 247 35.94 3.37 45.59
C ALA D 247 36.91 3.50 44.41
N ALA D 248 36.39 3.86 43.24
CA ALA D 248 37.26 4.01 42.07
C ALA D 248 38.23 5.18 42.24
N VAL D 249 37.74 6.31 42.75
CA VAL D 249 38.62 7.46 42.95
C VAL D 249 39.72 7.16 43.97
N LYS D 250 39.36 6.46 45.04
CA LYS D 250 40.35 6.13 46.04
C LYS D 250 41.44 5.28 45.39
N SER D 251 41.01 4.32 44.57
CA SER D 251 41.96 3.43 43.92
C SER D 251 42.84 4.15 42.90
N ILE D 252 42.23 4.98 42.05
CA ILE D 252 43.00 5.72 41.05
C ILE D 252 44.00 6.65 41.74
N LYS D 253 43.58 7.24 42.85
CA LYS D 253 44.45 8.11 43.65
C LYS D 253 45.63 7.32 44.18
N ALA D 254 45.35 6.12 44.68
CA ALA D 254 46.42 5.28 45.24
C ALA D 254 47.47 4.93 44.17
N ALA D 255 47.00 4.66 42.96
CA ALA D 255 47.90 4.29 41.86
C ALA D 255 48.71 5.46 41.32
N SER D 256 48.17 6.67 41.44
CA SER D 256 48.89 7.84 40.91
C SER D 256 49.51 8.73 41.99
N SER D 257 49.66 8.19 43.19
CA SER D 257 50.17 8.98 44.30
C SER D 257 51.57 9.56 44.23
N THR D 258 52.39 9.19 43.25
CA THR D 258 53.72 9.80 43.17
C THR D 258 53.55 11.27 42.83
N GLU D 259 52.34 11.63 42.40
CA GLU D 259 52.03 13.01 42.11
C GLU D 259 50.73 13.33 42.84
N LYS D 260 50.65 14.51 43.44
CA LYS D 260 49.43 14.85 44.18
C LYS D 260 48.58 15.88 43.44
N PHE D 261 47.27 15.65 43.43
CA PHE D 261 46.36 16.56 42.75
C PHE D 261 45.31 16.98 43.75
N PRO D 262 44.82 18.22 43.64
CA PRO D 262 43.79 18.79 44.53
C PRO D 262 42.47 18.04 44.41
N ASP D 263 41.70 18.02 45.51
CA ASP D 263 40.39 17.36 45.50
C ASP D 263 39.53 17.90 44.35
N GLY D 264 39.78 19.17 43.97
CA GLY D 264 39.03 19.79 42.89
C GLY D 264 39.22 19.05 41.58
N PHE D 265 40.43 18.52 41.37
CA PHE D 265 40.74 17.77 40.16
C PHE D 265 39.87 16.53 40.15
N TRP D 266 39.91 15.78 41.25
CA TRP D 266 39.15 14.55 41.34
C TRP D 266 37.64 14.70 41.27
N LEU D 267 37.13 15.88 41.57
CA LEU D 267 35.69 16.03 41.50
C LEU D 267 35.30 16.70 40.18
N GLY D 268 36.28 16.80 39.28
CA GLY D 268 36.06 17.36 37.96
C GLY D 268 35.90 18.86 37.85
N GLU D 269 36.13 19.58 38.95
CA GLU D 269 35.98 21.03 38.93
C GLU D 269 37.23 21.79 38.51
N GLN D 270 38.39 21.16 38.49
CA GLN D 270 39.57 21.90 38.07
C GLN D 270 40.52 21.08 37.23
N LEU D 271 41.26 21.77 36.39
CA LEU D 271 42.16 21.06 35.51
C LEU D 271 43.56 20.95 36.08
N VAL D 272 44.33 20.01 35.54
CA VAL D 272 45.70 19.79 35.94
C VAL D 272 46.52 20.02 34.68
N CYS D 273 47.68 20.65 34.85
CA CYS D 273 48.55 20.96 33.72
C CYS D 273 49.97 20.46 33.89
N TRP D 274 50.58 20.09 32.76
CA TRP D 274 51.96 19.67 32.74
C TRP D 274 52.60 20.40 31.58
N GLN D 275 53.91 20.61 31.63
CA GLN D 275 54.59 21.29 30.54
C GLN D 275 54.39 20.50 29.26
N ALA D 276 54.37 21.21 28.14
CA ALA D 276 54.19 20.64 26.81
C ALA D 276 54.80 19.24 26.66
N GLY D 277 53.95 18.24 26.39
CA GLY D 277 54.41 16.89 26.15
C GLY D 277 54.89 16.02 27.31
N THR D 278 54.82 16.54 28.54
CA THR D 278 55.27 15.77 29.69
C THR D 278 54.18 15.08 30.48
N THR D 279 52.96 15.03 29.98
CA THR D 279 51.89 14.36 30.73
C THR D 279 52.41 12.98 31.15
N PRO D 280 52.42 12.69 32.46
CA PRO D 280 52.88 11.41 33.02
C PRO D 280 51.82 10.32 32.93
N TRP D 281 51.43 9.98 31.70
CA TRP D 281 50.43 8.96 31.44
C TRP D 281 50.67 7.69 32.24
N ASN D 282 51.93 7.26 32.27
CA ASN D 282 52.29 6.00 32.95
C ASN D 282 51.92 5.89 34.44
N ILE D 283 51.80 7.01 35.15
CA ILE D 283 51.47 6.90 36.58
C ILE D 283 50.00 6.64 36.82
N PHE D 284 49.15 6.99 35.86
CA PHE D 284 47.72 6.75 36.00
C PHE D 284 47.43 5.31 35.56
N PRO D 285 46.46 4.66 36.23
CA PRO D 285 46.11 3.28 35.92
C PRO D 285 45.14 3.13 34.76
N VAL D 286 45.08 1.92 34.21
CA VAL D 286 44.10 1.66 33.18
C VAL D 286 42.86 1.25 33.98
N ILE D 287 41.69 1.31 33.35
CA ILE D 287 40.45 0.94 34.00
C ILE D 287 39.76 -0.08 33.10
N SER D 288 39.39 -1.21 33.71
CA SER D 288 38.71 -2.26 32.97
C SER D 288 37.31 -2.51 33.49
N LEU D 289 36.34 -2.57 32.57
CA LEU D 289 34.96 -2.85 32.94
C LEU D 289 34.63 -4.18 32.27
N TYR D 290 34.22 -5.17 33.06
CA TYR D 290 33.85 -6.45 32.50
C TYR D 290 32.37 -6.38 32.24
N LEU D 291 31.96 -6.82 31.05
CA LEU D 291 30.57 -6.81 30.64
C LEU D 291 30.10 -8.24 30.47
N MET D 292 28.81 -8.46 30.70
CA MET D 292 28.22 -9.78 30.56
C MET D 292 28.38 -10.18 29.11
N GLY D 293 28.72 -11.45 28.87
CA GLY D 293 28.90 -11.92 27.51
C GLY D 293 27.64 -12.57 26.95
N GLU D 294 27.68 -12.99 25.70
CA GLU D 294 26.52 -13.63 25.08
C GLU D 294 26.41 -15.11 25.50
N VAL D 295 27.55 -15.73 25.80
CA VAL D 295 27.58 -17.12 26.22
C VAL D 295 27.35 -17.22 27.73
N THR D 296 26.53 -18.18 28.14
CA THR D 296 26.22 -18.36 29.56
C THR D 296 27.53 -18.45 30.38
N ASN D 297 27.58 -17.72 31.50
CA ASN D 297 28.75 -17.74 32.38
C ASN D 297 30.01 -17.20 31.70
N GLN D 298 29.83 -16.37 30.68
CA GLN D 298 30.98 -15.83 30.00
C GLN D 298 30.92 -14.31 29.99
N SER D 299 32.07 -13.67 30.20
CA SER D 299 32.14 -12.22 30.16
C SER D 299 33.43 -11.83 29.45
N PHE D 300 33.54 -10.56 29.09
CA PHE D 300 34.73 -10.04 28.42
C PHE D 300 34.95 -8.68 29.06
N ARG D 301 36.10 -8.06 28.83
CA ARG D 301 36.34 -6.76 29.44
C ARG D 301 36.81 -5.72 28.43
N ILE D 302 36.56 -4.45 28.76
CA ILE D 302 37.04 -3.36 27.92
C ILE D 302 37.92 -2.57 28.85
N THR D 303 39.07 -2.19 28.35
CA THR D 303 40.04 -1.47 29.14
C THR D 303 40.38 -0.13 28.52
N ILE D 304 40.26 0.93 29.32
CA ILE D 304 40.60 2.27 28.85
C ILE D 304 41.83 2.82 29.56
N LEU D 305 42.45 3.79 28.92
CA LEU D 305 43.65 4.42 29.40
C LEU D 305 43.34 5.81 29.94
N PRO D 306 44.31 6.43 30.64
CA PRO D 306 44.09 7.79 31.15
C PRO D 306 43.92 8.73 29.92
N GLN D 307 44.40 8.30 28.74
CA GLN D 307 44.24 9.11 27.54
C GLN D 307 42.76 9.22 27.17
N GLN D 308 41.94 8.31 27.70
CA GLN D 308 40.49 8.39 27.50
C GLN D 308 39.83 9.14 28.67
N TYR D 309 40.20 8.80 29.92
CA TYR D 309 39.51 9.45 31.04
C TYR D 309 40.03 10.81 31.52
N LEU D 310 41.14 11.26 30.94
CA LEU D 310 41.64 12.60 31.22
C LEU D 310 41.30 13.37 29.92
N ARG D 311 40.30 14.24 30.01
CA ARG D 311 39.83 15.02 28.86
C ARG D 311 40.65 16.30 28.61
N PRO D 312 41.22 16.45 27.40
CA PRO D 312 42.02 17.64 27.11
C PRO D 312 41.18 18.92 27.08
N VAL D 313 41.75 19.98 27.65
CA VAL D 313 41.11 21.29 27.68
C VAL D 313 42.23 22.31 27.53
N GLU D 314 41.92 23.49 27.00
CA GLU D 314 42.95 24.50 26.80
C GLU D 314 43.20 25.37 28.05
N ASP D 315 44.48 25.68 28.26
CA ASP D 315 44.93 26.51 29.37
C ASP D 315 44.70 27.98 29.01
N VAL D 316 44.04 28.72 29.90
CA VAL D 316 43.76 30.13 29.66
C VAL D 316 44.97 30.98 29.26
N ALA D 317 45.84 31.30 30.21
CA ALA D 317 47.03 32.11 29.94
C ALA D 317 47.87 31.56 28.79
N THR D 318 48.84 32.35 28.35
CA THR D 318 49.73 31.92 27.26
C THR D 318 50.42 30.67 27.80
N SER D 319 50.26 29.54 27.10
CA SER D 319 50.87 28.31 27.56
C SER D 319 50.94 27.19 26.51
N GLN D 320 52.05 26.46 26.53
CA GLN D 320 52.24 25.33 25.64
C GLN D 320 51.71 24.14 26.46
N ASP D 321 51.60 24.37 27.78
CA ASP D 321 51.12 23.36 28.72
C ASP D 321 49.94 22.51 28.25
N ASP D 322 50.05 21.22 28.52
CA ASP D 322 49.01 20.26 28.17
C ASP D 322 48.15 20.09 29.44
N CYS D 323 46.90 20.53 29.38
CA CYS D 323 45.99 20.47 30.53
C CYS D 323 44.81 19.53 30.32
N TYR D 324 44.23 19.04 31.41
CA TYR D 324 43.11 18.11 31.34
C TYR D 324 42.19 18.16 32.55
N LYS D 325 40.98 17.66 32.36
CA LYS D 325 40.03 17.52 33.44
C LYS D 325 39.81 16.02 33.57
N PHE D 326 39.55 15.58 34.79
CA PHE D 326 39.30 14.18 35.14
C PHE D 326 37.88 13.94 34.62
N ALA D 327 37.73 13.03 33.67
CA ALA D 327 36.42 12.80 33.07
C ALA D 327 35.60 11.63 33.60
N ILE D 328 35.73 11.39 34.90
CA ILE D 328 34.98 10.33 35.59
C ILE D 328 34.27 11.12 36.70
N SER D 329 32.95 10.97 36.83
CA SER D 329 32.25 11.70 37.86
C SER D 329 31.13 10.87 38.43
N GLN D 330 30.55 11.30 39.55
CA GLN D 330 29.49 10.50 40.14
C GLN D 330 28.12 10.71 39.54
N SER D 331 27.33 9.64 39.59
CA SER D 331 25.98 9.65 39.07
C SER D 331 25.06 9.17 40.17
N SER D 332 23.81 9.62 40.12
CA SER D 332 22.83 9.17 41.10
C SER D 332 21.80 8.40 40.26
N THR D 333 22.11 8.22 38.99
CA THR D 333 21.22 7.50 38.07
C THR D 333 21.88 6.32 37.39
N GLY D 334 22.80 5.65 38.10
CA GLY D 334 23.48 4.49 37.57
C GLY D 334 24.75 4.82 36.81
N THR D 335 25.30 3.82 36.14
CA THR D 335 26.51 4.02 35.37
C THR D 335 26.23 4.52 33.98
N VAL D 336 27.05 5.45 33.52
CA VAL D 336 26.92 5.95 32.16
C VAL D 336 28.27 5.86 31.46
N MET D 337 28.33 5.02 30.42
CA MET D 337 29.54 4.90 29.61
C MET D 337 29.38 5.98 28.54
N GLY D 338 29.93 7.15 28.84
CA GLY D 338 29.84 8.28 27.95
C GLY D 338 30.92 8.31 26.87
N ALA D 339 30.99 9.46 26.18
CA ALA D 339 31.92 9.68 25.09
C ALA D 339 33.36 9.34 25.44
N VAL D 340 33.75 9.62 26.68
CA VAL D 340 35.10 9.35 27.15
C VAL D 340 35.45 7.87 27.01
N ILE D 341 34.46 7.02 27.22
CA ILE D 341 34.65 5.59 27.08
C ILE D 341 34.48 5.18 25.61
N MET D 342 33.48 5.74 24.95
CA MET D 342 33.25 5.38 23.54
C MET D 342 34.40 5.78 22.62
N GLU D 343 35.18 6.79 22.99
CA GLU D 343 36.31 7.22 22.18
C GLU D 343 37.39 6.14 22.14
N GLY D 344 37.29 5.15 23.01
CA GLY D 344 38.29 4.11 23.02
C GLY D 344 37.89 2.91 22.16
N PHE D 345 36.62 2.83 21.82
CA PHE D 345 36.14 1.67 21.09
C PHE D 345 35.23 1.98 19.91
N TYR D 346 35.08 0.98 19.04
CA TYR D 346 34.15 1.05 17.92
C TYR D 346 32.99 0.36 18.62
N VAL D 347 31.82 1.00 18.67
CA VAL D 347 30.70 0.42 19.36
C VAL D 347 29.56 0.09 18.41
N VAL D 348 29.18 -1.19 18.40
CA VAL D 348 28.13 -1.65 17.51
C VAL D 348 26.81 -1.82 18.24
N PHE D 349 25.81 -1.02 17.82
CA PHE D 349 24.48 -1.08 18.42
C PHE D 349 23.65 -2.04 17.54
N ASP D 350 23.82 -3.33 17.76
CA ASP D 350 23.12 -4.34 16.98
C ASP D 350 21.73 -4.49 17.54
N ARG D 351 20.86 -3.55 17.22
CA ARG D 351 19.46 -3.56 17.69
C ARG D 351 18.75 -4.83 17.25
N ALA D 352 19.01 -5.26 16.01
CA ALA D 352 18.36 -6.45 15.48
C ALA D 352 18.65 -7.67 16.35
N ARG D 353 19.91 -7.83 16.77
CA ARG D 353 20.25 -8.98 17.61
C ARG D 353 20.29 -8.64 19.08
N LYS D 354 19.68 -7.50 19.43
CA LYS D 354 19.61 -7.04 20.83
C LYS D 354 20.93 -7.19 21.61
N ARG D 355 21.99 -6.61 21.06
CA ARG D 355 23.31 -6.69 21.70
C ARG D 355 24.19 -5.51 21.32
N ILE D 356 25.19 -5.23 22.14
CA ILE D 356 26.11 -4.13 21.84
C ILE D 356 27.51 -4.70 21.70
N GLY D 357 28.17 -4.40 20.59
CA GLY D 357 29.51 -4.90 20.37
C GLY D 357 30.58 -3.86 20.63
N PHE D 358 31.73 -4.30 21.14
CA PHE D 358 32.85 -3.43 21.43
C PHE D 358 34.13 -3.98 20.79
N ALA D 359 34.89 -3.09 20.15
CA ALA D 359 36.18 -3.48 19.60
C ALA D 359 37.09 -2.26 19.80
N VAL D 360 38.39 -2.52 19.93
CA VAL D 360 39.37 -1.45 20.08
C VAL D 360 39.23 -0.51 18.87
N SER D 361 39.10 0.78 19.13
CA SER D 361 38.94 1.76 18.03
C SER D 361 40.20 2.06 17.28
N ALA D 362 40.11 2.05 15.95
CA ALA D 362 41.27 2.38 15.13
C ALA D 362 41.68 3.84 15.34
N CYS D 363 40.90 4.59 16.11
CA CYS D 363 41.26 5.98 16.35
C CYS D 363 41.38 6.35 17.82
N HIS D 364 41.50 5.36 18.72
CA HIS D 364 41.62 5.72 20.13
C HIS D 364 43.02 6.30 20.37
N VAL D 365 43.13 7.16 21.39
CA VAL D 365 44.39 7.80 21.76
C VAL D 365 45.15 6.90 22.75
N HIS D 366 46.45 6.73 22.50
CA HIS D 366 47.28 5.90 23.36
C HIS D 366 48.75 6.33 23.25
N ASP D 367 49.67 5.58 23.86
CA ASP D 367 51.09 5.91 23.79
C ASP D 367 51.81 4.64 23.33
N GLU D 368 53.13 4.65 23.28
CA GLU D 368 53.80 3.46 22.79
C GLU D 368 53.78 2.27 23.75
N PHE D 369 53.46 2.52 25.03
CA PHE D 369 53.48 1.43 25.99
C PHE D 369 52.17 0.72 26.30
N ARG D 370 51.04 1.38 26.04
CA ARG D 370 49.72 0.80 26.33
C ARG D 370 48.67 1.22 25.30
N THR D 371 47.68 0.37 25.09
CA THR D 371 46.57 0.71 24.19
C THR D 371 45.29 0.24 24.85
N ALA D 372 44.14 0.75 24.38
CA ALA D 372 42.87 0.32 24.91
C ALA D 372 42.80 -1.15 24.49
N ALA D 373 41.90 -1.90 25.11
CA ALA D 373 41.77 -3.31 24.77
C ALA D 373 40.37 -3.84 24.97
N VAL D 374 40.05 -4.91 24.26
CA VAL D 374 38.78 -5.60 24.40
C VAL D 374 39.23 -7.05 24.40
N GLU D 375 39.11 -7.70 25.55
CA GLU D 375 39.59 -9.06 25.73
C GLU D 375 38.62 -10.03 26.38
N GLY D 376 38.68 -11.28 25.92
CA GLY D 376 37.80 -12.29 26.48
C GLY D 376 38.19 -13.69 26.05
N PRO D 377 37.51 -14.73 26.56
CA PRO D 377 36.40 -14.61 27.51
C PRO D 377 36.87 -14.92 28.93
N PHE D 378 36.03 -14.62 29.90
CA PHE D 378 36.34 -14.92 31.30
C PHE D 378 35.19 -15.70 31.90
N VAL D 379 35.51 -16.78 32.59
CA VAL D 379 34.47 -17.57 33.24
C VAL D 379 33.96 -16.74 34.42
N THR D 380 32.71 -16.30 34.33
CA THR D 380 32.09 -15.49 35.39
C THR D 380 30.71 -16.09 35.73
N LEU D 381 30.42 -16.19 37.02
CA LEU D 381 29.15 -16.77 37.46
C LEU D 381 28.11 -15.75 37.95
N ASP D 382 26.86 -16.22 38.06
CA ASP D 382 25.74 -15.41 38.53
C ASP D 382 25.75 -13.96 38.06
N MET D 383 26.00 -13.77 36.76
CA MET D 383 26.03 -12.43 36.21
C MET D 383 24.64 -11.80 36.15
N GLU D 384 23.61 -12.63 35.97
CA GLU D 384 22.25 -12.11 35.91
C GLU D 384 21.98 -11.40 37.25
N ASP D 385 22.67 -11.84 38.30
CA ASP D 385 22.53 -11.25 39.63
C ASP D 385 23.10 -9.84 39.72
N CYS D 386 23.88 -9.44 38.74
CA CYS D 386 24.46 -8.10 38.76
C CYS D 386 23.44 -7.05 38.38
N GLY D 387 22.41 -7.48 37.65
CA GLY D 387 21.37 -6.56 37.24
C GLY D 387 20.58 -6.05 38.41
N TYR D 388 20.06 -4.83 38.29
CA TYR D 388 19.27 -4.22 39.35
C TYR D 388 17.80 -4.28 38.96
N ASN D 389 16.94 -4.42 39.95
CA ASN D 389 15.49 -4.48 39.73
C ASN D 389 14.77 -3.56 40.71
N LYS E 1 -12.31 4.34 1.11
CA LYS E 1 -11.68 3.10 0.54
C LYS E 1 -12.73 2.25 -0.20
N THR E 2 -12.38 0.99 -0.49
CA THR E 2 -13.29 0.06 -1.18
C THR E 2 -12.89 -1.42 -0.99
N GLU E 3 -11.73 -1.65 -0.37
CA GLU E 3 -11.20 -3.01 -0.12
C GLU E 3 -11.97 -3.78 0.96
N GLU E 4 -12.54 -4.93 0.59
CA GLU E 4 -13.29 -5.75 1.55
C GLU E 4 -13.47 -7.22 1.15
N ILE E 5 -13.42 -8.08 2.18
CA ILE E 5 -13.57 -9.52 2.04
C ILE E 5 -15.05 -9.92 2.14
N SER E 6 -15.49 -10.82 1.26
CA SER E 6 -16.89 -11.23 1.24
C SER E 6 -17.13 -12.70 1.62
N GLU E 7 -18.40 -13.08 1.74
CA GLU E 7 -18.78 -14.45 2.08
C GLU E 7 -20.24 -14.72 1.70
N VAL E 8 -20.51 -15.92 1.20
CA VAL E 8 -21.88 -16.30 0.82
C VAL E 8 -22.33 -17.54 1.62
N ASN E 9 -23.64 -17.61 1.89
CA ASN E 9 -24.26 -18.71 2.63
C ASN E 9 -25.69 -18.83 2.13
N VAL E 11 -30.31 -21.82 1.19
CA VAL E 11 -31.64 -21.44 1.68
C VAL E 11 -31.87 -22.07 3.07
N ALA E 12 -32.61 -21.36 3.93
CA ALA E 12 -32.89 -21.85 5.29
C ALA E 12 -34.02 -22.88 5.32
N GLU E 13 -33.84 -23.94 6.12
CA GLU E 13 -34.85 -25.01 6.27
C GLU E 13 -34.30 -26.35 6.80
N PHE E 14 -35.23 -27.21 7.24
CA PHE E 14 -34.95 -28.56 7.74
C PHE E 14 -36.31 -29.23 8.00
#